data_3Q0T
#
_entry.id   3Q0T
#
_cell.length_a   65.686
_cell.length_b   67.569
_cell.length_c   420.978
_cell.angle_alpha   90.000
_cell.angle_beta   90.000
_cell.angle_gamma   90.000
#
_symmetry.space_group_name_H-M   'P 21 21 21'
#
loop_
_entity.id
_entity.type
_entity.pdbx_description
1 polymer 'Dipeptidyl peptidase 4'
2 branched 2-acetamido-2-deoxy-beta-D-glucopyranose-(1-4)-2-acetamido-2-deoxy-beta-D-glucopyranose
3 non-polymer 2-acetamido-2-deoxy-beta-D-glucopyranose
4 non-polymer 'methyl [3-(aminomethyl)-4-(2,4-dichlorophenyl)-2-methyl-7-oxo-5,7-dihydro-6H-pyrrolo[3,4-b]pyridin-6-yl]acetate'
5 water water
#
_entity_poly.entity_id   1
_entity_poly.type   'polypeptide(L)'
_entity_poly.pdbx_seq_one_letter_code
;EFSRKTYTLTDYLKNTYRLKLYSLRWISDHEYLYKQENNILVFNAEYGNSSVFLENSTFDEFGHSINDYSISPDGQFILL
EYNYVKQWRHSYTASYDIYDLNKRQLITEERIPNNTQWVTWSPVGHKLAYVWNNDIYVKIEPNLPSYRITWTGKEDIIYN
GITDWVYEEEVFSAYSALWWSPNGTFLAYAQFNDTEVPLIEYSFYSDESLQYPKTVRVPYPKAGAVNPTVKFFVVNTDSL
SSVTNATSIQITAPASMLIGDHYLCDVTWATQERISLQWLRRIQNYSVMDICDYDESSGRWNCLVARQHIEMSTTGWVGR
FRPSEPHFTLDGNSFYKIISNEEGYRHICYFQIDKKDCTFITKGTWEVIGIEALTSDYLYYISNEYKGMPGGRNLYKIQL
SDYTKVTCLSCELNPERCQYYSVSFSKEAKYYQLRCSGPGLPLYTLHSSVNDKGLRVLEDNSALDKMLQNVQMPSKKLDF
IILNETKFWYQMILPPHFDKSKKYPLLLDVYAGPCSQKADTVFRLNWATYLASTENIIVASFDGRGSGYQGDKIMHAINR
RLGTFEVEDQIEAARQFSKMGFVDNKRIAIWGWSYGGYVTSMVLGSGSGVFKCGIAVAPVSRWEYYDSVYTERYMGLPTP
EDNLDHYRNSTVMSRAENFKQVEYLLIHGTADDNVHFQQSAQISKALVDVGVDFQAMWYTDEDHGIASSTAHQHIYTHMS
HFIKQCFSLPPLEQKLISEEDLNSAVDHHHHHH
;
_entity_poly.pdbx_strand_id   A,B
#
loop_
_chem_comp.id
_chem_comp.type
_chem_comp.name
_chem_comp.formula
LGE non-polymer 'methyl [3-(aminomethyl)-4-(2,4-dichlorophenyl)-2-methyl-7-oxo-5,7-dihydro-6H-pyrrolo[3,4-b]pyridin-6-yl]acetate' 'C18 H17 Cl2 N3 O3'
NAG D-saccharide, beta linking 2-acetamido-2-deoxy-beta-D-glucopyranose 'C8 H15 N O6'
#
# COMPACT_ATOMS: atom_id res chain seq x y z
N ARG A 4 -19.49 -10.63 39.40
CA ARG A 4 -20.14 -11.40 38.34
C ARG A 4 -19.54 -11.00 36.99
N LYS A 5 -19.49 -11.95 36.07
CA LYS A 5 -18.75 -11.75 34.82
C LYS A 5 -19.58 -11.25 33.65
N THR A 6 -18.87 -10.89 32.59
CA THR A 6 -19.48 -10.34 31.39
C THR A 6 -18.89 -11.06 30.18
N TYR A 7 -19.52 -10.87 29.02
CA TYR A 7 -18.96 -11.34 27.77
C TYR A 7 -17.85 -10.37 27.35
N THR A 8 -16.61 -10.85 27.42
CA THR A 8 -15.46 -9.97 27.25
C THR A 8 -14.88 -10.09 25.86
N LEU A 9 -14.01 -9.12 25.54
CA LEU A 9 -13.30 -9.11 24.27
C LEU A 9 -12.51 -10.41 24.05
N THR A 10 -11.80 -10.86 25.08
CA THR A 10 -11.12 -12.14 24.97
C THR A 10 -12.08 -13.30 24.69
N ASP A 11 -13.29 -13.25 25.24
CA ASP A 11 -14.29 -14.30 24.96
C ASP A 11 -14.62 -14.33 23.49
N TYR A 12 -15.00 -13.18 22.94
CA TYR A 12 -15.21 -13.02 21.50
C TYR A 12 -13.98 -13.48 20.69
N LEU A 13 -12.84 -12.86 20.93
CA LEU A 13 -11.67 -13.20 20.14
C LEU A 13 -11.25 -14.67 20.20
N LYS A 14 -11.46 -15.29 21.36
CA LYS A 14 -10.88 -16.60 21.65
C LYS A 14 -11.91 -17.72 21.67
N ASN A 15 -13.20 -17.35 21.59
CA ASN A 15 -14.26 -18.31 21.41
C ASN A 15 -14.56 -19.13 22.66
N THR A 16 -14.60 -18.46 23.81
CA THR A 16 -14.89 -19.13 25.08
C THR A 16 -16.24 -19.87 25.06
N TYR A 17 -17.25 -19.23 24.50
CA TYR A 17 -18.62 -19.75 24.47
C TYR A 17 -19.02 -20.09 23.05
N ARG A 18 -18.97 -21.38 22.72
CA ARG A 18 -19.16 -21.79 21.33
C ARG A 18 -20.58 -22.25 21.01
N LEU A 19 -21.10 -21.79 19.88
CA LEU A 19 -22.36 -22.26 19.33
C LEU A 19 -22.11 -23.62 18.75
N LYS A 20 -23.02 -24.55 19.00
CA LYS A 20 -22.97 -25.86 18.36
C LYS A 20 -23.88 -25.83 17.15
N LEU A 21 -23.60 -26.71 16.19
CA LEU A 21 -24.30 -26.75 14.92
C LEU A 21 -24.68 -28.19 14.62
N TYR A 22 -25.41 -28.39 13.53
CA TYR A 22 -25.69 -29.74 13.10
C TYR A 22 -25.76 -29.74 11.58
N SER A 23 -24.59 -29.89 10.97
CA SER A 23 -24.46 -29.86 9.53
C SER A 23 -24.50 -31.28 8.99
N LEU A 24 -25.51 -31.55 8.17
CA LEU A 24 -25.77 -32.91 7.68
C LEU A 24 -25.87 -32.85 6.17
N ARG A 25 -25.55 -33.96 5.51
CA ARG A 25 -25.58 -34.01 4.07
C ARG A 25 -26.56 -35.08 3.66
N TRP A 26 -27.73 -34.67 3.20
CA TRP A 26 -28.70 -35.64 2.75
C TRP A 26 -28.06 -36.45 1.61
N ILE A 27 -28.21 -37.78 1.65
CA ILE A 27 -27.61 -38.62 0.62
C ILE A 27 -28.65 -39.52 -0.07
N SER A 28 -29.91 -39.28 0.26
CA SER A 28 -31.03 -39.96 -0.38
C SER A 28 -32.30 -39.36 0.19
N ASP A 29 -33.43 -39.99 -0.10
CA ASP A 29 -34.72 -39.53 0.41
C ASP A 29 -34.91 -39.79 1.91
N HIS A 30 -33.99 -40.52 2.54
CA HIS A 30 -34.20 -40.85 3.95
C HIS A 30 -32.95 -41.07 4.80
N GLU A 31 -31.77 -40.80 4.25
CA GLU A 31 -30.55 -40.84 5.06
C GLU A 31 -29.70 -39.59 4.88
N TYR A 32 -28.95 -39.22 5.91
CA TYR A 32 -27.95 -38.16 5.78
C TYR A 32 -26.63 -38.58 6.40
N LEU A 33 -25.55 -37.91 5.99
CA LEU A 33 -24.24 -38.12 6.60
C LEU A 33 -24.01 -37.07 7.66
N TYR A 34 -23.17 -37.40 8.62
CA TYR A 34 -22.90 -36.49 9.73
C TYR A 34 -21.54 -36.80 10.33
N LYS A 35 -20.71 -35.77 10.52
CA LYS A 35 -19.36 -35.96 11.04
C LYS A 35 -19.35 -35.85 12.56
N GLN A 36 -18.68 -36.78 13.23
CA GLN A 36 -18.57 -36.77 14.70
C GLN A 36 -17.30 -37.48 15.15
N GLU A 37 -16.46 -36.78 15.93
CA GLU A 37 -15.11 -37.25 16.24
C GLU A 37 -14.48 -37.64 14.92
N ASN A 38 -14.79 -36.85 13.90
CA ASN A 38 -14.26 -37.11 12.58
C ASN A 38 -14.60 -38.50 12.07
N ASN A 39 -15.50 -39.19 12.76
CA ASN A 39 -16.16 -40.37 12.23
C ASN A 39 -17.32 -39.89 11.37
N ILE A 40 -17.35 -40.27 10.10
CA ILE A 40 -18.54 -39.97 9.34
C ILE A 40 -19.59 -41.04 9.57
N LEU A 41 -20.74 -40.60 10.06
CA LEU A 41 -21.84 -41.51 10.37
C LEU A 41 -22.95 -41.34 9.34
N VAL A 42 -23.69 -42.41 9.10
CA VAL A 42 -24.89 -42.30 8.30
C VAL A 42 -26.08 -42.51 9.22
N PHE A 43 -27.09 -41.64 9.07
CA PHE A 43 -28.29 -41.68 9.86
C PHE A 43 -29.52 -42.08 9.04
N ASN A 44 -30.51 -42.64 9.73
CA ASN A 44 -31.79 -42.98 9.14
C ASN A 44 -32.84 -42.00 9.64
N ALA A 45 -33.48 -41.28 8.73
CA ALA A 45 -34.30 -40.16 9.14
C ALA A 45 -35.51 -40.64 9.94
N GLU A 46 -36.19 -41.66 9.41
CA GLU A 46 -37.44 -42.15 9.97
C GLU A 46 -37.25 -42.63 11.40
N TYR A 47 -36.23 -43.45 11.61
CA TYR A 47 -36.09 -44.11 12.89
C TYR A 47 -35.03 -43.48 13.78
N GLY A 48 -34.11 -42.72 13.19
CA GLY A 48 -33.07 -42.02 13.93
C GLY A 48 -31.85 -42.88 14.26
N ASN A 49 -31.87 -44.15 13.87
CA ASN A 49 -30.72 -45.00 14.11
C ASN A 49 -29.54 -44.67 13.19
N SER A 50 -28.33 -44.91 13.68
CA SER A 50 -27.13 -44.59 12.94
C SER A 50 -26.07 -45.67 13.08
N SER A 51 -25.14 -45.71 12.13
CA SER A 51 -23.94 -46.55 12.17
C SER A 51 -22.77 -45.76 11.63
N VAL A 52 -21.56 -46.25 11.86
CA VAL A 52 -20.39 -45.52 11.42
C VAL A 52 -20.11 -45.79 9.95
N PHE A 53 -20.26 -44.75 9.13
CA PHE A 53 -20.02 -44.88 7.70
C PHE A 53 -18.53 -44.85 7.34
N LEU A 54 -17.76 -44.06 8.07
CA LEU A 54 -16.32 -43.99 7.88
C LEU A 54 -15.61 -43.69 9.19
N GLU A 55 -14.71 -44.59 9.58
CA GLU A 55 -14.01 -44.47 10.87
C GLU A 55 -12.92 -43.39 10.81
N ASN A 56 -12.87 -42.57 11.86
CA ASN A 56 -11.89 -41.49 11.95
C ASN A 56 -10.47 -41.97 11.69
N SER A 57 -10.25 -43.27 11.80
CA SER A 57 -8.90 -43.84 11.72
C SER A 57 -8.47 -44.20 10.29
N THR A 58 -9.42 -44.40 9.39
CA THR A 58 -9.13 -44.88 8.04
C THR A 58 -7.92 -44.27 7.34
N PHE A 59 -7.71 -42.97 7.50
CA PHE A 59 -6.63 -42.31 6.77
C PHE A 59 -5.52 -41.76 7.64
N ASP A 60 -5.27 -42.44 8.76
CA ASP A 60 -4.19 -42.02 9.64
C ASP A 60 -2.85 -42.10 8.93
N GLU A 61 -2.76 -42.98 7.93
CA GLU A 61 -1.51 -43.18 7.20
C GLU A 61 -1.55 -42.48 5.84
N PHE A 62 -2.28 -41.39 5.76
CA PHE A 62 -2.49 -40.72 4.48
C PHE A 62 -1.33 -39.81 4.10
N GLY A 63 -0.66 -39.26 5.11
CA GLY A 63 0.51 -38.42 4.86
C GLY A 63 0.10 -37.09 4.28
N HIS A 64 -1.15 -36.71 4.53
CA HIS A 64 -1.69 -35.41 4.16
C HIS A 64 -2.86 -35.06 5.07
N SER A 65 -2.83 -33.85 5.61
CA SER A 65 -3.96 -33.31 6.35
C SER A 65 -5.16 -33.20 5.40
N ILE A 66 -6.29 -33.83 5.75
CA ILE A 66 -7.45 -33.84 4.84
C ILE A 66 -8.46 -32.71 5.05
N ASN A 67 -8.56 -31.84 4.04
CA ASN A 67 -9.37 -30.63 4.09
C ASN A 67 -10.89 -30.87 4.05
N ASP A 68 -11.32 -31.81 3.22
CA ASP A 68 -12.73 -32.11 3.12
C ASP A 68 -12.93 -33.34 2.25
N TYR A 69 -14.16 -33.82 2.19
CA TYR A 69 -14.44 -35.13 1.60
C TYR A 69 -15.71 -35.04 0.78
N SER A 70 -15.82 -35.89 -0.23
CA SER A 70 -17.04 -35.91 -1.01
C SER A 70 -17.38 -37.33 -1.46
N ILE A 71 -18.46 -37.86 -0.89
CA ILE A 71 -18.91 -39.20 -1.24
C ILE A 71 -19.67 -39.13 -2.54
N SER A 72 -19.48 -40.13 -3.40
CA SER A 72 -20.23 -40.17 -4.65
C SER A 72 -21.69 -40.46 -4.36
N PRO A 73 -22.57 -40.14 -5.30
CA PRO A 73 -24.01 -40.34 -5.13
C PRO A 73 -24.38 -41.79 -4.82
N ASP A 74 -23.57 -42.73 -5.32
CA ASP A 74 -23.88 -44.14 -5.21
C ASP A 74 -23.07 -44.85 -4.14
N GLY A 75 -22.49 -44.08 -3.23
CA GLY A 75 -21.76 -44.64 -2.09
C GLY A 75 -20.45 -45.33 -2.41
N GLN A 76 -20.20 -45.63 -3.68
CA GLN A 76 -19.05 -46.44 -4.06
C GLN A 76 -17.67 -45.82 -3.82
N PHE A 77 -17.59 -44.50 -3.81
CA PHE A 77 -16.30 -43.79 -3.78
C PHE A 77 -16.36 -42.50 -2.95
N ILE A 78 -15.22 -42.11 -2.42
CA ILE A 78 -15.14 -40.86 -1.71
C ILE A 78 -13.93 -40.04 -2.18
N LEU A 79 -14.17 -38.75 -2.39
CA LEU A 79 -13.14 -37.82 -2.81
C LEU A 79 -12.47 -37.16 -1.61
N LEU A 80 -11.14 -37.28 -1.54
CA LEU A 80 -10.37 -36.63 -0.48
C LEU A 80 -9.72 -35.34 -0.98
N GLU A 81 -10.05 -34.22 -0.33
CA GLU A 81 -9.52 -32.92 -0.72
C GLU A 81 -8.41 -32.54 0.24
N TYR A 82 -7.20 -32.37 -0.29
CA TYR A 82 -6.07 -31.90 0.50
C TYR A 82 -5.23 -30.88 -0.27
N ASN A 83 -4.17 -30.40 0.37
CA ASN A 83 -3.34 -29.35 -0.22
C ASN A 83 -4.16 -28.12 -0.59
N TYR A 84 -5.19 -27.84 0.20
CA TYR A 84 -6.13 -26.76 -0.10
C TYR A 84 -5.50 -25.38 -0.02
N VAL A 85 -5.58 -24.64 -1.12
CA VAL A 85 -5.13 -23.23 -1.12
C VAL A 85 -6.22 -22.29 -1.58
N LYS A 86 -6.62 -21.40 -0.68
CA LYS A 86 -7.72 -20.48 -0.97
C LYS A 86 -7.34 -19.36 -1.95
N GLN A 87 -8.23 -19.11 -2.91
CA GLN A 87 -8.12 -17.93 -3.76
C GLN A 87 -9.13 -16.86 -3.33
N TRP A 88 -10.27 -16.74 -4.04
CA TRP A 88 -11.17 -15.62 -3.78
C TRP A 88 -12.24 -16.02 -2.77
N ARG A 89 -13.41 -15.41 -2.79
CA ARG A 89 -14.44 -15.77 -1.81
C ARG A 89 -14.84 -17.26 -1.87
N HIS A 90 -14.84 -17.85 -3.07
CA HIS A 90 -15.26 -19.24 -3.25
C HIS A 90 -14.17 -20.11 -3.88
N SER A 91 -13.42 -19.55 -4.80
CA SER A 91 -12.40 -20.29 -5.55
C SER A 91 -11.26 -20.81 -4.67
N TYR A 92 -10.65 -21.90 -5.09
CA TYR A 92 -9.43 -22.39 -4.46
C TYR A 92 -8.79 -23.47 -5.32
N THR A 93 -7.61 -23.94 -4.93
CA THR A 93 -7.04 -25.13 -5.55
C THR A 93 -6.80 -26.19 -4.50
N ALA A 94 -6.63 -27.41 -4.94
CA ALA A 94 -6.38 -28.51 -4.02
C ALA A 94 -5.86 -29.69 -4.81
N SER A 95 -5.31 -30.66 -4.07
CA SER A 95 -4.98 -31.96 -4.64
C SER A 95 -6.11 -32.87 -4.27
N TYR A 96 -6.32 -33.90 -5.08
CA TYR A 96 -7.40 -34.86 -4.83
C TYR A 96 -6.95 -36.30 -4.92
N ASP A 97 -7.64 -37.14 -4.16
CA ASP A 97 -7.46 -38.59 -4.22
C ASP A 97 -8.81 -39.29 -4.12
N ILE A 98 -8.92 -40.45 -4.75
CA ILE A 98 -10.16 -41.21 -4.74
C ILE A 98 -9.97 -42.53 -3.99
N TYR A 99 -10.85 -42.81 -3.04
CA TYR A 99 -10.75 -44.02 -2.23
C TYR A 99 -11.93 -44.92 -2.54
N ASP A 100 -11.64 -46.14 -3.01
CA ASP A 100 -12.68 -47.12 -3.31
C ASP A 100 -13.21 -47.71 -2.02
N LEU A 101 -14.51 -47.53 -1.78
CA LEU A 101 -15.12 -47.94 -0.52
C LEU A 101 -15.34 -49.44 -0.44
N ASN A 102 -15.78 -50.04 -1.55
CA ASN A 102 -15.98 -51.48 -1.59
C ASN A 102 -14.67 -52.23 -1.44
N LYS A 103 -13.66 -51.82 -2.22
CA LYS A 103 -12.35 -52.47 -2.18
C LYS A 103 -11.52 -52.00 -0.99
N ARG A 104 -12.06 -51.06 -0.23
CA ARG A 104 -11.30 -50.41 0.84
C ARG A 104 -9.89 -49.96 0.40
N GLN A 105 -9.81 -49.20 -0.70
CA GLN A 105 -8.50 -48.89 -1.30
C GLN A 105 -8.35 -47.50 -1.94
N LEU A 106 -7.19 -46.89 -1.74
CA LEU A 106 -6.81 -45.70 -2.49
C LEU A 106 -6.60 -46.06 -3.95
N ILE A 107 -7.07 -45.21 -4.85
CA ILE A 107 -6.86 -45.42 -6.27
C ILE A 107 -5.60 -44.67 -6.73
N THR A 108 -4.67 -45.40 -7.34
CA THR A 108 -3.43 -44.80 -7.78
C THR A 108 -3.30 -44.78 -9.29
N GLU A 109 -4.38 -45.12 -9.98
CA GLU A 109 -4.40 -45.09 -11.45
C GLU A 109 -5.13 -43.85 -11.97
N GLU A 110 -4.54 -43.21 -12.99
CA GLU A 110 -5.14 -42.03 -13.61
C GLU A 110 -5.67 -41.02 -12.60
N ARG A 111 -4.84 -40.64 -11.64
CA ARG A 111 -5.24 -39.76 -10.56
C ARG A 111 -5.62 -38.37 -11.02
N ILE A 112 -6.38 -37.67 -10.19
CA ILE A 112 -6.68 -36.28 -10.47
C ILE A 112 -5.44 -35.43 -10.17
N PRO A 113 -5.08 -34.51 -11.08
CA PRO A 113 -3.87 -33.69 -10.95
C PRO A 113 -3.90 -32.75 -9.76
N ASN A 114 -2.73 -32.48 -9.20
CA ASN A 114 -2.60 -31.40 -8.24
C ASN A 114 -3.04 -30.09 -8.89
N ASN A 115 -3.36 -29.10 -8.06
CA ASN A 115 -3.75 -27.78 -8.55
C ASN A 115 -5.07 -27.78 -9.32
N THR A 116 -5.92 -28.78 -9.07
CA THR A 116 -7.24 -28.79 -9.66
C THR A 116 -8.01 -27.60 -9.10
N GLN A 117 -8.83 -27.01 -9.96
CA GLN A 117 -9.56 -25.79 -9.62
C GLN A 117 -11.00 -26.10 -9.24
N TRP A 118 -11.47 -27.28 -9.63
CA TRP A 118 -12.82 -27.66 -9.32
C TRP A 118 -13.03 -29.13 -9.64
N VAL A 119 -13.85 -29.80 -8.83
CA VAL A 119 -14.19 -31.22 -9.00
C VAL A 119 -15.64 -31.44 -8.62
N THR A 120 -16.33 -32.32 -9.34
CA THR A 120 -17.74 -32.57 -9.05
C THR A 120 -18.19 -33.95 -9.56
N TRP A 121 -18.79 -34.73 -8.66
CA TRP A 121 -19.42 -36.00 -9.05
C TRP A 121 -20.57 -35.70 -10.00
N SER A 122 -20.92 -36.66 -10.83
CA SER A 122 -22.19 -36.60 -11.55
C SER A 122 -23.27 -36.65 -10.47
N PRO A 123 -24.52 -36.36 -10.82
CA PRO A 123 -25.55 -36.27 -9.77
C PRO A 123 -26.06 -37.66 -9.37
N VAL A 124 -25.95 -38.63 -10.29
CA VAL A 124 -26.07 -40.03 -9.92
C VAL A 124 -24.80 -40.71 -10.36
N GLY A 125 -24.62 -41.94 -9.89
CA GLY A 125 -23.49 -42.73 -10.32
C GLY A 125 -22.23 -42.20 -9.69
N HIS A 126 -21.11 -42.38 -10.38
CA HIS A 126 -19.81 -42.02 -9.83
C HIS A 126 -18.86 -41.40 -10.86
N LYS A 127 -19.43 -40.68 -11.85
CA LYS A 127 -18.62 -39.93 -12.82
C LYS A 127 -17.99 -38.67 -12.20
N LEU A 128 -16.85 -38.27 -12.76
CA LEU A 128 -16.18 -37.04 -12.35
C LEU A 128 -16.03 -36.04 -13.47
N ALA A 129 -16.20 -34.77 -13.12
CA ALA A 129 -15.82 -33.67 -13.99
C ALA A 129 -14.91 -32.80 -13.17
N TYR A 130 -13.82 -32.33 -13.77
CA TYR A 130 -12.91 -31.44 -13.07
C TYR A 130 -12.27 -30.40 -13.98
N VAL A 131 -11.73 -29.36 -13.37
CA VAL A 131 -11.10 -28.30 -14.12
C VAL A 131 -9.64 -28.19 -13.70
N TRP A 132 -8.76 -28.12 -14.69
CA TRP A 132 -7.33 -28.01 -14.44
C TRP A 132 -6.64 -27.20 -15.54
N ASN A 133 -5.91 -26.17 -15.12
CA ASN A 133 -5.36 -25.19 -16.05
C ASN A 133 -6.46 -24.63 -16.93
N ASN A 134 -7.60 -24.34 -16.32
CA ASN A 134 -8.71 -23.70 -17.03
C ASN A 134 -9.39 -24.55 -18.10
N ASP A 135 -9.12 -25.85 -18.09
CA ASP A 135 -9.74 -26.77 -19.03
C ASP A 135 -10.54 -27.88 -18.31
N ILE A 136 -11.52 -28.42 -19.00
CA ILE A 136 -12.45 -29.37 -18.38
C ILE A 136 -12.10 -30.79 -18.77
N TYR A 137 -11.94 -31.64 -17.78
CA TYR A 137 -11.71 -33.05 -18.02
C TYR A 137 -12.87 -33.85 -17.43
N VAL A 138 -13.11 -35.04 -18.00
CA VAL A 138 -14.15 -35.94 -17.49
C VAL A 138 -13.62 -37.35 -17.30
N LYS A 139 -13.73 -37.88 -16.08
CA LYS A 139 -13.42 -39.27 -15.82
C LYS A 139 -14.74 -40.05 -15.72
N ILE A 140 -14.91 -41.08 -16.54
CA ILE A 140 -16.14 -41.87 -16.47
C ILE A 140 -16.03 -42.80 -15.26
N GLU A 141 -14.87 -43.41 -15.10
CA GLU A 141 -14.61 -44.24 -13.93
C GLU A 141 -13.31 -43.77 -13.32
N PRO A 142 -13.25 -43.74 -11.99
CA PRO A 142 -12.11 -43.25 -11.19
C PRO A 142 -10.72 -43.74 -11.64
N ASN A 143 -10.59 -45.00 -12.01
CA ASN A 143 -9.27 -45.56 -12.34
C ASN A 143 -8.95 -45.51 -13.84
N LEU A 144 -9.72 -44.71 -14.58
CA LEU A 144 -9.53 -44.62 -16.03
C LEU A 144 -9.06 -43.25 -16.50
N PRO A 145 -8.28 -43.24 -17.59
CA PRO A 145 -7.80 -41.98 -18.18
C PRO A 145 -8.99 -41.06 -18.42
N SER A 146 -8.81 -39.77 -18.13
CA SER A 146 -9.90 -38.85 -18.34
C SER A 146 -9.89 -38.31 -19.77
N TYR A 147 -11.03 -37.79 -20.20
CA TYR A 147 -11.17 -37.22 -21.53
C TYR A 147 -11.12 -35.70 -21.40
N ARG A 148 -10.30 -35.06 -22.23
CA ARG A 148 -10.22 -33.62 -22.21
C ARG A 148 -11.35 -33.07 -23.07
N ILE A 149 -12.10 -32.13 -22.52
CA ILE A 149 -13.28 -31.58 -23.18
C ILE A 149 -13.01 -30.25 -23.89
N THR A 150 -12.10 -29.46 -23.31
CA THR A 150 -11.74 -28.15 -23.85
C THR A 150 -10.23 -27.98 -23.95
N TRP A 151 -9.79 -27.17 -24.90
CA TRP A 151 -8.35 -26.97 -25.11
C TRP A 151 -7.95 -25.51 -25.05
N THR A 152 -8.93 -24.62 -24.97
CA THR A 152 -8.70 -23.17 -25.07
C THR A 152 -8.26 -22.52 -23.75
N GLY A 153 -8.30 -23.28 -22.67
CA GLY A 153 -8.03 -22.73 -21.36
C GLY A 153 -6.69 -22.05 -21.30
N LYS A 154 -6.64 -20.95 -20.55
CA LYS A 154 -5.45 -20.10 -20.49
C LYS A 154 -5.56 -19.15 -19.30
N GLU A 155 -4.60 -19.23 -18.40
CA GLU A 155 -4.64 -18.46 -17.17
C GLU A 155 -4.99 -16.99 -17.41
N ASP A 156 -5.87 -16.45 -16.57
CA ASP A 156 -6.32 -15.06 -16.65
C ASP A 156 -7.05 -14.64 -17.95
N ILE A 157 -7.06 -15.48 -18.97
CA ILE A 157 -7.73 -15.09 -20.22
C ILE A 157 -8.96 -15.92 -20.57
N ILE A 158 -8.80 -17.24 -20.65
CA ILE A 158 -9.91 -18.12 -20.99
C ILE A 158 -10.24 -19.11 -19.88
N TYR A 159 -11.45 -18.99 -19.34
CA TYR A 159 -11.94 -19.83 -18.26
C TYR A 159 -12.96 -20.87 -18.76
N ASN A 160 -12.61 -22.15 -18.81
CA ASN A 160 -13.60 -23.19 -19.12
C ASN A 160 -14.09 -23.95 -17.88
N GLY A 161 -15.36 -23.79 -17.55
CA GLY A 161 -15.95 -24.54 -16.46
C GLY A 161 -15.72 -23.94 -15.09
N ILE A 162 -15.13 -22.75 -15.06
CA ILE A 162 -14.98 -22.01 -13.82
C ILE A 162 -15.23 -20.53 -14.09
N THR A 163 -15.42 -19.74 -13.05
CA THR A 163 -15.70 -18.32 -13.24
C THR A 163 -14.47 -17.42 -13.15
N ASP A 164 -14.51 -16.29 -13.86
CA ASP A 164 -13.51 -15.24 -13.66
C ASP A 164 -13.89 -14.53 -12.35
N TRP A 165 -13.10 -13.54 -11.94
CA TRP A 165 -13.31 -12.92 -10.64
C TRP A 165 -14.73 -12.41 -10.43
N VAL A 166 -15.24 -11.69 -11.41
CA VAL A 166 -16.48 -10.97 -11.25
C VAL A 166 -17.68 -11.91 -11.35
N TYR A 167 -17.51 -13.00 -12.09
CA TYR A 167 -18.56 -14.01 -12.17
C TYR A 167 -18.61 -14.80 -10.86
N GLU A 168 -17.45 -15.14 -10.33
CA GLU A 168 -17.40 -15.81 -9.04
C GLU A 168 -18.08 -14.98 -7.96
N GLU A 169 -17.73 -13.70 -7.86
CA GLU A 169 -18.24 -12.87 -6.77
C GLU A 169 -19.66 -12.40 -6.93
N GLU A 170 -19.99 -11.86 -8.10
CA GLU A 170 -21.24 -11.14 -8.28
C GLU A 170 -22.37 -11.92 -8.98
N VAL A 171 -22.05 -13.03 -9.65
CA VAL A 171 -23.06 -13.64 -10.51
C VAL A 171 -23.48 -15.03 -10.06
N PHE A 172 -22.55 -15.97 -10.06
CA PHE A 172 -22.85 -17.31 -9.53
C PHE A 172 -22.62 -17.50 -8.04
N SER A 173 -21.81 -16.67 -7.40
CA SER A 173 -21.47 -16.93 -6.00
C SER A 173 -20.80 -18.30 -5.89
N ALA A 174 -19.97 -18.62 -6.86
CA ALA A 174 -19.28 -19.91 -6.89
C ALA A 174 -18.11 -19.85 -7.86
N TYR A 175 -17.16 -20.76 -7.68
CA TYR A 175 -16.09 -20.97 -8.62
C TYR A 175 -16.60 -21.84 -9.77
N SER A 176 -17.44 -22.81 -9.44
CA SER A 176 -17.96 -23.72 -10.45
C SER A 176 -18.72 -23.05 -11.59
N ALA A 177 -18.56 -23.58 -12.79
CA ALA A 177 -19.34 -23.14 -13.94
C ALA A 177 -19.67 -24.34 -14.81
N LEU A 178 -19.97 -25.45 -14.14
CA LEU A 178 -20.34 -26.71 -14.77
C LEU A 178 -21.69 -27.18 -14.21
N TRP A 179 -22.52 -27.76 -15.06
CA TRP A 179 -23.82 -28.25 -14.61
C TRP A 179 -24.19 -29.57 -15.26
N TRP A 180 -24.08 -30.66 -14.48
CA TRP A 180 -24.53 -31.96 -14.95
C TRP A 180 -26.04 -31.93 -15.15
N SER A 181 -26.53 -32.69 -16.12
CA SER A 181 -27.95 -32.96 -16.25
C SER A 181 -28.32 -34.02 -15.20
N PRO A 182 -29.59 -34.03 -14.75
CA PRO A 182 -30.00 -34.94 -13.66
C PRO A 182 -29.44 -36.34 -13.84
N ASN A 183 -29.51 -36.83 -15.08
CA ASN A 183 -28.96 -38.13 -15.49
C ASN A 183 -27.48 -38.36 -15.23
N GLY A 184 -26.67 -37.33 -15.42
CA GLY A 184 -25.24 -37.50 -15.55
C GLY A 184 -24.87 -37.81 -17.00
N THR A 185 -25.72 -37.39 -17.93
CA THR A 185 -25.51 -37.71 -19.33
C THR A 185 -24.88 -36.52 -20.06
N PHE A 186 -25.42 -35.34 -19.80
CA PHE A 186 -24.85 -34.12 -20.33
C PHE A 186 -24.06 -33.37 -19.25
N LEU A 187 -22.98 -32.74 -19.68
CA LEU A 187 -22.29 -31.74 -18.87
C LEU A 187 -22.39 -30.40 -19.57
N ALA A 188 -23.10 -29.47 -18.96
CA ALA A 188 -23.26 -28.14 -19.54
C ALA A 188 -22.24 -27.22 -18.89
N TYR A 189 -21.69 -26.27 -19.65
CA TYR A 189 -20.67 -25.41 -19.08
C TYR A 189 -20.52 -24.05 -19.72
N ALA A 190 -19.98 -23.12 -18.94
CA ALA A 190 -19.79 -21.76 -19.39
C ALA A 190 -18.33 -21.48 -19.66
N GLN A 191 -18.08 -20.54 -20.57
CA GLN A 191 -16.71 -20.14 -20.90
C GLN A 191 -16.62 -18.63 -20.84
N PHE A 192 -15.66 -18.13 -20.07
CA PHE A 192 -15.52 -16.69 -19.91
C PHE A 192 -14.24 -16.24 -20.60
N ASN A 193 -14.33 -15.08 -21.26
CA ASN A 193 -13.24 -14.52 -22.03
C ASN A 193 -12.90 -13.16 -21.45
N ASP A 194 -11.76 -13.06 -20.79
CA ASP A 194 -11.38 -11.86 -20.06
C ASP A 194 -10.29 -11.06 -20.78
N THR A 195 -10.12 -11.37 -22.07
CA THR A 195 -9.03 -10.85 -22.88
C THR A 195 -8.84 -9.33 -22.76
N GLU A 196 -9.92 -8.57 -22.78
CA GLU A 196 -9.77 -7.12 -22.72
C GLU A 196 -10.27 -6.54 -21.41
N VAL A 197 -10.43 -7.41 -20.41
CA VAL A 197 -10.72 -6.91 -19.08
C VAL A 197 -9.42 -6.37 -18.47
N PRO A 198 -9.45 -5.12 -18.00
CA PRO A 198 -8.28 -4.48 -17.39
C PRO A 198 -7.88 -5.21 -16.12
N LEU A 199 -6.65 -5.02 -15.68
CA LEU A 199 -6.17 -5.70 -14.48
C LEU A 199 -6.15 -4.76 -13.30
N ILE A 200 -6.64 -5.21 -12.15
CA ILE A 200 -6.32 -4.52 -10.92
C ILE A 200 -4.95 -5.05 -10.49
N GLU A 201 -4.14 -4.17 -9.93
CA GLU A 201 -2.76 -4.50 -9.59
C GLU A 201 -2.46 -3.98 -8.20
N TYR A 202 -1.87 -4.83 -7.40
CA TYR A 202 -1.46 -4.41 -6.07
C TYR A 202 -0.30 -5.26 -5.64
N SER A 203 0.42 -4.79 -4.64
CA SER A 203 1.57 -5.50 -4.12
C SER A 203 1.18 -6.58 -3.10
N PHE A 204 1.90 -7.69 -3.11
CA PHE A 204 1.77 -8.67 -2.06
C PHE A 204 3.18 -8.89 -1.48
N TYR A 205 3.33 -8.59 -0.20
CA TYR A 205 4.63 -8.57 0.45
C TYR A 205 5.15 -9.95 0.88
N SER A 206 4.24 -10.83 1.28
CA SER A 206 4.57 -12.21 1.71
C SER A 206 5.42 -12.27 2.97
N ASP A 207 6.16 -13.38 3.12
CA ASP A 207 7.05 -13.58 4.26
C ASP A 207 8.28 -12.69 4.16
N GLU A 208 8.87 -12.35 5.30
CA GLU A 208 10.01 -11.43 5.34
C GLU A 208 11.04 -11.79 4.29
N SER A 209 11.40 -13.08 4.27
CA SER A 209 12.42 -13.61 3.40
C SER A 209 12.29 -13.24 1.92
N LEU A 210 11.09 -12.86 1.49
CA LEU A 210 10.91 -12.44 0.10
C LEU A 210 11.51 -11.06 -0.05
N GLN A 211 12.56 -10.96 -0.87
CA GLN A 211 13.27 -9.69 -1.05
C GLN A 211 12.46 -8.64 -1.83
N TYR A 212 11.93 -9.02 -2.99
CA TYR A 212 11.12 -8.10 -3.79
C TYR A 212 9.65 -8.44 -3.72
N PRO A 213 8.81 -7.44 -3.37
CA PRO A 213 7.38 -7.68 -3.26
C PRO A 213 6.82 -8.18 -4.59
N LYS A 214 5.77 -9.01 -4.50
CA LYS A 214 5.07 -9.54 -5.66
C LYS A 214 3.99 -8.55 -6.08
N THR A 215 3.75 -8.45 -7.38
CA THR A 215 2.61 -7.68 -7.85
C THR A 215 1.54 -8.67 -8.29
N VAL A 216 0.33 -8.54 -7.73
CA VAL A 216 -0.77 -9.42 -8.14
C VAL A 216 -1.57 -8.70 -9.22
N ARG A 217 -2.03 -9.45 -10.21
CA ARG A 217 -2.78 -8.86 -11.33
C ARG A 217 -4.02 -9.68 -11.61
N VAL A 218 -5.18 -9.06 -11.45
CA VAL A 218 -6.42 -9.79 -11.50
C VAL A 218 -7.39 -9.15 -12.48
N PRO A 219 -7.79 -9.88 -13.52
CA PRO A 219 -8.78 -9.31 -14.44
C PRO A 219 -10.00 -8.91 -13.64
N TYR A 220 -10.37 -7.64 -13.67
CA TYR A 220 -11.41 -7.14 -12.77
C TYR A 220 -12.07 -5.93 -13.42
N PRO A 221 -13.30 -6.08 -13.93
CA PRO A 221 -13.92 -4.92 -14.57
C PRO A 221 -14.46 -3.94 -13.55
N LYS A 222 -13.89 -2.75 -13.53
CA LYS A 222 -14.46 -1.68 -12.72
C LYS A 222 -15.71 -1.10 -13.41
N ALA A 223 -16.47 -0.29 -12.69
CA ALA A 223 -17.69 0.26 -13.26
C ALA A 223 -17.40 0.89 -14.62
N GLY A 224 -18.14 0.46 -15.64
CA GLY A 224 -18.03 1.05 -16.96
C GLY A 224 -16.95 0.44 -17.83
N ALA A 225 -16.15 -0.48 -17.27
CA ALA A 225 -15.00 -1.01 -17.99
C ALA A 225 -15.40 -2.15 -18.89
N VAL A 226 -14.45 -2.67 -19.65
CA VAL A 226 -14.76 -3.78 -20.54
C VAL A 226 -15.04 -5.02 -19.70
N ASN A 227 -16.19 -5.65 -19.93
CA ASN A 227 -16.60 -6.86 -19.19
C ASN A 227 -16.11 -8.11 -19.90
N PRO A 228 -16.00 -9.23 -19.15
CA PRO A 228 -15.72 -10.49 -19.81
C PRO A 228 -16.91 -10.85 -20.68
N THR A 229 -16.72 -11.76 -21.63
CA THR A 229 -17.81 -12.25 -22.45
C THR A 229 -17.99 -13.72 -22.11
N VAL A 230 -19.12 -14.31 -22.51
CA VAL A 230 -19.46 -15.65 -22.07
C VAL A 230 -20.09 -16.50 -23.16
N LYS A 231 -19.72 -17.77 -23.18
CA LYS A 231 -20.37 -18.75 -24.05
C LYS A 231 -20.90 -19.92 -23.24
N PHE A 232 -21.88 -20.61 -23.79
CA PHE A 232 -22.48 -21.75 -23.11
C PHE A 232 -22.47 -22.99 -23.99
N PHE A 233 -21.99 -24.10 -23.42
CA PHE A 233 -21.82 -25.33 -24.17
C PHE A 233 -22.46 -26.50 -23.46
N VAL A 234 -22.81 -27.52 -24.20
CA VAL A 234 -23.31 -28.77 -23.61
C VAL A 234 -22.68 -29.98 -24.28
N VAL A 235 -22.08 -30.85 -23.47
CA VAL A 235 -21.42 -32.03 -24.00
C VAL A 235 -22.12 -33.32 -23.60
N ASN A 236 -22.14 -34.28 -24.52
CA ASN A 236 -22.73 -35.59 -24.28
C ASN A 236 -21.71 -36.54 -23.66
N THR A 237 -21.88 -36.85 -22.38
CA THR A 237 -20.87 -37.62 -21.66
C THR A 237 -20.86 -39.12 -21.99
N ASP A 238 -21.96 -39.61 -22.52
CA ASP A 238 -22.06 -41.02 -22.86
C ASP A 238 -21.22 -41.35 -24.10
N SER A 239 -21.18 -40.42 -25.05
CA SER A 239 -20.50 -40.66 -26.33
C SER A 239 -19.11 -40.05 -26.41
N LEU A 240 -18.28 -40.28 -25.40
CA LEU A 240 -16.93 -39.74 -25.40
C LEU A 240 -15.92 -40.72 -25.99
N SER A 241 -15.30 -40.34 -27.10
CA SER A 241 -14.33 -41.19 -27.77
C SER A 241 -12.99 -41.15 -27.05
N SER A 242 -12.17 -42.19 -27.24
CA SER A 242 -10.77 -42.12 -26.81
C SER A 242 -9.89 -41.63 -27.96
N VAL A 243 -10.41 -41.71 -29.18
CA VAL A 243 -9.74 -41.24 -30.38
C VAL A 243 -10.11 -39.80 -30.70
N THR A 244 -11.40 -39.57 -30.94
CA THR A 244 -11.93 -38.26 -31.30
C THR A 244 -12.09 -37.33 -30.10
N ASN A 245 -11.93 -36.03 -30.33
CA ASN A 245 -12.19 -35.05 -29.28
C ASN A 245 -13.68 -34.94 -28.99
N ALA A 246 -13.97 -34.45 -27.79
CA ALA A 246 -15.34 -34.24 -27.35
C ALA A 246 -15.99 -33.12 -28.14
N THR A 247 -17.14 -33.42 -28.72
CA THR A 247 -17.86 -32.44 -29.50
C THR A 247 -18.80 -31.63 -28.61
N SER A 248 -18.39 -30.43 -28.23
CA SER A 248 -19.20 -29.56 -27.40
C SER A 248 -20.24 -28.79 -28.21
N ILE A 249 -21.51 -28.88 -27.84
CA ILE A 249 -22.53 -28.15 -28.57
C ILE A 249 -22.85 -26.84 -27.89
N GLN A 250 -22.79 -25.77 -28.66
CA GLN A 250 -22.98 -24.42 -28.15
C GLN A 250 -24.43 -23.99 -28.22
N ILE A 251 -24.89 -23.29 -27.20
CA ILE A 251 -26.20 -22.67 -27.22
C ILE A 251 -25.96 -21.18 -27.13
N THR A 252 -26.49 -20.43 -28.09
CA THR A 252 -26.19 -19.00 -28.15
C THR A 252 -27.27 -18.21 -27.44
N ALA A 253 -26.89 -17.06 -26.88
CA ALA A 253 -27.83 -16.25 -26.14
C ALA A 253 -28.87 -15.72 -27.10
N PRO A 254 -30.05 -15.40 -26.58
CA PRO A 254 -31.11 -14.84 -27.44
C PRO A 254 -30.54 -13.67 -28.20
N ALA A 255 -31.11 -13.36 -29.36
CA ALA A 255 -30.60 -12.22 -30.11
C ALA A 255 -30.81 -10.91 -29.36
N SER A 256 -31.86 -10.84 -28.54
CA SER A 256 -32.13 -9.63 -27.76
C SER A 256 -31.03 -9.36 -26.74
N MET A 257 -30.20 -10.36 -26.48
CA MET A 257 -29.04 -10.20 -25.62
C MET A 257 -27.79 -9.96 -26.47
N LEU A 258 -27.69 -10.63 -27.61
CA LEU A 258 -26.51 -10.48 -28.46
C LEU A 258 -26.29 -9.05 -28.94
N ILE A 259 -27.35 -8.25 -28.98
CA ILE A 259 -27.20 -6.87 -29.45
C ILE A 259 -26.13 -6.09 -28.70
N GLY A 260 -25.82 -6.50 -27.47
CA GLY A 260 -24.85 -5.78 -26.65
C GLY A 260 -24.28 -6.56 -25.48
N ASP A 261 -23.57 -5.87 -24.60
CA ASP A 261 -23.03 -6.51 -23.39
C ASP A 261 -24.14 -7.24 -22.61
N HIS A 262 -23.86 -8.44 -22.13
CA HIS A 262 -24.85 -9.19 -21.36
C HIS A 262 -24.17 -10.17 -20.43
N TYR A 263 -24.93 -10.73 -19.52
CA TYR A 263 -24.42 -11.78 -18.67
C TYR A 263 -25.26 -13.05 -18.76
N LEU A 264 -24.63 -14.18 -18.54
CA LEU A 264 -25.32 -15.43 -18.28
C LEU A 264 -25.49 -15.54 -16.77
N CYS A 265 -26.71 -15.45 -16.26
CA CYS A 265 -26.89 -15.33 -14.83
C CYS A 265 -27.55 -16.52 -14.11
N ASP A 266 -28.12 -17.47 -14.85
CA ASP A 266 -28.62 -18.69 -14.19
C ASP A 266 -28.71 -19.89 -15.12
N VAL A 267 -28.36 -21.05 -14.59
CA VAL A 267 -28.38 -22.29 -15.35
C VAL A 267 -29.11 -23.35 -14.52
N THR A 268 -30.16 -23.92 -15.09
CA THR A 268 -31.01 -24.85 -14.36
C THR A 268 -31.53 -25.93 -15.29
N TRP A 269 -31.05 -27.16 -15.10
CA TRP A 269 -31.64 -28.30 -15.81
C TRP A 269 -33.09 -28.49 -15.36
N ALA A 270 -34.00 -28.60 -16.31
CA ALA A 270 -35.39 -28.88 -15.98
C ALA A 270 -35.63 -30.39 -15.98
N THR A 271 -35.22 -31.03 -17.07
CA THR A 271 -35.38 -32.47 -17.22
C THR A 271 -34.07 -33.05 -17.76
N GLN A 272 -34.12 -34.29 -18.26
CA GLN A 272 -32.95 -34.90 -18.86
C GLN A 272 -32.56 -34.17 -20.14
N GLU A 273 -33.54 -33.52 -20.77
CA GLU A 273 -33.35 -32.96 -22.10
C GLU A 273 -33.83 -31.52 -22.22
N ARG A 274 -34.05 -30.87 -21.08
CA ARG A 274 -34.46 -29.48 -21.06
C ARG A 274 -33.56 -28.68 -20.10
N ILE A 275 -32.89 -27.65 -20.62
CA ILE A 275 -32.07 -26.75 -19.80
C ILE A 275 -32.68 -25.37 -19.82
N SER A 276 -32.69 -24.74 -18.66
CA SER A 276 -33.15 -23.36 -18.53
C SER A 276 -31.93 -22.41 -18.41
N LEU A 277 -31.93 -21.35 -19.21
CA LEU A 277 -30.84 -20.36 -19.20
C LEU A 277 -31.41 -18.96 -19.00
N GLN A 278 -31.01 -18.29 -17.91
CA GLN A 278 -31.36 -16.88 -17.73
C GLN A 278 -30.21 -15.97 -18.14
N TRP A 279 -30.51 -14.98 -18.96
CA TRP A 279 -29.53 -14.04 -19.44
C TRP A 279 -29.94 -12.63 -18.97
N LEU A 280 -28.97 -11.76 -18.76
CA LEU A 280 -29.25 -10.43 -18.22
C LEU A 280 -28.48 -9.38 -19.02
N ARG A 281 -29.17 -8.32 -19.45
CA ARG A 281 -28.50 -7.24 -20.15
C ARG A 281 -27.56 -6.51 -19.21
N ARG A 282 -26.45 -6.01 -19.73
CA ARG A 282 -25.51 -5.24 -18.89
C ARG A 282 -26.21 -4.11 -18.17
N ILE A 283 -27.21 -3.54 -18.83
CA ILE A 283 -28.23 -2.75 -18.14
C ILE A 283 -29.20 -3.73 -17.47
N GLN A 284 -29.15 -3.79 -16.15
CA GLN A 284 -29.76 -4.90 -15.44
C GLN A 284 -31.29 -4.79 -15.15
N ASN A 285 -32.03 -4.18 -16.08
CA ASN A 285 -33.47 -4.03 -15.91
C ASN A 285 -34.23 -4.87 -16.93
N TYR A 286 -33.50 -5.78 -17.58
CA TYR A 286 -34.06 -6.60 -18.62
C TYR A 286 -33.35 -7.95 -18.70
N SER A 287 -34.09 -9.04 -18.50
CA SER A 287 -33.50 -10.38 -18.64
C SER A 287 -34.41 -11.38 -19.34
N VAL A 288 -33.81 -12.39 -19.96
CA VAL A 288 -34.54 -13.38 -20.73
C VAL A 288 -34.20 -14.80 -20.28
N MET A 289 -35.24 -15.59 -19.99
CA MET A 289 -35.11 -17.02 -19.70
C MET A 289 -35.39 -17.82 -20.96
N ASP A 290 -34.39 -18.59 -21.40
CA ASP A 290 -34.55 -19.46 -22.55
C ASP A 290 -34.88 -20.88 -22.08
N ILE A 291 -35.69 -21.60 -22.86
CA ILE A 291 -35.96 -23.01 -22.59
C ILE A 291 -35.39 -23.81 -23.74
N CYS A 292 -34.41 -24.66 -23.47
CA CYS A 292 -33.68 -25.31 -24.56
C CYS A 292 -33.82 -26.81 -24.51
N ASP A 293 -34.33 -27.37 -25.60
CA ASP A 293 -34.58 -28.81 -25.66
C ASP A 293 -33.58 -29.56 -26.53
N TYR A 294 -33.21 -30.76 -26.09
CA TYR A 294 -32.31 -31.60 -26.83
C TYR A 294 -33.03 -32.43 -27.88
N ASP A 295 -32.39 -32.58 -29.03
CA ASP A 295 -33.00 -33.20 -30.20
C ASP A 295 -32.25 -34.47 -30.59
N GLU A 296 -32.84 -35.62 -30.27
CA GLU A 296 -32.21 -36.91 -30.56
C GLU A 296 -31.65 -36.99 -31.98
N SER A 297 -32.36 -36.40 -32.93
CA SER A 297 -31.98 -36.55 -34.34
C SER A 297 -30.75 -35.71 -34.74
N SER A 298 -30.78 -34.41 -34.44
CA SER A 298 -29.66 -33.53 -34.79
C SER A 298 -28.56 -33.55 -33.73
N GLY A 299 -28.90 -33.94 -32.52
CA GLY A 299 -27.95 -33.85 -31.42
C GLY A 299 -27.75 -32.41 -30.94
N ARG A 300 -28.55 -31.50 -31.46
CA ARG A 300 -28.47 -30.07 -31.13
C ARG A 300 -29.40 -29.70 -29.99
N TRP A 301 -29.38 -28.44 -29.62
CA TRP A 301 -30.30 -27.94 -28.60
C TRP A 301 -30.98 -26.70 -29.17
N ASN A 302 -32.30 -26.66 -29.11
CA ASN A 302 -33.01 -25.51 -29.61
C ASN A 302 -33.86 -24.81 -28.57
N CYS A 303 -33.78 -23.50 -28.58
CA CYS A 303 -34.50 -22.66 -27.68
C CYS A 303 -35.49 -21.89 -28.52
N LEU A 304 -36.68 -22.44 -28.70
CA LEU A 304 -37.71 -21.74 -29.44
C LEU A 304 -37.83 -20.33 -28.89
N VAL A 305 -37.65 -19.34 -29.75
CA VAL A 305 -37.80 -17.94 -29.38
C VAL A 305 -39.17 -17.72 -28.76
N ALA A 306 -40.19 -18.30 -29.40
CA ALA A 306 -41.56 -18.20 -28.92
C ALA A 306 -41.75 -18.56 -27.43
N ARG A 307 -40.91 -19.44 -26.88
CA ARG A 307 -41.11 -19.79 -25.47
C ARG A 307 -40.20 -19.11 -24.45
N GLN A 308 -39.48 -18.07 -24.87
CA GLN A 308 -38.75 -17.24 -23.92
C GLN A 308 -39.68 -16.69 -22.84
N HIS A 309 -39.10 -16.36 -21.69
CA HIS A 309 -39.81 -15.66 -20.63
C HIS A 309 -39.03 -14.39 -20.33
N ILE A 310 -39.74 -13.26 -20.23
CA ILE A 310 -39.08 -11.97 -20.17
C ILE A 310 -39.36 -11.26 -18.87
N GLU A 311 -38.34 -10.60 -18.31
CA GLU A 311 -38.51 -9.76 -17.13
C GLU A 311 -37.93 -8.37 -17.33
N MET A 312 -38.71 -7.37 -16.96
CA MET A 312 -38.26 -5.99 -16.98
C MET A 312 -38.61 -5.38 -15.63
N SER A 313 -37.84 -4.41 -15.16
CA SER A 313 -38.25 -3.62 -14.01
C SER A 313 -38.20 -2.17 -14.41
N THR A 314 -39.01 -1.34 -13.77
CA THR A 314 -39.00 0.09 -14.08
C THR A 314 -38.65 0.93 -12.86
N THR A 315 -39.04 0.46 -11.69
CA THR A 315 -38.66 1.10 -10.44
C THR A 315 -37.17 0.90 -10.15
N GLY A 316 -36.62 -0.25 -10.52
CA GLY A 316 -35.25 -0.56 -10.20
C GLY A 316 -34.57 -1.54 -11.13
N TRP A 317 -33.91 -2.53 -10.54
CA TRP A 317 -33.21 -3.58 -11.27
C TRP A 317 -34.04 -4.85 -11.17
N VAL A 318 -33.51 -5.95 -11.71
CA VAL A 318 -34.25 -7.20 -11.72
C VAL A 318 -33.84 -8.18 -10.61
N GLY A 319 -34.78 -8.50 -9.73
CA GLY A 319 -34.52 -9.43 -8.65
C GLY A 319 -33.85 -8.72 -7.48
N ARG A 320 -33.67 -9.44 -6.38
CA ARG A 320 -33.03 -8.87 -5.20
C ARG A 320 -31.57 -8.52 -5.49
N PHE A 321 -30.80 -9.53 -5.92
CA PHE A 321 -29.43 -9.32 -6.35
C PHE A 321 -29.27 -9.80 -7.77
N ARG A 322 -30.28 -10.51 -8.27
CA ARG A 322 -30.21 -11.09 -9.62
C ARG A 322 -31.57 -11.70 -9.98
N PRO A 323 -31.82 -11.91 -11.29
CA PRO A 323 -33.08 -12.60 -11.63
C PRO A 323 -33.22 -13.85 -10.77
N SER A 324 -34.43 -14.14 -10.28
CA SER A 324 -34.63 -15.24 -9.34
C SER A 324 -34.54 -16.63 -9.98
N GLU A 325 -34.25 -17.63 -9.16
CA GLU A 325 -34.09 -19.01 -9.61
C GLU A 325 -35.41 -19.72 -9.92
N PRO A 326 -35.50 -20.41 -11.07
CA PRO A 326 -36.72 -21.14 -11.39
C PRO A 326 -36.69 -22.52 -10.73
N HIS A 327 -37.83 -22.95 -10.18
CA HIS A 327 -37.99 -24.30 -9.62
C HIS A 327 -38.97 -25.08 -10.49
N PHE A 328 -38.47 -26.11 -11.16
CA PHE A 328 -39.28 -26.83 -12.12
C PHE A 328 -40.08 -27.97 -11.52
N THR A 329 -41.34 -28.06 -11.93
CA THR A 329 -42.16 -29.21 -11.63
C THR A 329 -41.48 -30.41 -12.26
N LEU A 330 -41.58 -31.56 -11.62
CA LEU A 330 -40.86 -32.75 -12.08
C LEU A 330 -40.91 -33.01 -13.60
N ASP A 331 -42.08 -32.90 -14.22
CA ASP A 331 -42.20 -33.17 -15.67
C ASP A 331 -41.50 -32.12 -16.54
N GLY A 332 -41.20 -30.96 -15.96
CA GLY A 332 -40.43 -29.92 -16.62
C GLY A 332 -41.25 -29.01 -17.52
N ASN A 333 -42.57 -29.00 -17.37
CA ASN A 333 -43.43 -28.26 -18.28
C ASN A 333 -43.92 -27.02 -17.62
N SER A 334 -43.58 -26.87 -16.34
CA SER A 334 -43.92 -25.66 -15.61
C SER A 334 -42.88 -25.42 -14.54
N PHE A 335 -42.93 -24.25 -13.93
CA PHE A 335 -41.98 -23.93 -12.89
C PHE A 335 -42.57 -22.83 -12.06
N TYR A 336 -41.99 -22.62 -10.88
CA TYR A 336 -42.35 -21.50 -10.03
C TYR A 336 -41.10 -20.69 -9.83
N LYS A 337 -41.26 -19.39 -9.56
CA LYS A 337 -40.13 -18.52 -9.25
C LYS A 337 -40.60 -17.22 -8.64
N ILE A 338 -39.80 -16.67 -7.74
CA ILE A 338 -40.14 -15.42 -7.05
C ILE A 338 -40.13 -14.22 -8.00
N ILE A 339 -41.22 -13.45 -7.97
CA ILE A 339 -41.43 -12.32 -8.85
C ILE A 339 -42.10 -11.19 -8.07
N SER A 340 -41.72 -9.96 -8.38
CA SER A 340 -42.27 -8.78 -7.75
C SER A 340 -43.68 -8.52 -8.24
N ASN A 341 -44.66 -8.54 -7.36
CA ASN A 341 -46.04 -8.34 -7.82
C ASN A 341 -46.34 -6.88 -8.17
N GLU A 342 -47.61 -6.57 -8.42
CA GLU A 342 -47.97 -5.24 -8.92
C GLU A 342 -47.87 -4.19 -7.83
N GLU A 343 -47.78 -4.64 -6.58
CA GLU A 343 -47.62 -3.73 -5.45
C GLU A 343 -46.17 -3.68 -5.00
N GLY A 344 -45.30 -4.27 -5.80
CA GLY A 344 -43.87 -4.28 -5.52
C GLY A 344 -43.45 -5.22 -4.40
N TYR A 345 -44.25 -6.26 -4.15
CA TYR A 345 -43.87 -7.29 -3.17
C TYR A 345 -43.50 -8.60 -3.84
N ARG A 346 -42.52 -9.29 -3.27
CA ARG A 346 -41.97 -10.47 -3.91
C ARG A 346 -42.72 -11.73 -3.49
N HIS A 347 -43.30 -12.38 -4.48
CA HIS A 347 -44.17 -13.52 -4.25
C HIS A 347 -43.97 -14.60 -5.29
N ILE A 348 -44.41 -15.81 -4.94
CA ILE A 348 -44.26 -16.97 -5.80
C ILE A 348 -45.22 -16.98 -6.97
N CYS A 349 -44.68 -17.17 -8.17
CA CYS A 349 -45.45 -17.11 -9.38
C CYS A 349 -45.38 -18.47 -10.05
N TYR A 350 -46.51 -18.93 -10.60
CA TYR A 350 -46.58 -20.21 -11.30
C TYR A 350 -46.60 -20.00 -12.82
N PHE A 351 -45.66 -20.64 -13.50
CA PHE A 351 -45.43 -20.44 -14.93
C PHE A 351 -45.64 -21.73 -15.70
N GLN A 352 -46.32 -21.63 -16.83
CA GLN A 352 -46.48 -22.81 -17.68
C GLN A 352 -45.79 -22.62 -19.02
N ILE A 353 -44.81 -23.46 -19.30
CA ILE A 353 -44.10 -23.38 -20.58
C ILE A 353 -45.12 -23.30 -21.70
N ASP A 354 -44.89 -22.41 -22.66
CA ASP A 354 -45.78 -22.26 -23.81
C ASP A 354 -47.08 -21.55 -23.47
N LYS A 355 -47.16 -20.94 -22.29
CA LYS A 355 -48.32 -20.11 -21.94
C LYS A 355 -47.85 -18.74 -21.46
N LYS A 356 -48.63 -17.70 -21.74
CA LYS A 356 -48.26 -16.33 -21.36
C LYS A 356 -48.53 -16.06 -19.89
N ASP A 357 -47.87 -15.03 -19.38
CA ASP A 357 -48.07 -14.59 -18.01
C ASP A 357 -47.65 -15.68 -17.03
N CYS A 358 -47.92 -15.42 -15.76
CA CYS A 358 -47.78 -16.42 -14.71
C CYS A 358 -48.89 -16.13 -13.73
N THR A 359 -49.01 -16.96 -12.71
CA THR A 359 -50.14 -16.88 -11.80
C THR A 359 -49.58 -16.77 -10.39
N PHE A 360 -50.02 -15.74 -9.66
CA PHE A 360 -49.51 -15.54 -8.32
C PHE A 360 -50.22 -16.46 -7.34
N ILE A 361 -49.45 -17.33 -6.70
CA ILE A 361 -50.02 -18.27 -5.75
C ILE A 361 -49.90 -17.77 -4.30
N THR A 362 -49.08 -16.75 -4.09
CA THR A 362 -49.02 -16.05 -2.81
C THR A 362 -49.10 -14.53 -3.00
N LYS A 363 -49.62 -13.86 -1.97
CA LYS A 363 -49.75 -12.41 -2.00
C LYS A 363 -49.79 -11.84 -0.57
N GLY A 364 -49.66 -10.53 -0.46
CA GLY A 364 -49.67 -9.88 0.84
C GLY A 364 -48.56 -8.85 1.02
N THR A 365 -48.70 -8.00 2.03
CA THR A 365 -47.67 -7.04 2.39
C THR A 365 -46.53 -7.71 3.17
N TRP A 366 -45.75 -8.52 2.47
CA TRP A 366 -44.65 -9.24 3.05
C TRP A 366 -44.08 -10.02 1.89
N GLU A 367 -42.97 -10.71 2.08
CA GLU A 367 -42.30 -11.29 0.93
C GLU A 367 -41.83 -12.70 1.17
N VAL A 368 -41.87 -13.47 0.09
CA VAL A 368 -41.28 -14.79 0.08
C VAL A 368 -39.77 -14.64 -0.03
N ILE A 369 -39.05 -15.26 0.89
CA ILE A 369 -37.61 -15.18 0.89
C ILE A 369 -37.00 -16.23 -0.03
N GLY A 370 -37.58 -17.43 -0.03
CA GLY A 370 -37.04 -18.50 -0.85
C GLY A 370 -38.03 -19.63 -1.08
N ILE A 371 -37.86 -20.32 -2.20
CA ILE A 371 -38.57 -21.54 -2.50
C ILE A 371 -37.69 -22.73 -2.11
N GLU A 372 -38.15 -23.50 -1.14
CA GLU A 372 -37.27 -24.48 -0.52
C GLU A 372 -37.46 -25.90 -1.05
N ALA A 373 -38.68 -26.25 -1.44
CA ALA A 373 -38.91 -27.56 -2.04
C ALA A 373 -40.25 -27.66 -2.78
N LEU A 374 -40.36 -28.65 -3.64
CA LEU A 374 -41.56 -28.84 -4.43
C LEU A 374 -41.90 -30.32 -4.52
N THR A 375 -43.12 -30.68 -4.12
CA THR A 375 -43.63 -32.04 -4.32
C THR A 375 -44.87 -31.94 -5.18
N SER A 376 -45.53 -33.08 -5.43
CA SER A 376 -46.71 -33.08 -6.29
C SER A 376 -47.92 -32.44 -5.63
N ASP A 377 -47.88 -32.36 -4.30
CA ASP A 377 -48.97 -31.79 -3.53
C ASP A 377 -48.61 -30.41 -3.01
N TYR A 378 -47.34 -30.23 -2.65
CA TYR A 378 -46.95 -29.04 -1.92
C TYR A 378 -45.74 -28.28 -2.47
N LEU A 379 -45.80 -26.98 -2.31
CA LEU A 379 -44.62 -26.17 -2.51
C LEU A 379 -44.24 -25.61 -1.16
N TYR A 380 -42.98 -25.76 -0.79
CA TYR A 380 -42.49 -25.29 0.51
C TYR A 380 -41.60 -24.08 0.32
N TYR A 381 -41.86 -23.01 1.07
CA TYR A 381 -41.06 -21.79 0.98
C TYR A 381 -40.80 -21.12 2.36
N ILE A 382 -39.73 -20.33 2.44
CA ILE A 382 -39.51 -19.45 3.57
C ILE A 382 -40.08 -18.06 3.27
N SER A 383 -40.74 -17.45 4.26
CA SER A 383 -41.20 -16.06 4.15
C SER A 383 -41.10 -15.32 5.48
N ASN A 384 -41.36 -14.02 5.46
CA ASN A 384 -41.41 -13.24 6.69
C ASN A 384 -42.83 -12.76 7.01
N GLU A 385 -43.82 -13.60 6.71
CA GLU A 385 -45.21 -13.17 6.90
C GLU A 385 -45.61 -13.18 8.38
N TYR A 386 -45.12 -14.15 9.12
CA TYR A 386 -45.53 -14.30 10.51
C TYR A 386 -45.40 -12.99 11.27
N LYS A 387 -46.47 -12.60 11.98
CA LYS A 387 -46.52 -11.34 12.75
C LYS A 387 -46.05 -10.08 12.02
N GLY A 388 -46.02 -10.13 10.68
CA GLY A 388 -45.57 -8.97 9.93
C GLY A 388 -44.20 -8.47 10.36
N MET A 389 -43.33 -9.38 10.77
CA MET A 389 -41.98 -9.03 11.14
C MET A 389 -41.06 -9.29 9.97
N PRO A 390 -40.60 -8.21 9.32
CA PRO A 390 -39.85 -8.47 8.09
C PRO A 390 -38.52 -9.15 8.39
N GLY A 391 -38.10 -9.11 9.66
CA GLY A 391 -36.83 -9.69 10.11
C GLY A 391 -36.98 -11.07 10.71
N GLY A 392 -38.15 -11.65 10.56
CA GLY A 392 -38.36 -13.05 10.94
C GLY A 392 -38.40 -13.91 9.69
N ARG A 393 -38.10 -15.19 9.86
CA ARG A 393 -38.18 -16.18 8.79
C ARG A 393 -38.95 -17.36 9.34
N ASN A 394 -39.94 -17.84 8.58
CA ASN A 394 -40.67 -19.06 8.91
C ASN A 394 -40.87 -19.97 7.70
N LEU A 395 -40.98 -21.28 7.95
CA LEU A 395 -41.23 -22.24 6.88
C LEU A 395 -42.71 -22.39 6.67
N TYR A 396 -43.12 -22.40 5.39
CA TYR A 396 -44.52 -22.56 5.02
C TYR A 396 -44.67 -23.57 3.89
N LYS A 397 -45.89 -24.08 3.76
CA LYS A 397 -46.26 -24.93 2.63
C LYS A 397 -47.63 -24.54 2.10
N ILE A 398 -47.76 -24.56 0.78
CA ILE A 398 -48.98 -24.14 0.12
C ILE A 398 -49.47 -25.28 -0.76
N GLN A 399 -50.74 -25.61 -0.59
CA GLN A 399 -51.33 -26.77 -1.25
C GLN A 399 -51.57 -26.47 -2.71
N LEU A 400 -50.93 -27.22 -3.59
CA LEU A 400 -50.98 -26.89 -5.01
C LEU A 400 -52.40 -26.95 -5.56
N SER A 401 -53.23 -27.78 -4.97
CA SER A 401 -54.58 -27.99 -5.49
C SER A 401 -55.57 -26.96 -4.94
N ASP A 402 -55.08 -26.10 -4.05
CA ASP A 402 -55.90 -25.05 -3.48
C ASP A 402 -55.04 -24.00 -2.78
N TYR A 403 -54.65 -22.99 -3.53
CA TYR A 403 -53.69 -22.01 -3.07
C TYR A 403 -54.14 -21.30 -1.80
N THR A 404 -55.41 -21.41 -1.44
CA THR A 404 -55.89 -20.71 -0.25
C THR A 404 -55.43 -21.42 1.00
N LYS A 405 -54.84 -22.60 0.84
CA LYS A 405 -54.46 -23.41 1.99
C LYS A 405 -52.97 -23.40 2.28
N VAL A 406 -52.58 -22.48 3.17
CA VAL A 406 -51.20 -22.24 3.54
C VAL A 406 -50.99 -22.56 5.00
N THR A 407 -50.04 -23.44 5.26
CA THR A 407 -49.77 -23.89 6.61
C THR A 407 -48.40 -23.45 7.06
N CYS A 408 -48.33 -22.75 8.19
CA CYS A 408 -47.03 -22.48 8.77
C CYS A 408 -46.47 -23.72 9.43
N LEU A 409 -45.27 -24.10 9.01
CA LEU A 409 -44.66 -25.29 9.59
C LEU A 409 -43.79 -25.00 10.82
N SER A 410 -43.39 -23.74 11.01
CA SER A 410 -42.43 -23.43 12.06
C SER A 410 -42.94 -22.40 13.06
N CYS A 411 -43.94 -21.63 12.64
CA CYS A 411 -44.41 -20.49 13.44
C CYS A 411 -44.58 -20.81 14.91
N GLU A 412 -45.19 -21.96 15.21
CA GLU A 412 -45.56 -22.27 16.59
C GLU A 412 -44.71 -23.33 17.26
N LEU A 413 -43.68 -23.82 16.58
CA LEU A 413 -42.80 -24.84 17.15
C LEU A 413 -42.30 -24.45 18.53
N ASN A 414 -41.80 -23.22 18.65
CA ASN A 414 -41.50 -22.56 19.94
C ASN A 414 -41.44 -21.06 19.71
N PRO A 415 -42.60 -20.40 19.76
CA PRO A 415 -42.86 -19.00 19.38
C PRO A 415 -42.00 -17.93 20.04
N GLU A 416 -41.33 -18.26 21.15
CA GLU A 416 -40.56 -17.25 21.86
C GLU A 416 -39.07 -17.38 21.63
N ARG A 417 -38.59 -18.61 21.45
CA ARG A 417 -37.18 -18.86 21.19
C ARG A 417 -36.85 -18.88 19.70
N CYS A 418 -37.78 -19.34 18.89
CA CYS A 418 -37.51 -19.51 17.49
C CYS A 418 -38.41 -18.66 16.61
N GLN A 419 -37.83 -17.61 16.03
CA GLN A 419 -38.53 -16.75 15.07
C GLN A 419 -37.85 -16.67 13.70
N TYR A 420 -36.70 -17.32 13.56
CA TYR A 420 -35.91 -17.20 12.35
C TYR A 420 -35.45 -18.59 11.92
N TYR A 421 -36.03 -19.10 10.83
CA TYR A 421 -35.75 -20.46 10.42
C TYR A 421 -35.13 -20.52 9.06
N SER A 422 -34.26 -21.51 8.86
CA SER A 422 -33.87 -21.97 7.54
C SER A 422 -34.14 -23.47 7.53
N VAL A 423 -34.19 -24.06 6.33
CA VAL A 423 -34.59 -25.46 6.21
C VAL A 423 -33.71 -26.23 5.22
N SER A 424 -33.58 -27.53 5.45
CA SER A 424 -32.90 -28.41 4.53
C SER A 424 -33.66 -29.72 4.31
N PHE A 425 -34.16 -29.92 3.09
CA PHE A 425 -34.99 -31.06 2.75
C PHE A 425 -34.18 -32.24 2.21
N SER A 426 -34.68 -33.46 2.42
CA SER A 426 -34.09 -34.67 1.83
C SER A 426 -34.43 -34.75 0.33
N LYS A 427 -33.76 -35.62 -0.40
CA LYS A 427 -34.08 -35.80 -1.80
C LYS A 427 -35.54 -36.18 -1.84
N GLU A 428 -36.32 -35.58 -2.75
CA GLU A 428 -37.76 -35.84 -2.81
C GLU A 428 -38.56 -35.24 -1.64
N ALA A 429 -37.86 -34.78 -0.61
CA ALA A 429 -38.49 -34.05 0.50
C ALA A 429 -39.38 -34.88 1.44
N LYS A 430 -39.08 -36.15 1.63
CA LYS A 430 -39.85 -36.91 2.63
C LYS A 430 -39.55 -36.39 4.04
N TYR A 431 -38.35 -35.87 4.26
CA TYR A 431 -38.00 -35.27 5.54
C TYR A 431 -37.43 -33.87 5.37
N TYR A 432 -37.47 -33.07 6.44
CA TYR A 432 -36.75 -31.81 6.46
C TYR A 432 -36.09 -31.55 7.81
N GLN A 433 -34.97 -30.84 7.77
CA GLN A 433 -34.29 -30.39 8.99
C GLN A 433 -34.54 -28.92 9.22
N LEU A 434 -35.19 -28.57 10.32
CA LEU A 434 -35.44 -27.17 10.59
C LEU A 434 -34.29 -26.60 11.40
N ARG A 435 -33.89 -25.39 11.07
CA ARG A 435 -32.81 -24.73 11.78
C ARG A 435 -33.26 -23.35 12.22
N CYS A 436 -33.36 -23.21 13.54
CA CYS A 436 -33.76 -21.98 14.20
C CYS A 436 -32.50 -21.23 14.57
N SER A 437 -32.46 -19.93 14.26
CA SER A 437 -31.27 -19.09 14.48
C SER A 437 -31.45 -18.07 15.60
N GLY A 438 -32.68 -17.94 16.10
CA GLY A 438 -33.00 -16.97 17.13
C GLY A 438 -34.48 -16.66 17.21
N PRO A 439 -34.88 -15.82 18.17
CA PRO A 439 -33.95 -15.03 19.00
C PRO A 439 -33.27 -15.81 20.12
N GLY A 440 -33.64 -17.07 20.35
CA GLY A 440 -32.99 -17.85 21.38
C GLY A 440 -31.80 -18.60 20.82
N LEU A 441 -31.19 -19.45 21.64
CA LEU A 441 -30.09 -20.27 21.17
C LEU A 441 -30.55 -21.08 19.96
N PRO A 442 -29.67 -21.28 18.98
CA PRO A 442 -30.00 -22.08 17.80
C PRO A 442 -30.49 -23.49 18.15
N LEU A 443 -31.49 -23.95 17.42
CA LEU A 443 -32.17 -25.21 17.69
C LEU A 443 -32.36 -25.97 16.40
N TYR A 444 -31.81 -27.18 16.36
CA TYR A 444 -31.82 -28.02 15.16
C TYR A 444 -32.73 -29.22 15.37
N THR A 445 -33.75 -29.36 14.53
CA THR A 445 -34.74 -30.42 14.68
C THR A 445 -35.04 -31.11 13.37
N LEU A 446 -35.57 -32.32 13.44
CA LEU A 446 -35.91 -33.11 12.26
C LEU A 446 -37.40 -33.39 12.18
N HIS A 447 -37.93 -33.48 10.97
CA HIS A 447 -39.37 -33.55 10.77
C HIS A 447 -39.69 -34.44 9.58
N SER A 448 -40.84 -35.09 9.60
CA SER A 448 -41.26 -35.84 8.43
C SER A 448 -42.32 -35.04 7.71
N SER A 449 -42.21 -35.04 6.38
CA SER A 449 -43.09 -34.26 5.54
C SER A 449 -44.52 -34.78 5.60
N VAL A 450 -44.68 -36.09 5.60
CA VAL A 450 -46.02 -36.69 5.47
C VAL A 450 -47.09 -35.99 6.32
N ASN A 451 -46.91 -35.92 7.64
CA ASN A 451 -47.80 -35.10 8.45
C ASN A 451 -47.08 -34.10 9.34
N ASP A 452 -45.99 -33.53 8.83
CA ASP A 452 -45.26 -32.47 9.51
C ASP A 452 -45.06 -32.78 10.99
N LYS A 453 -44.59 -33.98 11.28
CA LYS A 453 -44.42 -34.41 12.66
C LYS A 453 -42.98 -34.23 13.10
N GLY A 454 -42.80 -33.61 14.26
CA GLY A 454 -41.48 -33.57 14.86
C GLY A 454 -41.05 -35.00 15.07
N LEU A 455 -39.85 -35.36 14.61
CA LEU A 455 -39.31 -36.68 14.86
C LEU A 455 -38.40 -36.67 16.09
N ARG A 456 -37.38 -35.81 16.09
CA ARG A 456 -36.43 -35.73 17.19
C ARG A 456 -35.66 -34.41 17.19
N VAL A 457 -35.06 -34.08 18.33
CA VAL A 457 -34.21 -32.90 18.41
C VAL A 457 -32.79 -33.34 18.10
N LEU A 458 -32.13 -32.64 17.17
CA LEU A 458 -30.74 -32.93 16.79
C LEU A 458 -29.70 -32.21 17.66
N GLU A 459 -29.87 -30.89 17.81
CA GLU A 459 -29.02 -30.08 18.69
C GLU A 459 -29.82 -28.93 19.31
N ASP A 460 -29.72 -28.79 20.63
CA ASP A 460 -30.46 -27.72 21.31
C ASP A 460 -29.57 -26.69 22.04
N ASN A 461 -28.26 -26.75 21.81
CA ASN A 461 -27.30 -25.84 22.47
C ASN A 461 -27.44 -25.72 24.00
N SER A 462 -27.99 -26.76 24.63
CA SER A 462 -28.07 -26.80 26.09
C SER A 462 -26.72 -26.55 26.76
N ALA A 463 -25.64 -27.10 26.21
CA ALA A 463 -24.30 -26.88 26.77
C ALA A 463 -23.95 -25.37 26.83
N LEU A 464 -24.20 -24.64 25.74
CA LEU A 464 -23.99 -23.20 25.77
C LEU A 464 -24.95 -22.53 26.74
N ASP A 465 -26.22 -22.93 26.72
CA ASP A 465 -27.18 -22.27 27.59
C ASP A 465 -26.67 -22.25 29.01
N LYS A 466 -26.03 -23.34 29.41
CA LYS A 466 -25.57 -23.49 30.78
C LYS A 466 -24.46 -22.47 31.04
N MET A 467 -23.45 -22.48 30.20
CA MET A 467 -22.38 -21.51 30.34
C MET A 467 -22.91 -20.09 30.41
N LEU A 468 -23.74 -19.73 29.43
CA LEU A 468 -24.27 -18.37 29.35
C LEU A 468 -25.06 -17.92 30.59
N GLN A 469 -25.70 -18.86 31.28
CA GLN A 469 -26.44 -18.53 32.49
C GLN A 469 -25.52 -17.90 33.56
N ASN A 470 -24.22 -18.17 33.45
CA ASN A 470 -23.24 -17.70 34.42
C ASN A 470 -22.67 -16.34 34.04
N VAL A 471 -23.06 -15.85 32.87
CA VAL A 471 -22.54 -14.61 32.32
C VAL A 471 -23.63 -13.53 32.31
N GLN A 472 -23.22 -12.29 32.57
CA GLN A 472 -24.12 -11.14 32.45
C GLN A 472 -24.32 -10.71 31.00
N MET A 473 -25.16 -11.41 30.27
CA MET A 473 -25.32 -11.20 28.83
C MET A 473 -26.23 -10.02 28.49
N PRO A 474 -26.03 -9.45 27.30
CA PRO A 474 -26.94 -8.39 26.86
C PRO A 474 -28.24 -8.97 26.33
N SER A 475 -29.28 -8.16 26.29
CA SER A 475 -30.54 -8.54 25.65
C SER A 475 -30.65 -7.75 24.33
N LYS A 476 -31.60 -8.15 23.48
CA LYS A 476 -31.76 -7.54 22.17
C LYS A 476 -33.19 -7.08 21.97
N LYS A 477 -33.38 -5.79 21.71
CA LYS A 477 -34.70 -5.26 21.36
C LYS A 477 -34.78 -5.13 19.85
N LEU A 478 -35.87 -5.66 19.27
CA LEU A 478 -36.15 -5.49 17.87
C LEU A 478 -37.46 -4.75 17.79
N ASP A 479 -37.46 -3.60 17.12
CA ASP A 479 -38.65 -2.77 17.02
C ASP A 479 -38.62 -1.90 15.77
N PHE A 480 -39.50 -0.91 15.71
CA PHE A 480 -39.59 -0.04 14.54
C PHE A 480 -39.99 1.37 14.94
N ILE A 481 -39.67 2.32 14.07
CA ILE A 481 -40.11 3.69 14.25
C ILE A 481 -40.84 4.09 12.99
N ILE A 482 -41.64 5.15 13.06
CA ILE A 482 -42.39 5.58 11.89
C ILE A 482 -41.90 6.90 11.36
N LEU A 483 -41.53 6.92 10.09
CA LEU A 483 -41.09 8.12 9.40
C LEU A 483 -41.88 8.29 8.11
N ASN A 484 -42.47 9.47 7.93
CA ASN A 484 -43.28 9.75 6.74
C ASN A 484 -44.36 8.70 6.61
N GLU A 485 -44.97 8.40 7.75
CA GLU A 485 -45.95 7.33 7.85
C GLU A 485 -45.45 6.00 7.27
N THR A 486 -44.20 5.67 7.57
CA THR A 486 -43.64 4.37 7.17
C THR A 486 -42.85 3.74 8.32
N LYS A 487 -43.04 2.44 8.52
CA LYS A 487 -42.32 1.73 9.56
C LYS A 487 -40.93 1.36 9.06
N PHE A 488 -39.91 1.77 9.81
CA PHE A 488 -38.56 1.35 9.54
C PHE A 488 -38.04 0.65 10.78
N TRP A 489 -37.50 -0.54 10.58
CA TRP A 489 -37.17 -1.46 11.67
C TRP A 489 -35.73 -1.30 12.12
N TYR A 490 -35.49 -1.50 13.41
CA TYR A 490 -34.15 -1.34 13.95
C TYR A 490 -33.97 -2.33 15.10
N GLN A 491 -32.73 -2.59 15.47
CA GLN A 491 -32.49 -3.42 16.63
C GLN A 491 -31.53 -2.72 17.57
N MET A 492 -31.52 -3.15 18.83
CA MET A 492 -30.58 -2.63 19.80
C MET A 492 -30.08 -3.78 20.65
N ILE A 493 -28.76 -3.93 20.74
CA ILE A 493 -28.19 -4.85 21.72
C ILE A 493 -27.98 -4.07 23.02
N LEU A 494 -28.74 -4.39 24.06
CA LEU A 494 -28.68 -3.58 25.28
C LEU A 494 -27.87 -4.25 26.38
N PRO A 495 -27.04 -3.44 27.08
CA PRO A 495 -26.23 -3.92 28.20
C PRO A 495 -27.06 -4.60 29.29
N PRO A 496 -26.45 -5.54 30.02
CA PRO A 496 -27.16 -6.24 31.10
C PRO A 496 -27.70 -5.26 32.15
N HIS A 497 -28.78 -5.65 32.82
CA HIS A 497 -29.48 -4.80 33.79
C HIS A 497 -29.69 -3.42 33.19
N PHE A 498 -30.30 -3.39 32.02
CA PHE A 498 -30.56 -2.14 31.33
C PHE A 498 -31.50 -1.23 32.12
N ASP A 499 -31.21 0.06 32.12
CA ASP A 499 -31.96 1.02 32.91
C ASP A 499 -32.27 2.26 32.08
N LYS A 500 -33.51 2.37 31.63
CA LYS A 500 -33.93 3.44 30.72
C LYS A 500 -33.90 4.84 31.35
N SER A 501 -33.49 4.93 32.60
CA SER A 501 -33.36 6.23 33.23
C SER A 501 -31.89 6.65 33.27
N LYS A 502 -31.03 5.76 32.80
CA LYS A 502 -29.60 6.07 32.65
C LYS A 502 -29.33 6.54 31.22
N LYS A 503 -28.16 7.12 31.02
CA LYS A 503 -27.69 7.49 29.69
C LYS A 503 -26.65 6.49 29.21
N TYR A 504 -26.80 6.00 27.98
CA TYR A 504 -25.78 5.14 27.42
C TYR A 504 -25.16 5.77 26.18
N PRO A 505 -23.87 5.49 25.95
CA PRO A 505 -23.24 5.75 24.66
C PRO A 505 -23.84 4.78 23.65
N LEU A 506 -23.96 5.20 22.40
CA LEU A 506 -24.60 4.39 21.40
C LEU A 506 -23.71 4.28 20.18
N LEU A 507 -23.42 3.05 19.77
CA LEU A 507 -22.66 2.81 18.55
C LEU A 507 -23.60 2.30 17.48
N LEU A 508 -23.75 3.07 16.40
CA LEU A 508 -24.58 2.68 15.27
C LEU A 508 -23.80 1.77 14.36
N ASP A 509 -24.19 0.49 14.35
CA ASP A 509 -23.58 -0.53 13.52
C ASP A 509 -24.31 -0.55 12.17
N VAL A 510 -23.58 -0.21 11.11
CA VAL A 510 -24.18 0.04 9.80
C VAL A 510 -23.71 -0.89 8.71
N TYR A 511 -24.66 -1.33 7.87
CA TYR A 511 -24.35 -1.91 6.57
C TYR A 511 -25.09 -1.14 5.47
N ALA A 512 -26.41 -1.20 5.47
CA ALA A 512 -27.25 -0.28 4.70
C ALA A 512 -27.23 -0.44 3.17
N GLY A 513 -26.47 -1.42 2.66
CA GLY A 513 -26.44 -1.68 1.23
C GLY A 513 -27.79 -2.12 0.70
N PRO A 514 -27.99 -2.05 -0.63
CA PRO A 514 -29.31 -2.37 -1.20
C PRO A 514 -29.79 -3.79 -0.87
N CYS A 515 -31.03 -3.91 -0.41
CA CYS A 515 -31.61 -5.20 0.05
C CYS A 515 -30.88 -5.80 1.27
N SER A 516 -30.31 -4.95 2.10
CA SER A 516 -29.70 -5.41 3.33
C SER A 516 -30.70 -5.47 4.47
N GLN A 517 -30.39 -6.23 5.49
CA GLN A 517 -31.25 -6.27 6.65
C GLN A 517 -30.35 -6.37 7.85
N LYS A 518 -30.36 -5.34 8.68
CA LYS A 518 -29.55 -5.35 9.90
C LYS A 518 -30.41 -5.42 11.18
N ALA A 519 -31.71 -5.41 11.01
CA ALA A 519 -32.62 -5.64 12.11
C ALA A 519 -33.30 -6.99 11.91
N ASP A 520 -32.93 -7.97 12.73
CA ASP A 520 -33.60 -9.27 12.67
C ASP A 520 -33.72 -9.94 14.03
N THR A 521 -34.06 -11.21 14.01
CA THR A 521 -34.30 -11.96 15.21
C THR A 521 -33.21 -12.99 15.40
N VAL A 522 -32.11 -12.84 14.66
CA VAL A 522 -31.00 -13.80 14.81
C VAL A 522 -30.21 -13.58 16.10
N PHE A 523 -29.92 -14.68 16.77
CA PHE A 523 -29.03 -14.70 17.93
C PHE A 523 -27.56 -14.69 17.46
N ARG A 524 -26.77 -13.76 17.99
CA ARG A 524 -25.37 -13.68 17.59
C ARG A 524 -24.44 -13.46 18.76
N LEU A 525 -23.25 -14.06 18.69
CA LEU A 525 -22.22 -13.81 19.68
C LEU A 525 -21.05 -13.18 18.97
N ASN A 526 -20.99 -11.86 19.02
CA ASN A 526 -20.03 -11.13 18.21
C ASN A 526 -19.46 -9.89 18.92
N TRP A 527 -18.68 -9.10 18.20
CA TRP A 527 -18.10 -7.92 18.79
C TRP A 527 -19.12 -7.08 19.55
N ALA A 528 -20.27 -6.86 18.95
CA ALA A 528 -21.33 -6.08 19.62
C ALA A 528 -21.74 -6.64 20.98
N THR A 529 -21.76 -7.97 21.10
CA THR A 529 -22.07 -8.62 22.36
C THR A 529 -21.12 -8.10 23.44
N TYR A 530 -19.82 -8.12 23.16
CA TYR A 530 -18.82 -7.61 24.08
C TYR A 530 -18.98 -6.11 24.43
N LEU A 531 -19.16 -5.27 23.42
CA LEU A 531 -19.38 -3.84 23.66
C LEU A 531 -20.50 -3.60 24.67
N ALA A 532 -21.59 -4.33 24.51
CA ALA A 532 -22.76 -4.19 25.36
C ALA A 532 -22.56 -4.85 26.73
N SER A 533 -22.08 -6.08 26.74
CA SER A 533 -21.90 -6.80 28.00
C SER A 533 -20.90 -6.11 28.91
N THR A 534 -19.67 -5.97 28.42
CA THR A 534 -18.55 -5.45 29.20
C THR A 534 -18.43 -3.90 29.27
N GLU A 535 -18.56 -3.23 28.13
CA GLU A 535 -18.37 -1.78 28.09
C GLU A 535 -19.69 -0.98 28.21
N ASN A 536 -20.81 -1.70 28.27
CA ASN A 536 -22.12 -1.08 28.48
C ASN A 536 -22.52 -0.11 27.40
N ILE A 537 -22.20 -0.48 26.17
CA ILE A 537 -22.55 0.33 25.02
C ILE A 537 -23.76 -0.26 24.32
N ILE A 538 -24.70 0.60 23.99
CA ILE A 538 -25.82 0.16 23.17
C ILE A 538 -25.31 0.07 21.75
N VAL A 539 -25.50 -1.09 21.11
CA VAL A 539 -25.15 -1.23 19.71
C VAL A 539 -26.41 -1.34 18.87
N ALA A 540 -26.69 -0.31 18.10
CA ALA A 540 -27.91 -0.23 17.30
C ALA A 540 -27.63 -0.41 15.83
N SER A 541 -28.61 -0.96 15.12
CA SER A 541 -28.61 -0.96 13.66
C SER A 541 -30.00 -0.57 13.19
N PHE A 542 -30.09 -0.14 11.93
CA PHE A 542 -31.33 0.39 11.43
C PHE A 542 -31.44 0.08 9.94
N ASP A 543 -32.65 -0.27 9.51
CA ASP A 543 -32.91 -0.57 8.11
C ASP A 543 -33.74 0.54 7.49
N GLY A 544 -33.09 1.43 6.74
CA GLY A 544 -33.75 2.59 6.14
C GLY A 544 -34.08 2.33 4.69
N ARG A 545 -34.36 3.38 3.92
CA ARG A 545 -34.67 3.18 2.50
C ARG A 545 -33.49 2.47 1.84
N GLY A 546 -33.76 1.60 0.88
CA GLY A 546 -32.72 0.76 0.30
C GLY A 546 -32.71 -0.65 0.89
N SER A 547 -33.23 -0.79 2.11
CA SER A 547 -33.22 -2.09 2.79
C SER A 547 -34.20 -3.09 2.16
N GLY A 548 -33.96 -4.38 2.34
CA GLY A 548 -34.76 -5.38 1.64
C GLY A 548 -35.90 -6.01 2.40
N TYR A 549 -36.62 -6.88 1.70
CA TYR A 549 -37.63 -7.78 2.29
C TYR A 549 -38.88 -7.04 2.79
N GLN A 550 -39.08 -5.83 2.27
CA GLN A 550 -40.22 -5.02 2.68
C GLN A 550 -40.91 -4.40 1.46
N GLY A 551 -40.61 -4.91 0.27
CA GLY A 551 -41.23 -4.41 -0.95
C GLY A 551 -40.35 -3.41 -1.67
N ASP A 552 -40.63 -3.23 -2.97
CA ASP A 552 -39.82 -2.39 -3.85
C ASP A 552 -39.89 -0.89 -3.56
N LYS A 553 -41.02 -0.42 -3.06
CA LYS A 553 -41.17 0.98 -2.72
C LYS A 553 -40.03 1.43 -1.81
N ILE A 554 -39.60 0.54 -0.93
CA ILE A 554 -38.51 0.83 -0.01
C ILE A 554 -37.17 0.42 -0.58
N MET A 555 -37.08 -0.82 -1.07
CA MET A 555 -35.81 -1.31 -1.61
C MET A 555 -35.31 -0.51 -2.82
N HIS A 556 -36.22 -0.03 -3.65
CA HIS A 556 -35.85 0.65 -4.90
C HIS A 556 -35.68 2.19 -4.73
N ALA A 557 -35.84 2.67 -3.50
CA ALA A 557 -35.75 4.10 -3.20
C ALA A 557 -34.35 4.62 -3.50
N ILE A 558 -33.43 3.69 -3.69
CA ILE A 558 -32.01 4.01 -3.76
C ILE A 558 -31.52 3.77 -5.18
N ASN A 559 -32.45 3.44 -6.07
CA ASN A 559 -32.11 3.12 -7.44
C ASN A 559 -31.38 4.28 -8.07
N ARG A 560 -30.16 4.04 -8.56
CA ARG A 560 -29.34 5.08 -9.20
C ARG A 560 -28.95 6.23 -8.29
N ARG A 561 -29.07 6.04 -6.98
CA ARG A 561 -28.81 7.11 -6.04
C ARG A 561 -28.20 6.57 -4.75
N LEU A 562 -27.19 5.73 -4.90
CA LEU A 562 -26.44 5.23 -3.75
C LEU A 562 -25.78 6.39 -2.97
N GLY A 563 -25.62 6.19 -1.67
CA GLY A 563 -25.05 7.22 -0.82
C GLY A 563 -25.96 8.43 -0.66
N THR A 564 -27.26 8.20 -0.75
CA THR A 564 -28.24 9.26 -0.52
C THR A 564 -29.23 8.90 0.58
N PHE A 565 -30.39 8.35 0.23
CA PHE A 565 -31.42 8.07 1.21
C PHE A 565 -30.98 7.12 2.30
N GLU A 566 -30.18 6.12 1.93
CA GLU A 566 -29.74 5.16 2.91
C GLU A 566 -28.76 5.82 3.87
N VAL A 567 -27.99 6.80 3.38
CA VAL A 567 -27.13 7.59 4.26
C VAL A 567 -27.95 8.50 5.16
N GLU A 568 -28.87 9.25 4.55
CA GLU A 568 -29.79 10.09 5.32
C GLU A 568 -30.40 9.31 6.47
N ASP A 569 -31.00 8.16 6.14
CA ASP A 569 -31.83 7.47 7.09
C ASP A 569 -31.05 6.98 8.31
N GLN A 570 -29.77 6.64 8.10
CA GLN A 570 -28.94 6.27 9.24
C GLN A 570 -28.88 7.44 10.20
N ILE A 571 -28.64 8.63 9.65
CA ILE A 571 -28.52 9.84 10.46
C ILE A 571 -29.82 10.17 11.21
N GLU A 572 -30.94 10.12 10.50
CA GLU A 572 -32.21 10.39 11.14
C GLU A 572 -32.49 9.36 12.26
N ALA A 573 -32.10 8.12 12.04
CA ALA A 573 -32.39 7.07 13.03
C ALA A 573 -31.67 7.36 14.33
N ALA A 574 -30.42 7.83 14.20
CA ALA A 574 -29.63 8.26 15.37
C ALA A 574 -30.22 9.52 16.05
N ARG A 575 -30.80 10.42 15.27
CA ARG A 575 -31.57 11.52 15.84
C ARG A 575 -32.73 10.97 16.66
N GLN A 576 -33.42 9.98 16.11
CA GLN A 576 -34.55 9.35 16.77
C GLN A 576 -34.15 8.60 18.04
N PHE A 577 -32.95 8.02 18.03
CA PHE A 577 -32.53 7.24 19.19
C PHE A 577 -32.22 8.14 20.40
N SER A 578 -31.69 9.33 20.16
CA SER A 578 -31.39 10.25 21.25
C SER A 578 -32.68 10.72 21.92
N LYS A 579 -33.68 11.02 21.10
CA LYS A 579 -34.92 11.55 21.60
C LYS A 579 -35.54 10.54 22.59
N MET A 580 -35.27 9.26 22.36
CA MET A 580 -35.50 8.25 23.38
C MET A 580 -34.63 8.61 24.60
N GLY A 581 -35.19 8.53 25.80
CA GLY A 581 -34.54 9.15 26.95
C GLY A 581 -33.31 8.48 27.54
N PHE A 582 -32.85 7.39 26.94
CA PHE A 582 -31.76 6.62 27.54
C PHE A 582 -30.46 6.69 26.72
N VAL A 583 -30.34 7.68 25.85
CA VAL A 583 -29.14 7.87 25.07
C VAL A 583 -28.43 9.18 25.41
N ASP A 584 -27.13 9.07 25.67
CA ASP A 584 -26.27 10.23 25.83
C ASP A 584 -25.89 10.74 24.44
N ASN A 585 -26.47 11.86 24.03
CA ASN A 585 -26.26 12.35 22.67
C ASN A 585 -24.86 12.90 22.43
N LYS A 586 -24.08 13.04 23.50
CA LYS A 586 -22.70 13.50 23.37
C LYS A 586 -21.77 12.36 22.96
N ARG A 587 -22.20 11.12 23.20
CA ARG A 587 -21.40 9.96 22.81
C ARG A 587 -22.16 9.05 21.86
N ILE A 588 -22.33 9.46 20.61
CA ILE A 588 -22.85 8.56 19.59
C ILE A 588 -21.79 8.27 18.53
N ALA A 589 -21.45 7.00 18.36
CA ALA A 589 -20.47 6.61 17.35
C ALA A 589 -21.10 5.87 16.15
N ILE A 590 -20.28 5.45 15.20
CA ILE A 590 -20.80 4.76 14.02
C ILE A 590 -19.68 3.98 13.32
N TRP A 591 -19.97 2.75 12.89
CA TRP A 591 -18.97 1.96 12.18
C TRP A 591 -19.65 1.02 11.19
N GLY A 592 -18.87 0.49 10.26
CA GLY A 592 -19.38 -0.37 9.22
C GLY A 592 -18.24 -0.91 8.38
N TRP A 593 -18.48 -2.05 7.76
CA TRP A 593 -17.48 -2.72 6.94
C TRP A 593 -18.01 -2.79 5.50
N SER A 594 -17.10 -2.85 4.53
CA SER A 594 -17.46 -2.92 3.14
C SER A 594 -18.44 -1.80 2.78
N TYR A 595 -19.60 -2.12 2.23
CA TYR A 595 -20.59 -1.09 1.97
C TYR A 595 -20.88 -0.29 3.25
N GLY A 596 -20.80 -0.94 4.41
CA GLY A 596 -20.97 -0.26 5.69
C GLY A 596 -19.92 0.82 5.94
N GLY A 597 -18.71 0.60 5.45
CA GLY A 597 -17.63 1.57 5.61
C GLY A 597 -17.85 2.81 4.74
N TYR A 598 -18.35 2.59 3.54
CA TYR A 598 -18.77 3.68 2.67
C TYR A 598 -19.80 4.56 3.40
N VAL A 599 -20.92 3.96 3.78
CA VAL A 599 -22.00 4.69 4.41
C VAL A 599 -21.54 5.41 5.67
N THR A 600 -20.82 4.68 6.52
CA THR A 600 -20.19 5.29 7.70
C THR A 600 -19.40 6.54 7.30
N SER A 601 -18.68 6.45 6.21
CA SER A 601 -17.85 7.58 5.81
C SER A 601 -18.73 8.74 5.39
N MET A 602 -19.73 8.45 4.56
CA MET A 602 -20.62 9.46 4.03
C MET A 602 -21.33 10.20 5.16
N VAL A 603 -21.72 9.45 6.18
CA VAL A 603 -22.36 9.99 7.36
C VAL A 603 -21.39 10.87 8.13
N LEU A 604 -20.20 10.35 8.42
CA LEU A 604 -19.21 11.12 9.16
C LEU A 604 -18.91 12.43 8.43
N GLY A 605 -19.05 12.40 7.11
CA GLY A 605 -18.71 13.52 6.25
C GLY A 605 -19.90 14.36 5.86
N SER A 606 -21.03 14.08 6.50
CA SER A 606 -22.27 14.79 6.20
C SER A 606 -22.32 16.14 6.91
N GLY A 607 -21.56 16.27 7.99
CA GLY A 607 -21.63 17.47 8.81
C GLY A 607 -22.93 17.62 9.59
N SER A 608 -23.51 16.52 10.05
CA SER A 608 -24.75 16.56 10.78
C SER A 608 -24.47 16.86 12.25
N GLY A 609 -23.24 16.61 12.67
CA GLY A 609 -22.86 16.83 14.06
C GLY A 609 -23.53 15.89 15.04
N VAL A 610 -24.07 14.78 14.54
CA VAL A 610 -24.72 13.80 15.40
C VAL A 610 -23.71 12.79 15.93
N PHE A 611 -22.66 12.55 15.15
CA PHE A 611 -21.66 11.57 15.49
C PHE A 611 -20.33 12.17 15.93
N LYS A 612 -19.95 11.85 17.16
CA LYS A 612 -18.67 12.24 17.69
C LYS A 612 -17.52 11.55 16.97
N CYS A 613 -17.74 10.31 16.53
CA CYS A 613 -16.68 9.54 15.90
C CYS A 613 -17.22 8.31 15.17
N GLY A 614 -16.35 7.63 14.45
CA GLY A 614 -16.73 6.47 13.67
C GLY A 614 -15.56 5.70 13.09
N ILE A 615 -15.81 4.44 12.73
CA ILE A 615 -14.79 3.61 12.07
C ILE A 615 -15.32 3.08 10.74
N ALA A 616 -14.47 3.11 9.73
CA ALA A 616 -14.80 2.56 8.43
C ALA A 616 -13.80 1.48 8.11
N VAL A 617 -14.28 0.30 7.78
CA VAL A 617 -13.36 -0.79 7.43
C VAL A 617 -13.57 -1.14 5.97
N ALA A 618 -12.47 -1.19 5.21
CA ALA A 618 -12.49 -1.54 3.79
C ALA A 618 -13.66 -0.93 3.02
N PRO A 619 -13.89 0.38 3.18
CA PRO A 619 -15.07 1.04 2.62
C PRO A 619 -14.92 1.31 1.13
N VAL A 620 -16.03 1.45 0.41
CA VAL A 620 -15.96 2.02 -0.93
C VAL A 620 -15.84 3.53 -0.76
N SER A 621 -15.06 4.19 -1.62
CA SER A 621 -14.89 5.66 -1.56
C SER A 621 -15.53 6.36 -2.77
N ARG A 622 -15.56 5.67 -3.90
CA ARG A 622 -16.33 6.14 -5.03
C ARG A 622 -16.61 5.02 -6.01
N TRP A 623 -17.77 5.08 -6.61
CA TRP A 623 -18.33 3.91 -7.27
C TRP A 623 -17.61 3.40 -8.51
N GLU A 624 -16.76 4.23 -9.11
CA GLU A 624 -16.04 3.80 -10.30
C GLU A 624 -14.94 2.83 -9.91
N TYR A 625 -14.58 2.86 -8.63
CA TYR A 625 -13.55 1.98 -8.13
C TYR A 625 -14.04 0.53 -7.96
N TYR A 626 -15.36 0.35 -7.82
CA TYR A 626 -15.91 -0.99 -7.55
C TYR A 626 -16.32 -1.73 -8.83
N ASP A 627 -16.77 -2.97 -8.69
CA ASP A 627 -16.97 -3.81 -9.88
C ASP A 627 -18.22 -3.48 -10.69
N SER A 628 -18.15 -3.79 -11.98
CA SER A 628 -19.23 -3.50 -12.92
C SER A 628 -20.56 -4.16 -12.47
N VAL A 629 -20.55 -5.47 -12.30
CA VAL A 629 -21.79 -6.19 -12.08
C VAL A 629 -22.56 -5.64 -10.89
N TYR A 630 -21.83 -5.31 -9.83
CA TYR A 630 -22.49 -4.87 -8.62
C TYR A 630 -22.88 -3.41 -8.73
N THR A 631 -21.94 -2.59 -9.17
CA THR A 631 -22.15 -1.15 -9.23
C THR A 631 -23.20 -0.75 -10.27
N GLU A 632 -23.06 -1.24 -11.50
CA GLU A 632 -23.96 -0.79 -12.57
C GLU A 632 -25.38 -1.24 -12.31
N ARG A 633 -25.51 -2.26 -11.47
CA ARG A 633 -26.82 -2.76 -11.10
C ARG A 633 -27.64 -1.65 -10.44
N TYR A 634 -27.01 -0.87 -9.56
CA TYR A 634 -27.70 0.21 -8.84
C TYR A 634 -27.44 1.60 -9.44
N MET A 635 -26.36 1.76 -10.20
CA MET A 635 -25.92 3.09 -10.60
C MET A 635 -25.92 3.35 -12.11
N GLY A 636 -26.19 2.33 -12.91
CA GLY A 636 -26.10 2.46 -14.35
C GLY A 636 -24.65 2.61 -14.76
N LEU A 637 -24.42 3.21 -15.91
CA LEU A 637 -23.06 3.50 -16.37
C LEU A 637 -22.63 4.92 -15.97
N PRO A 638 -21.32 5.10 -15.69
CA PRO A 638 -20.78 6.42 -15.33
C PRO A 638 -20.52 7.29 -16.55
N THR A 639 -21.51 7.43 -17.42
CA THR A 639 -21.36 8.24 -18.62
C THR A 639 -22.28 9.42 -18.56
N PRO A 640 -21.93 10.48 -19.30
CA PRO A 640 -22.73 11.71 -19.40
C PRO A 640 -24.16 11.41 -19.84
N GLU A 641 -24.32 10.50 -20.80
CA GLU A 641 -25.65 10.04 -21.22
C GLU A 641 -26.37 9.16 -20.18
N ASP A 642 -25.64 8.70 -19.18
CA ASP A 642 -26.26 7.88 -18.14
C ASP A 642 -26.23 8.56 -16.77
N ASN A 643 -25.53 7.96 -15.81
CA ASN A 643 -25.61 8.40 -14.41
C ASN A 643 -24.30 8.99 -13.85
N LEU A 644 -23.36 9.34 -14.72
CA LEU A 644 -22.06 9.86 -14.28
C LEU A 644 -22.16 11.00 -13.26
N ASP A 645 -23.09 11.91 -13.48
CA ASP A 645 -23.30 13.00 -12.54
C ASP A 645 -23.42 12.47 -11.12
N HIS A 646 -24.34 11.53 -10.89
CA HIS A 646 -24.47 11.00 -9.54
C HIS A 646 -23.30 10.13 -9.06
N TYR A 647 -22.64 9.41 -9.97
CA TYR A 647 -21.36 8.80 -9.62
C TYR A 647 -20.46 9.83 -8.94
N ARG A 648 -20.39 11.03 -9.54
CA ARG A 648 -19.46 12.08 -9.09
C ARG A 648 -19.95 12.85 -7.86
N ASN A 649 -21.27 12.97 -7.69
CA ASN A 649 -21.83 13.67 -6.54
C ASN A 649 -21.84 12.77 -5.28
N SER A 650 -21.36 11.52 -5.42
CA SER A 650 -21.50 10.53 -4.36
C SER A 650 -20.19 9.89 -3.85
N THR A 651 -19.07 10.60 -3.99
CA THR A 651 -17.79 10.12 -3.47
C THR A 651 -17.62 10.50 -2.00
N VAL A 652 -16.75 9.77 -1.29
CA VAL A 652 -16.37 10.17 0.06
C VAL A 652 -15.40 11.38 0.04
N MET A 653 -14.40 11.29 -0.83
CA MET A 653 -13.44 12.38 -1.03
C MET A 653 -14.06 13.77 -1.00
N SER A 654 -15.11 13.96 -1.79
CA SER A 654 -15.74 15.27 -1.95
C SER A 654 -16.34 15.83 -0.64
N ARG A 655 -16.25 15.06 0.45
CA ARG A 655 -16.77 15.51 1.75
C ARG A 655 -15.66 15.72 2.77
N ALA A 656 -14.41 15.57 2.34
CA ALA A 656 -13.25 15.61 3.23
C ALA A 656 -13.25 16.75 4.28
N GLU A 657 -13.65 17.97 3.88
CA GLU A 657 -13.69 19.12 4.80
C GLU A 657 -14.51 18.85 6.06
N ASN A 658 -15.61 18.13 5.91
CA ASN A 658 -16.53 17.99 7.01
C ASN A 658 -15.99 17.05 8.08
N PHE A 659 -14.96 16.29 7.72
CA PHE A 659 -14.32 15.38 8.64
C PHE A 659 -13.55 16.07 9.76
N LYS A 660 -13.34 17.38 9.65
CA LYS A 660 -12.73 18.09 10.77
C LYS A 660 -13.71 18.18 11.97
N GLN A 661 -14.95 17.74 11.78
CA GLN A 661 -15.92 17.73 12.88
C GLN A 661 -15.94 16.42 13.65
N VAL A 662 -15.17 15.42 13.20
CA VAL A 662 -15.27 14.10 13.79
C VAL A 662 -13.93 13.42 14.01
N GLU A 663 -13.93 12.36 14.82
CA GLU A 663 -12.78 11.49 14.95
C GLU A 663 -13.02 10.29 14.07
N TYR A 664 -12.09 10.03 13.17
CA TYR A 664 -12.32 9.05 12.13
C TYR A 664 -11.20 8.06 12.11
N LEU A 665 -11.54 6.78 12.00
CA LEU A 665 -10.55 5.71 11.91
C LEU A 665 -10.78 4.91 10.64
N LEU A 666 -9.82 4.97 9.74
CA LEU A 666 -9.89 4.28 8.45
C LEU A 666 -8.97 3.06 8.45
N ILE A 667 -9.52 1.90 8.07
CA ILE A 667 -8.77 0.67 8.13
C ILE A 667 -8.99 -0.06 6.84
N HIS A 668 -7.94 -0.70 6.32
CA HIS A 668 -8.07 -1.44 5.07
C HIS A 668 -6.94 -2.45 4.89
N GLY A 669 -7.24 -3.61 4.30
CA GLY A 669 -6.22 -4.60 4.01
C GLY A 669 -5.51 -4.34 2.67
N THR A 670 -4.19 -4.50 2.65
CA THR A 670 -3.42 -4.09 1.48
C THR A 670 -3.58 -5.05 0.32
N ALA A 671 -3.95 -6.28 0.61
CA ALA A 671 -4.14 -7.25 -0.46
C ALA A 671 -5.62 -7.48 -0.74
N ASP A 672 -6.44 -6.47 -0.43
CA ASP A 672 -7.88 -6.55 -0.66
C ASP A 672 -8.20 -6.53 -2.14
N ASP A 673 -8.57 -7.70 -2.65
CA ASP A 673 -8.83 -7.92 -4.06
C ASP A 673 -10.22 -7.45 -4.44
N ASN A 674 -10.99 -6.97 -3.48
CA ASN A 674 -12.42 -6.82 -3.70
C ASN A 674 -12.78 -5.36 -3.62
N VAL A 675 -12.64 -4.79 -2.44
CA VAL A 675 -12.64 -3.35 -2.31
C VAL A 675 -11.17 -2.96 -2.22
N HIS A 676 -10.60 -2.61 -3.36
CA HIS A 676 -9.16 -2.34 -3.50
C HIS A 676 -8.64 -1.30 -2.51
N PHE A 677 -7.43 -1.53 -2.01
CA PHE A 677 -6.86 -0.59 -1.06
C PHE A 677 -6.95 0.85 -1.62
N GLN A 678 -6.76 0.98 -2.94
CA GLN A 678 -7.03 2.22 -3.64
C GLN A 678 -8.14 3.07 -3.02
N GLN A 679 -9.27 2.44 -2.70
CA GLN A 679 -10.43 3.20 -2.26
C GLN A 679 -10.11 3.97 -0.99
N SER A 680 -9.37 3.35 -0.08
CA SER A 680 -8.96 4.06 1.12
C SER A 680 -7.76 4.98 0.83
N ALA A 681 -6.86 4.57 -0.07
CA ALA A 681 -5.74 5.42 -0.43
C ALA A 681 -6.22 6.79 -0.94
N GLN A 682 -7.32 6.79 -1.68
CA GLN A 682 -7.94 8.04 -2.12
C GLN A 682 -8.69 8.75 -1.01
N ILE A 683 -9.16 8.03 -0.01
CA ILE A 683 -9.87 8.73 1.05
C ILE A 683 -8.86 9.56 1.82
N SER A 684 -7.73 8.94 2.18
CA SER A 684 -6.75 9.60 3.04
C SER A 684 -6.07 10.78 2.34
N LYS A 685 -5.74 10.61 1.06
CA LYS A 685 -5.17 11.69 0.30
C LYS A 685 -6.11 12.89 0.28
N ALA A 686 -7.43 12.65 0.21
CA ALA A 686 -8.37 13.76 0.22
C ALA A 686 -8.41 14.45 1.58
N LEU A 687 -8.30 13.67 2.65
CA LEU A 687 -8.29 14.22 4.00
C LEU A 687 -7.03 15.05 4.29
N VAL A 688 -5.87 14.48 3.97
CA VAL A 688 -4.60 15.21 3.96
C VAL A 688 -4.64 16.49 3.13
N ASP A 689 -5.13 16.40 1.90
CA ASP A 689 -5.08 17.57 1.01
C ASP A 689 -5.83 18.77 1.55
N VAL A 690 -6.80 18.52 2.42
CA VAL A 690 -7.69 19.54 2.95
C VAL A 690 -7.39 19.84 4.46
N GLY A 691 -6.36 19.21 5.00
CA GLY A 691 -5.90 19.51 6.35
C GLY A 691 -6.61 18.89 7.53
N VAL A 692 -7.19 17.71 7.34
CA VAL A 692 -7.97 17.09 8.40
C VAL A 692 -7.21 15.96 9.04
N ASP A 693 -7.06 16.02 10.36
CA ASP A 693 -6.40 14.94 11.06
C ASP A 693 -7.39 13.77 11.24
N PHE A 694 -6.85 12.55 11.18
CA PHE A 694 -7.64 11.34 11.36
C PHE A 694 -6.70 10.21 11.76
N GLN A 695 -7.28 9.07 12.11
CA GLN A 695 -6.51 7.92 12.54
C GLN A 695 -6.59 6.79 11.50
N ALA A 696 -5.54 6.00 11.38
CA ALA A 696 -5.50 5.01 10.31
C ALA A 696 -4.78 3.75 10.68
N MET A 697 -5.06 2.70 9.94
CA MET A 697 -4.41 1.42 10.12
C MET A 697 -4.55 0.58 8.87
N TRP A 698 -3.42 0.13 8.34
CA TRP A 698 -3.40 -0.78 7.21
C TRP A 698 -3.09 -2.20 7.72
N TYR A 699 -3.49 -3.22 6.96
CA TYR A 699 -3.19 -4.61 7.34
C TYR A 699 -2.45 -5.31 6.22
N THR A 700 -1.15 -5.49 6.41
CA THR A 700 -0.29 -6.11 5.39
C THR A 700 -0.78 -7.49 4.93
N ASP A 701 -1.17 -7.58 3.66
CA ASP A 701 -1.48 -8.87 3.01
C ASP A 701 -2.85 -9.49 3.37
N GLU A 702 -3.69 -8.71 4.05
CA GLU A 702 -5.05 -9.12 4.35
C GLU A 702 -5.96 -8.72 3.22
N ASP A 703 -6.97 -9.55 2.92
CA ASP A 703 -7.96 -9.22 1.89
C ASP A 703 -9.17 -8.54 2.53
N HIS A 704 -10.29 -8.51 1.82
CA HIS A 704 -11.51 -7.86 2.34
C HIS A 704 -12.00 -8.40 3.68
N GLY A 705 -11.65 -9.65 3.97
CA GLY A 705 -12.10 -10.30 5.19
C GLY A 705 -11.27 -9.95 6.42
N ILE A 706 -10.02 -9.50 6.23
CA ILE A 706 -9.11 -9.31 7.35
C ILE A 706 -9.39 -10.38 8.41
N ALA A 707 -9.23 -11.63 8.01
CA ALA A 707 -9.77 -12.75 8.78
C ALA A 707 -8.71 -13.75 9.21
N SER A 708 -7.46 -13.52 8.86
CA SER A 708 -6.44 -14.35 9.45
C SER A 708 -6.64 -14.22 10.96
N SER A 709 -6.36 -15.29 11.69
CA SER A 709 -6.55 -15.31 13.12
C SER A 709 -5.89 -14.12 13.85
N THR A 710 -4.66 -13.80 13.44
CA THR A 710 -3.92 -12.71 14.09
C THR A 710 -4.47 -11.32 13.75
N ALA A 711 -4.79 -11.11 12.48
CA ALA A 711 -5.29 -9.82 12.03
C ALA A 711 -6.69 -9.57 12.62
N HIS A 712 -7.53 -10.61 12.58
CA HIS A 712 -8.89 -10.54 13.11
C HIS A 712 -8.85 -10.08 14.54
N GLN A 713 -8.03 -10.76 15.33
CA GLN A 713 -7.81 -10.34 16.70
C GLN A 713 -7.27 -8.90 16.76
N HIS A 714 -6.29 -8.60 15.91
CA HIS A 714 -5.63 -7.30 15.99
C HIS A 714 -6.59 -6.16 15.69
N ILE A 715 -7.42 -6.31 14.65
CA ILE A 715 -8.30 -5.20 14.25
C ILE A 715 -9.34 -4.93 15.33
N TYR A 716 -9.97 -5.98 15.86
CA TYR A 716 -11.01 -5.77 16.85
C TYR A 716 -10.42 -5.20 18.13
N THR A 717 -9.19 -5.57 18.43
CA THR A 717 -8.51 -4.95 19.57
C THR A 717 -8.26 -3.47 19.29
N HIS A 718 -7.77 -3.14 18.08
CA HIS A 718 -7.52 -1.74 17.73
C HIS A 718 -8.81 -0.90 17.79
N MET A 719 -9.89 -1.42 17.23
CA MET A 719 -11.16 -0.70 17.22
C MET A 719 -11.78 -0.53 18.61
N SER A 720 -11.58 -1.52 19.48
CA SER A 720 -12.09 -1.42 20.84
C SER A 720 -11.41 -0.24 21.55
N HIS A 721 -10.09 -0.18 21.47
CA HIS A 721 -9.35 0.95 22.02
C HIS A 721 -9.92 2.27 21.54
N PHE A 722 -10.18 2.36 20.24
CA PHE A 722 -10.61 3.62 19.64
C PHE A 722 -11.97 4.08 20.13
N ILE A 723 -12.92 3.15 20.16
CA ILE A 723 -14.28 3.37 20.63
C ILE A 723 -14.28 3.74 22.11
N LYS A 724 -13.49 3.01 22.89
CA LYS A 724 -13.37 3.33 24.31
C LYS A 724 -12.87 4.76 24.52
N GLN A 725 -11.74 5.11 23.89
CA GLN A 725 -11.19 6.48 23.96
C GLN A 725 -12.30 7.48 23.69
N CYS A 726 -12.93 7.31 22.54
CA CYS A 726 -14.03 8.15 22.08
C CYS A 726 -15.10 8.32 23.15
N PHE A 727 -15.32 7.29 23.95
CA PHE A 727 -16.42 7.30 24.91
C PHE A 727 -15.95 7.60 26.33
N SER A 728 -14.64 7.77 26.51
CA SER A 728 -14.07 8.07 27.83
C SER A 728 -14.32 6.88 28.76
N LEU A 729 -14.36 5.68 28.18
CA LEU A 729 -14.57 4.46 28.94
C LEU A 729 -13.28 3.90 29.54
N PRO A 730 -13.37 3.27 30.73
CA PRO A 730 -12.23 2.61 31.39
C PRO A 730 -11.97 1.21 30.80
N ARG B 4 5.86 38.34 25.16
CA ARG B 4 6.26 37.63 23.95
C ARG B 4 5.38 36.38 23.75
N LYS B 5 5.18 36.00 22.49
CA LYS B 5 4.46 34.78 22.17
C LYS B 5 5.45 33.65 21.89
N THR B 6 4.94 32.46 21.62
CA THR B 6 5.79 31.29 21.49
C THR B 6 6.03 30.94 20.01
N TYR B 7 6.96 30.03 19.74
CA TYR B 7 7.17 29.58 18.37
C TYR B 7 6.35 28.33 18.12
N THR B 8 5.18 28.53 17.51
CA THR B 8 4.14 27.50 17.41
C THR B 8 4.33 26.54 16.23
N LEU B 9 3.61 25.42 16.26
CA LEU B 9 3.61 24.51 15.13
C LEU B 9 3.24 25.20 13.81
N THR B 10 2.22 26.06 13.84
CA THR B 10 1.85 26.84 12.66
C THR B 10 2.98 27.67 12.09
N ASP B 11 3.76 28.30 12.98
CA ASP B 11 4.89 29.10 12.53
C ASP B 11 5.84 28.23 11.72
N TYR B 12 6.14 27.07 12.28
CA TYR B 12 6.96 26.09 11.59
C TYR B 12 6.37 25.70 10.23
N LEU B 13 5.11 25.30 10.21
CA LEU B 13 4.52 24.80 8.96
C LEU B 13 4.20 25.86 7.92
N LYS B 14 4.01 27.10 8.38
CA LYS B 14 3.67 28.21 7.50
C LYS B 14 4.92 29.03 7.14
N ASN B 15 6.03 28.72 7.80
CA ASN B 15 7.30 29.38 7.52
C ASN B 15 7.20 30.86 7.84
N THR B 16 6.60 31.17 8.98
CA THR B 16 6.44 32.55 9.39
C THR B 16 7.78 33.25 9.60
N TYR B 17 8.76 32.50 10.08
CA TYR B 17 10.08 33.09 10.31
C TYR B 17 11.12 32.55 9.35
N ARG B 18 11.37 33.31 8.29
CA ARG B 18 12.17 32.82 7.18
C ARG B 18 13.62 33.20 7.31
N LEU B 19 14.49 32.24 7.05
CA LEU B 19 15.91 32.52 6.95
C LEU B 19 16.19 33.09 5.58
N LYS B 20 16.98 34.15 5.52
CA LYS B 20 17.42 34.70 4.24
C LYS B 20 18.74 34.08 3.81
N LEU B 21 18.93 34.00 2.51
CA LEU B 21 20.14 33.40 1.96
C LEU B 21 20.83 34.38 1.02
N TYR B 22 22.02 34.01 0.57
CA TYR B 22 22.71 34.74 -0.47
C TYR B 22 23.38 33.76 -1.41
N SER B 23 22.62 33.28 -2.38
CA SER B 23 23.12 32.29 -3.30
C SER B 23 23.71 33.00 -4.52
N LEU B 24 25.00 32.80 -4.73
CA LEU B 24 25.67 33.42 -5.87
C LEU B 24 26.36 32.38 -6.72
N ARG B 25 26.58 32.72 -7.98
CA ARG B 25 27.38 31.86 -8.85
C ARG B 25 28.59 32.64 -9.37
N TRP B 26 29.79 32.20 -9.03
CA TRP B 26 30.99 32.78 -9.63
C TRP B 26 31.04 32.50 -11.12
N ILE B 27 31.19 33.58 -11.87
CA ILE B 27 31.20 33.54 -13.32
C ILE B 27 32.62 33.78 -13.83
N SER B 28 33.50 34.21 -12.94
CA SER B 28 34.90 34.43 -13.27
C SER B 28 35.67 34.63 -11.99
N ASP B 29 36.91 35.05 -12.16
CA ASP B 29 37.78 35.30 -11.03
C ASP B 29 37.30 36.49 -10.19
N HIS B 30 36.36 37.29 -10.68
CA HIS B 30 36.03 38.50 -9.95
C HIS B 30 34.58 38.97 -10.06
N GLU B 31 33.77 38.27 -10.84
CA GLU B 31 32.35 38.57 -10.92
C GLU B 31 31.52 37.36 -10.51
N TYR B 32 30.38 37.63 -9.89
CA TYR B 32 29.39 36.59 -9.62
C TYR B 32 27.97 37.04 -9.98
N LEU B 33 27.11 36.07 -10.27
CA LEU B 33 25.71 36.33 -10.59
C LEU B 33 24.84 36.17 -9.36
N TYR B 34 23.83 37.01 -9.24
CA TYR B 34 22.98 36.98 -8.07
C TYR B 34 21.59 37.34 -8.52
N LYS B 35 20.58 36.56 -8.12
CA LYS B 35 19.19 36.85 -8.49
C LYS B 35 18.45 37.51 -7.33
N GLN B 36 17.84 38.65 -7.63
CA GLN B 36 17.21 39.47 -6.60
C GLN B 36 15.92 40.05 -7.17
N GLU B 37 14.79 39.61 -6.60
CA GLU B 37 13.48 39.99 -7.14
C GLU B 37 13.37 39.50 -8.59
N ASN B 38 13.84 38.29 -8.87
CA ASN B 38 13.84 37.74 -10.22
C ASN B 38 14.67 38.54 -11.26
N ASN B 39 15.37 39.56 -10.82
CA ASN B 39 16.34 40.24 -11.66
C ASN B 39 17.70 39.58 -11.54
N ILE B 40 18.27 39.15 -12.65
CA ILE B 40 19.60 38.56 -12.61
C ILE B 40 20.70 39.61 -12.74
N LEU B 41 21.53 39.69 -11.69
CA LEU B 41 22.55 40.73 -11.59
C LEU B 41 23.96 40.18 -11.71
N VAL B 42 24.85 41.00 -12.27
CA VAL B 42 26.28 40.73 -12.21
C VAL B 42 26.87 41.59 -11.09
N PHE B 43 27.82 41.04 -10.35
CA PHE B 43 28.49 41.77 -9.28
C PHE B 43 29.99 41.75 -9.48
N ASN B 44 30.62 42.89 -9.20
CA ASN B 44 32.06 43.00 -9.17
C ASN B 44 32.51 42.82 -7.73
N ALA B 45 33.38 41.84 -7.51
CA ALA B 45 33.67 41.40 -6.14
C ALA B 45 34.52 42.41 -5.37
N GLU B 46 35.48 43.01 -6.06
CA GLU B 46 36.40 43.94 -5.44
C GLU B 46 35.67 45.18 -4.94
N TYR B 47 34.76 45.70 -5.74
CA TYR B 47 34.16 47.00 -5.44
C TYR B 47 32.70 46.97 -5.02
N GLY B 48 32.02 45.87 -5.31
CA GLY B 48 30.65 45.65 -4.87
C GLY B 48 29.59 46.21 -5.81
N ASN B 49 30.03 46.86 -6.89
CA ASN B 49 29.05 47.46 -7.79
C ASN B 49 28.43 46.40 -8.67
N SER B 50 27.32 46.72 -9.34
CA SER B 50 26.58 45.71 -10.08
C SER B 50 25.81 46.21 -11.28
N SER B 51 25.30 45.28 -12.08
CA SER B 51 24.51 45.60 -13.27
C SER B 51 23.38 44.61 -13.45
N VAL B 52 22.24 45.10 -13.92
CA VAL B 52 21.16 44.20 -14.25
C VAL B 52 21.56 43.48 -15.53
N PHE B 53 21.92 42.21 -15.39
CA PHE B 53 22.27 41.38 -16.51
C PHE B 53 21.02 40.96 -17.28
N LEU B 54 19.90 40.80 -16.57
CA LEU B 54 18.63 40.47 -17.21
C LEU B 54 17.45 40.88 -16.32
N GLU B 55 16.58 41.75 -16.84
CA GLU B 55 15.44 42.27 -16.09
C GLU B 55 14.33 41.24 -15.92
N ASN B 56 13.73 41.19 -14.74
CA ASN B 56 12.62 40.26 -14.50
C ASN B 56 11.52 40.42 -15.55
N SER B 57 11.31 41.65 -16.01
CA SER B 57 10.34 41.93 -17.04
C SER B 57 10.54 41.08 -18.30
N THR B 58 11.76 40.61 -18.52
CA THR B 58 12.18 40.15 -19.86
C THR B 58 11.35 39.06 -20.51
N PHE B 59 10.79 38.15 -19.72
CA PHE B 59 10.04 37.04 -20.29
C PHE B 59 8.59 37.03 -19.86
N ASP B 60 8.04 38.21 -19.64
CA ASP B 60 6.68 38.28 -19.12
C ASP B 60 5.66 37.69 -20.09
N GLU B 61 5.99 37.70 -21.38
CA GLU B 61 5.10 37.12 -22.40
C GLU B 61 5.52 35.71 -22.81
N PHE B 62 6.57 35.19 -22.18
CA PHE B 62 7.13 33.90 -22.52
C PHE B 62 6.10 32.78 -22.77
N GLY B 63 5.11 32.65 -21.90
CA GLY B 63 4.04 31.70 -22.15
C GLY B 63 4.02 30.50 -21.21
N HIS B 64 5.16 30.20 -20.60
CA HIS B 64 5.23 29.16 -19.60
C HIS B 64 5.90 29.72 -18.37
N SER B 65 5.61 29.12 -17.22
CA SER B 65 6.35 29.46 -16.01
C SER B 65 7.77 28.92 -16.15
N ILE B 66 8.76 29.77 -15.88
CA ILE B 66 10.15 29.34 -16.04
C ILE B 66 10.69 28.83 -14.72
N ASN B 67 11.13 27.57 -14.73
CA ASN B 67 11.53 26.89 -13.51
C ASN B 67 12.94 27.25 -13.03
N ASP B 68 13.89 27.27 -13.96
CA ASP B 68 15.26 27.65 -13.62
C ASP B 68 15.87 28.25 -14.87
N TYR B 69 17.13 28.67 -14.78
CA TYR B 69 17.79 29.28 -15.91
C TYR B 69 19.25 28.90 -15.87
N SER B 70 19.86 28.81 -17.04
CA SER B 70 21.29 28.54 -17.09
C SER B 70 21.96 29.37 -18.18
N ILE B 71 22.88 30.22 -17.75
CA ILE B 71 23.57 31.14 -18.64
C ILE B 71 24.87 30.53 -19.12
N SER B 72 25.10 30.60 -20.44
CA SER B 72 26.30 30.03 -21.00
C SER B 72 27.49 30.72 -20.36
N PRO B 73 28.64 30.04 -20.31
CA PRO B 73 29.81 30.64 -19.64
C PRO B 73 30.18 31.98 -20.27
N ASP B 74 30.06 32.08 -21.59
CA ASP B 74 30.51 33.26 -22.32
C ASP B 74 29.47 34.36 -22.32
N GLY B 75 28.33 34.10 -21.67
CA GLY B 75 27.30 35.10 -21.48
C GLY B 75 26.50 35.45 -22.71
N GLN B 76 26.63 34.66 -23.77
CA GLN B 76 25.92 34.97 -25.01
C GLN B 76 24.54 34.34 -25.06
N PHE B 77 24.35 33.26 -24.31
CA PHE B 77 23.09 32.52 -24.30
C PHE B 77 22.60 32.17 -22.90
N ILE B 78 21.30 31.92 -22.79
CA ILE B 78 20.72 31.50 -21.53
C ILE B 78 19.65 30.47 -21.80
N LEU B 79 19.71 29.36 -21.07
CA LEU B 79 18.73 28.28 -21.19
C LEU B 79 17.51 28.54 -20.34
N LEU B 80 16.32 28.44 -20.93
CA LEU B 80 15.10 28.55 -20.14
C LEU B 80 14.51 27.15 -19.85
N GLU B 81 14.57 26.76 -18.58
CA GLU B 81 14.05 25.46 -18.17
C GLU B 81 12.61 25.63 -17.72
N TYR B 82 11.71 24.92 -18.39
CA TYR B 82 10.30 24.98 -18.04
C TYR B 82 9.65 23.61 -18.21
N ASN B 83 8.42 23.44 -17.74
CA ASN B 83 7.80 22.13 -17.75
C ASN B 83 8.58 21.08 -16.94
N TYR B 84 9.22 21.53 -15.86
CA TYR B 84 9.94 20.64 -14.96
C TYR B 84 9.03 19.57 -14.32
N VAL B 85 9.30 18.30 -14.59
CA VAL B 85 8.68 17.23 -13.80
C VAL B 85 9.74 16.50 -12.98
N LYS B 86 9.57 16.45 -11.65
CA LYS B 86 10.57 15.77 -10.80
C LYS B 86 10.57 14.25 -10.96
N GLN B 87 11.75 13.64 -10.96
CA GLN B 87 11.79 12.19 -10.79
C GLN B 87 12.25 11.82 -9.38
N TRP B 88 13.50 11.37 -9.23
CA TRP B 88 14.00 10.96 -7.93
C TRP B 88 14.61 12.13 -7.16
N ARG B 89 15.69 11.89 -6.44
CA ARG B 89 16.27 12.94 -5.61
C ARG B 89 16.87 14.05 -6.47
N HIS B 90 17.50 13.68 -7.59
CA HIS B 90 18.20 14.66 -8.41
C HIS B 90 17.64 14.74 -9.84
N SER B 91 17.22 13.59 -10.36
CA SER B 91 16.69 13.48 -11.73
C SER B 91 15.34 14.15 -11.96
N TYR B 92 15.16 14.64 -13.18
CA TYR B 92 13.88 15.19 -13.61
C TYR B 92 13.95 15.38 -15.10
N THR B 93 12.79 15.55 -15.76
CA THR B 93 12.79 16.00 -17.14
C THR B 93 12.15 17.38 -17.24
N ALA B 94 12.40 18.04 -18.36
CA ALA B 94 11.89 19.38 -18.57
C ALA B 94 12.02 19.77 -20.03
N SER B 95 11.39 20.90 -20.37
CA SER B 95 11.54 21.49 -21.69
C SER B 95 12.53 22.64 -21.62
N TYR B 96 13.15 22.96 -22.75
CA TYR B 96 14.15 24.04 -22.81
C TYR B 96 14.00 24.91 -24.05
N ASP B 97 14.05 26.21 -23.85
CA ASP B 97 14.24 27.17 -24.94
C ASP B 97 15.58 27.84 -24.72
N ILE B 98 16.18 28.32 -25.81
CA ILE B 98 17.42 29.10 -25.68
C ILE B 98 17.17 30.53 -26.16
N TYR B 99 17.67 31.48 -25.39
CA TYR B 99 17.50 32.89 -25.71
C TYR B 99 18.85 33.50 -26.07
N ASP B 100 18.91 34.16 -27.22
CA ASP B 100 20.16 34.79 -27.68
C ASP B 100 20.29 36.18 -27.09
N LEU B 101 21.31 36.39 -26.29
CA LEU B 101 21.44 37.67 -25.62
C LEU B 101 21.70 38.79 -26.64
N ASN B 102 22.70 38.61 -27.49
CA ASN B 102 22.93 39.55 -28.58
C ASN B 102 21.64 39.82 -29.33
N LYS B 103 21.28 38.94 -30.26
CA LYS B 103 20.09 39.15 -31.08
C LYS B 103 18.87 39.54 -30.26
N ARG B 104 18.91 39.22 -28.96
CA ARG B 104 17.80 39.45 -28.03
C ARG B 104 16.50 38.79 -28.49
N GLN B 105 16.61 37.53 -28.93
CA GLN B 105 15.44 36.76 -29.33
C GLN B 105 15.59 35.27 -28.97
N LEU B 106 14.50 34.53 -29.07
CA LEU B 106 14.48 33.09 -28.77
C LEU B 106 14.74 32.23 -30.00
N ILE B 107 15.87 31.54 -30.03
CA ILE B 107 16.15 30.60 -31.11
C ILE B 107 14.94 29.69 -31.32
N THR B 108 14.48 29.54 -32.55
CA THR B 108 13.21 28.86 -32.80
C THR B 108 13.26 27.60 -33.64
N GLU B 109 14.45 27.13 -34.01
CA GLU B 109 14.55 25.84 -34.70
C GLU B 109 15.79 25.04 -34.25
N GLU B 110 15.76 23.75 -34.54
CA GLU B 110 16.74 22.85 -33.94
C GLU B 110 16.62 22.95 -32.42
N ARG B 111 15.40 23.08 -31.92
CA ARG B 111 15.17 23.24 -30.49
C ARG B 111 15.55 21.99 -29.74
N ILE B 112 15.93 22.17 -28.47
CA ILE B 112 16.07 21.07 -27.51
C ILE B 112 14.70 20.43 -27.28
N PRO B 113 14.62 19.10 -27.46
CA PRO B 113 13.33 18.41 -27.44
C PRO B 113 12.62 18.49 -26.10
N ASN B 114 11.32 18.25 -26.11
CA ASN B 114 10.58 18.11 -24.88
C ASN B 114 10.98 16.80 -24.18
N ASN B 115 10.75 16.72 -22.88
CA ASN B 115 11.10 15.54 -22.11
C ASN B 115 12.61 15.24 -22.15
N THR B 116 13.39 16.29 -22.03
CA THR B 116 14.85 16.17 -22.01
C THR B 116 15.31 15.87 -20.60
N GLN B 117 16.37 15.07 -20.48
CA GLN B 117 16.75 14.48 -19.20
C GLN B 117 17.91 15.18 -18.52
N TRP B 118 18.78 15.77 -19.33
CA TRP B 118 19.86 16.55 -18.78
C TRP B 118 20.35 17.45 -19.88
N VAL B 119 20.72 18.68 -19.50
CA VAL B 119 21.46 19.60 -20.36
C VAL B 119 22.56 20.26 -19.58
N THR B 120 23.72 20.40 -20.19
CA THR B 120 24.77 21.21 -19.61
C THR B 120 25.52 22.00 -20.69
N TRP B 121 25.84 23.26 -20.40
CA TRP B 121 26.77 24.03 -21.23
C TRP B 121 28.16 23.42 -21.10
N SER B 122 28.97 23.56 -22.13
CA SER B 122 30.39 23.24 -22.00
C SER B 122 30.94 24.19 -20.94
N PRO B 123 32.15 23.92 -20.43
CA PRO B 123 32.70 24.76 -19.36
C PRO B 123 33.12 26.15 -19.87
N VAL B 124 33.48 26.26 -21.14
CA VAL B 124 33.78 27.55 -21.78
C VAL B 124 33.03 27.63 -23.10
N GLY B 125 32.47 28.80 -23.40
CA GLY B 125 31.80 28.99 -24.68
C GLY B 125 30.31 28.78 -24.62
N HIS B 126 29.77 28.07 -25.61
CA HIS B 126 28.34 27.80 -25.64
C HIS B 126 27.95 26.52 -26.41
N LYS B 127 28.79 25.50 -26.35
CA LYS B 127 28.36 24.17 -26.82
C LYS B 127 27.33 23.61 -25.85
N LEU B 128 26.64 22.55 -26.26
CA LEU B 128 25.62 21.94 -25.43
C LEU B 128 25.67 20.43 -25.51
N ALA B 129 25.53 19.80 -24.35
CA ALA B 129 25.29 18.38 -24.31
C ALA B 129 23.90 18.18 -23.70
N TYR B 130 23.13 17.25 -24.24
CA TYR B 130 21.85 16.91 -23.60
C TYR B 130 21.45 15.44 -23.77
N VAL B 131 20.55 14.98 -22.92
CA VAL B 131 20.13 13.58 -22.94
C VAL B 131 18.63 13.47 -23.15
N TRP B 132 18.24 12.70 -24.16
CA TRP B 132 16.83 12.55 -24.51
C TRP B 132 16.57 11.12 -24.98
N ASN B 133 15.60 10.46 -24.36
CA ASN B 133 15.42 9.02 -24.55
C ASN B 133 16.70 8.22 -24.29
N ASN B 134 17.38 8.56 -23.20
CA ASN B 134 18.55 7.83 -22.77
C ASN B 134 19.75 7.88 -23.70
N ASP B 135 19.71 8.79 -24.66
CA ASP B 135 20.83 8.97 -25.59
C ASP B 135 21.41 10.37 -25.52
N ILE B 136 22.69 10.47 -25.85
CA ILE B 136 23.42 11.73 -25.78
C ILE B 136 23.45 12.49 -27.12
N TYR B 137 23.20 13.80 -27.04
CA TYR B 137 23.24 14.68 -28.22
C TYR B 137 24.08 15.93 -27.93
N VAL B 138 24.67 16.50 -28.99
CA VAL B 138 25.53 17.66 -28.85
C VAL B 138 25.21 18.74 -29.87
N LYS B 139 25.18 19.99 -29.40
CA LYS B 139 24.98 21.15 -30.26
C LYS B 139 26.18 22.08 -30.15
N ILE B 140 26.88 22.33 -31.25
CA ILE B 140 28.03 23.23 -31.21
C ILE B 140 27.55 24.68 -31.14
N GLU B 141 26.43 24.93 -31.81
CA GLU B 141 25.80 26.24 -31.76
C GLU B 141 24.31 26.03 -31.53
N PRO B 142 23.70 26.91 -30.72
CA PRO B 142 22.29 26.82 -30.31
C PRO B 142 21.29 26.73 -31.47
N ASN B 143 21.62 27.31 -32.61
CA ASN B 143 20.71 27.29 -33.76
C ASN B 143 20.94 26.10 -34.68
N LEU B 144 22.16 25.57 -34.69
CA LEU B 144 22.48 24.44 -35.56
C LEU B 144 21.88 23.14 -35.05
N PRO B 145 21.68 22.18 -35.95
CA PRO B 145 21.15 20.87 -35.54
C PRO B 145 22.18 20.06 -34.77
N SER B 146 21.72 19.32 -33.78
CA SER B 146 22.61 18.53 -32.92
C SER B 146 23.12 17.26 -33.58
N TYR B 147 24.21 16.74 -33.04
CA TYR B 147 24.75 15.45 -33.45
C TYR B 147 24.41 14.38 -32.41
N ARG B 148 23.95 13.22 -32.86
CA ARG B 148 23.66 12.10 -31.95
C ARG B 148 24.93 11.30 -31.63
N ILE B 149 25.33 11.33 -30.36
CA ILE B 149 26.52 10.64 -29.90
C ILE B 149 26.31 9.15 -29.60
N THR B 150 25.13 8.79 -29.09
CA THR B 150 24.81 7.39 -28.80
C THR B 150 23.45 6.98 -29.33
N TRP B 151 23.32 5.70 -29.67
CA TRP B 151 22.10 5.18 -30.28
C TRP B 151 21.55 4.03 -29.48
N THR B 152 22.22 3.69 -28.39
CA THR B 152 21.85 2.51 -27.60
C THR B 152 20.83 2.75 -26.49
N GLY B 153 20.41 3.99 -26.29
CA GLY B 153 19.57 4.30 -25.15
C GLY B 153 18.26 3.55 -25.17
N LYS B 154 17.87 2.98 -24.03
CA LYS B 154 16.57 2.34 -23.91
C LYS B 154 16.04 2.47 -22.49
N GLU B 155 14.82 2.99 -22.36
CA GLU B 155 14.25 3.23 -21.03
C GLU B 155 14.40 2.02 -20.09
N ASP B 156 14.87 2.28 -18.88
CA ASP B 156 14.99 1.26 -17.85
C ASP B 156 16.07 0.22 -18.14
N ILE B 157 16.70 0.31 -19.30
CA ILE B 157 17.72 -0.67 -19.68
C ILE B 157 19.11 -0.07 -19.97
N ILE B 158 19.23 0.75 -21.02
CA ILE B 158 20.51 1.38 -21.32
C ILE B 158 20.47 2.88 -21.00
N TYR B 159 21.39 3.33 -20.15
CA TYR B 159 21.48 4.73 -19.76
C TYR B 159 22.77 5.36 -20.27
N ASN B 160 22.69 6.26 -21.25
CA ASN B 160 23.86 7.02 -21.70
C ASN B 160 23.84 8.45 -21.18
N GLY B 161 24.82 8.80 -20.36
CA GLY B 161 24.95 10.16 -19.87
C GLY B 161 24.04 10.51 -18.71
N ILE B 162 23.22 9.56 -18.29
CA ILE B 162 22.45 9.73 -17.07
C ILE B 162 22.64 8.50 -16.19
N THR B 163 22.35 8.63 -14.91
CA THR B 163 22.53 7.52 -13.99
C THR B 163 21.24 6.73 -13.85
N ASP B 164 21.36 5.47 -13.43
CA ASP B 164 20.17 4.71 -13.05
C ASP B 164 19.82 5.09 -11.62
N TRP B 165 18.83 4.42 -11.04
CA TRP B 165 18.36 4.81 -9.72
C TRP B 165 19.48 4.83 -8.70
N VAL B 166 20.21 3.71 -8.60
CA VAL B 166 21.13 3.53 -7.49
C VAL B 166 22.41 4.40 -7.64
N TYR B 167 22.86 4.60 -8.88
CA TYR B 167 23.97 5.51 -9.11
C TYR B 167 23.55 6.96 -8.83
N GLU B 168 22.34 7.34 -9.22
CA GLU B 168 21.85 8.68 -8.94
C GLU B 168 21.93 8.92 -7.46
N GLU B 169 21.42 7.96 -6.69
CA GLU B 169 21.21 8.17 -5.27
C GLU B 169 22.46 7.93 -4.46
N GLU B 170 23.19 6.85 -4.77
CA GLU B 170 24.28 6.40 -3.88
C GLU B 170 25.70 6.72 -4.37
N VAL B 171 25.86 6.98 -5.67
CA VAL B 171 27.19 7.17 -6.22
C VAL B 171 27.54 8.63 -6.60
N PHE B 172 26.82 9.19 -7.57
CA PHE B 172 27.13 10.55 -8.04
C PHE B 172 26.31 11.65 -7.37
N SER B 173 25.29 11.29 -6.60
CA SER B 173 24.39 12.29 -6.04
C SER B 173 23.99 13.23 -7.15
N ALA B 174 23.77 12.68 -8.34
CA ALA B 174 23.27 13.43 -9.47
C ALA B 174 22.72 12.51 -10.56
N TYR B 175 21.73 13.01 -11.30
CA TYR B 175 21.24 12.36 -12.51
C TYR B 175 22.29 12.34 -13.59
N SER B 176 23.08 13.42 -13.66
CA SER B 176 24.03 13.59 -14.75
C SER B 176 25.16 12.58 -14.72
N ALA B 177 25.54 12.08 -15.89
CA ALA B 177 26.76 11.29 -16.04
C ALA B 177 27.59 11.83 -17.22
N LEU B 178 27.75 13.15 -17.25
CA LEU B 178 28.38 13.86 -18.37
C LEU B 178 29.50 14.74 -17.86
N TRP B 179 30.71 14.58 -18.40
CA TRP B 179 31.81 15.44 -17.97
C TRP B 179 32.58 16.07 -19.14
N TRP B 180 32.44 17.38 -19.31
CA TRP B 180 33.20 18.12 -20.33
C TRP B 180 34.62 18.35 -19.88
N SER B 181 35.59 18.19 -20.78
CA SER B 181 36.97 18.60 -20.48
C SER B 181 37.03 20.14 -20.29
N PRO B 182 38.03 20.64 -19.54
CA PRO B 182 38.00 22.05 -19.12
C PRO B 182 37.92 22.94 -20.34
N ASN B 183 38.70 22.57 -21.34
CA ASN B 183 38.64 23.03 -22.71
C ASN B 183 37.24 23.13 -23.33
N GLY B 184 36.51 22.02 -23.31
CA GLY B 184 35.28 21.90 -24.06
C GLY B 184 35.48 21.06 -25.33
N THR B 185 36.69 20.56 -25.51
CA THR B 185 36.96 19.71 -26.65
C THR B 185 36.33 18.35 -26.46
N PHE B 186 36.69 17.68 -25.37
CA PHE B 186 36.15 16.36 -25.10
C PHE B 186 34.88 16.38 -24.27
N LEU B 187 34.07 15.33 -24.47
CA LEU B 187 32.94 15.01 -23.63
C LEU B 187 33.07 13.56 -23.15
N ALA B 188 33.40 13.39 -21.87
CA ALA B 188 33.38 12.06 -21.28
C ALA B 188 31.98 11.74 -20.73
N TYR B 189 31.51 10.51 -20.97
CA TYR B 189 30.23 10.08 -20.40
C TYR B 189 30.28 8.63 -19.96
N ALA B 190 29.41 8.27 -19.02
CA ALA B 190 29.31 6.90 -18.55
C ALA B 190 28.09 6.23 -19.17
N GLN B 191 28.14 4.90 -19.26
CA GLN B 191 26.97 4.17 -19.72
C GLN B 191 26.59 3.05 -18.76
N PHE B 192 25.30 2.95 -18.47
CA PHE B 192 24.83 2.02 -17.47
C PHE B 192 23.92 1.02 -18.12
N ASN B 193 24.08 -0.25 -17.73
CA ASN B 193 23.28 -1.33 -18.25
C ASN B 193 22.57 -1.98 -17.08
N ASP B 194 21.25 -1.78 -17.00
CA ASP B 194 20.44 -2.34 -15.94
C ASP B 194 19.63 -3.55 -16.41
N THR B 195 20.03 -4.11 -17.56
CA THR B 195 19.32 -5.22 -18.20
C THR B 195 18.78 -6.27 -17.22
N GLU B 196 19.61 -6.73 -16.29
CA GLU B 196 19.16 -7.79 -15.37
C GLU B 196 19.04 -7.36 -13.92
N VAL B 197 18.83 -6.07 -13.70
CA VAL B 197 18.59 -5.56 -12.37
C VAL B 197 17.12 -5.73 -12.05
N PRO B 198 16.80 -6.38 -10.92
CA PRO B 198 15.39 -6.57 -10.54
C PRO B 198 14.69 -5.24 -10.35
N LEU B 199 13.39 -5.20 -10.58
CA LEU B 199 12.58 -4.00 -10.45
C LEU B 199 11.73 -4.04 -9.21
N ILE B 200 11.77 -2.99 -8.39
CA ILE B 200 10.79 -2.81 -7.32
C ILE B 200 9.48 -2.37 -7.95
N GLU B 201 8.36 -2.89 -7.47
CA GLU B 201 7.07 -2.51 -8.05
C GLU B 201 6.13 -2.03 -6.96
N TYR B 202 5.43 -0.95 -7.23
CA TYR B 202 4.47 -0.43 -6.27
C TYR B 202 3.40 0.38 -6.98
N SER B 203 2.27 0.59 -6.29
CA SER B 203 1.12 1.23 -6.89
C SER B 203 1.20 2.74 -6.78
N PHE B 204 0.76 3.42 -7.83
CA PHE B 204 0.57 4.86 -7.77
C PHE B 204 -0.91 5.19 -8.01
N TYR B 205 -1.51 5.93 -7.11
CA TYR B 205 -2.97 6.08 -7.16
C TYR B 205 -3.42 7.26 -8.01
N SER B 206 -2.63 8.33 -7.98
CA SER B 206 -2.87 9.50 -8.80
C SER B 206 -4.12 10.23 -8.35
N ASP B 207 -4.64 11.10 -9.22
CA ASP B 207 -5.83 11.87 -8.83
C ASP B 207 -7.05 10.95 -8.74
N GLU B 208 -8.03 11.39 -7.97
CA GLU B 208 -9.30 10.70 -7.80
C GLU B 208 -9.84 10.10 -9.09
N SER B 209 -9.59 10.77 -10.21
CA SER B 209 -10.12 10.36 -11.49
C SER B 209 -9.43 9.17 -12.14
N LEU B 210 -8.25 8.77 -11.67
CA LEU B 210 -7.63 7.60 -12.26
C LEU B 210 -8.34 6.33 -11.74
N GLN B 211 -8.93 5.58 -12.65
CA GLN B 211 -9.79 4.44 -12.30
C GLN B 211 -9.01 3.23 -11.82
N TYR B 212 -7.96 2.89 -12.55
CA TYR B 212 -7.08 1.80 -12.19
C TYR B 212 -5.72 2.30 -11.70
N PRO B 213 -5.35 1.96 -10.46
CA PRO B 213 -4.03 2.40 -10.02
C PRO B 213 -2.97 2.02 -11.03
N LYS B 214 -1.92 2.82 -11.13
CA LYS B 214 -0.83 2.51 -12.01
C LYS B 214 0.17 1.75 -11.17
N THR B 215 0.92 0.84 -11.80
CA THR B 215 2.03 0.17 -11.13
C THR B 215 3.37 0.76 -11.59
N VAL B 216 4.14 1.30 -10.65
CA VAL B 216 5.44 1.87 -10.99
C VAL B 216 6.50 0.79 -10.91
N ARG B 217 7.40 0.77 -11.89
CA ARG B 217 8.46 -0.23 -11.95
C ARG B 217 9.84 0.41 -12.13
N VAL B 218 10.72 0.22 -11.14
CA VAL B 218 12.05 0.84 -11.16
C VAL B 218 13.21 -0.16 -10.96
N PRO B 219 14.13 -0.25 -11.94
CA PRO B 219 15.31 -1.09 -11.71
C PRO B 219 16.08 -0.62 -10.47
N TYR B 220 16.24 -1.50 -9.50
CA TYR B 220 16.67 -1.10 -8.17
C TYR B 220 17.31 -2.31 -7.51
N PRO B 221 18.65 -2.33 -7.40
CA PRO B 221 19.30 -3.50 -6.83
C PRO B 221 19.23 -3.53 -5.30
N LYS B 222 18.47 -4.46 -4.75
CA LYS B 222 18.47 -4.64 -3.30
C LYS B 222 19.72 -5.40 -2.88
N ALA B 223 20.06 -5.31 -1.60
CA ALA B 223 21.33 -5.86 -1.14
C ALA B 223 21.55 -7.28 -1.64
N GLY B 224 22.71 -7.52 -2.22
CA GLY B 224 23.04 -8.83 -2.73
C GLY B 224 22.56 -9.16 -4.13
N ALA B 225 21.66 -8.32 -4.66
CA ALA B 225 21.04 -8.58 -5.96
C ALA B 225 21.94 -8.22 -7.16
N VAL B 226 21.45 -8.37 -8.39
CA VAL B 226 22.26 -8.01 -9.57
C VAL B 226 22.41 -6.49 -9.80
N ASN B 227 23.65 -6.02 -9.78
CA ASN B 227 23.92 -4.59 -9.91
C ASN B 227 24.01 -4.19 -11.36
N PRO B 228 23.73 -2.92 -11.66
CA PRO B 228 23.99 -2.46 -13.02
C PRO B 228 25.48 -2.62 -13.31
N THR B 229 25.81 -2.69 -14.59
CA THR B 229 27.19 -2.64 -15.00
C THR B 229 27.42 -1.29 -15.65
N VAL B 230 28.69 -0.98 -15.90
CA VAL B 230 29.05 0.38 -16.29
C VAL B 230 30.19 0.40 -17.27
N LYS B 231 30.12 1.32 -18.22
CA LYS B 231 31.16 1.55 -19.22
C LYS B 231 31.52 3.04 -19.26
N PHE B 232 32.72 3.35 -19.74
CA PHE B 232 33.18 4.73 -19.78
C PHE B 232 33.67 5.11 -21.18
N PHE B 233 33.23 6.27 -21.66
CA PHE B 233 33.54 6.73 -23.02
C PHE B 233 33.90 8.19 -23.04
N VAL B 234 34.70 8.56 -24.04
CA VAL B 234 35.14 9.94 -24.28
C VAL B 234 35.01 10.28 -25.76
N VAL B 235 34.21 11.30 -26.10
CA VAL B 235 34.10 11.75 -27.50
C VAL B 235 34.83 13.05 -27.73
N ASN B 236 35.42 13.22 -28.91
CA ASN B 236 36.09 14.47 -29.27
C ASN B 236 35.08 15.39 -29.91
N THR B 237 34.56 16.34 -29.14
CA THR B 237 33.45 17.17 -29.60
C THR B 237 33.74 18.07 -30.82
N ASP B 238 35.01 18.32 -31.09
CA ASP B 238 35.38 19.16 -32.24
C ASP B 238 35.12 18.46 -33.58
N SER B 239 35.66 17.26 -33.73
CA SER B 239 35.59 16.54 -35.00
C SER B 239 34.28 15.79 -35.23
N LEU B 240 33.15 16.46 -35.03
CA LEU B 240 31.88 15.85 -35.34
C LEU B 240 31.59 15.99 -36.83
N SER B 241 30.98 14.95 -37.39
CA SER B 241 30.65 14.92 -38.81
C SER B 241 29.15 14.81 -38.99
N SER B 242 28.60 15.65 -39.87
CA SER B 242 27.18 15.61 -40.19
C SER B 242 26.83 14.37 -41.03
N VAL B 243 27.86 13.69 -41.54
CA VAL B 243 27.65 12.52 -42.38
C VAL B 243 27.91 11.21 -41.64
N THR B 244 28.93 11.21 -40.78
CA THR B 244 29.34 10.02 -40.05
C THR B 244 28.87 10.00 -38.59
N ASN B 245 28.52 8.82 -38.10
CA ASN B 245 28.28 8.65 -36.67
C ASN B 245 29.54 9.04 -35.90
N ALA B 246 29.37 9.80 -34.81
CA ALA B 246 30.51 10.16 -33.96
C ALA B 246 31.12 8.92 -33.31
N THR B 247 32.43 8.95 -33.10
CA THR B 247 33.13 7.78 -32.60
C THR B 247 33.56 7.95 -31.15
N SER B 248 33.21 6.98 -30.31
CA SER B 248 33.50 7.06 -28.88
C SER B 248 34.67 6.15 -28.50
N ILE B 249 35.58 6.67 -27.69
CA ILE B 249 36.68 5.86 -27.20
C ILE B 249 36.34 5.40 -25.81
N GLN B 250 36.46 4.10 -25.58
CA GLN B 250 36.10 3.51 -24.30
C GLN B 250 37.31 3.46 -23.40
N ILE B 251 37.12 3.82 -22.14
CA ILE B 251 38.17 3.62 -21.15
C ILE B 251 37.78 2.43 -20.28
N THR B 252 38.59 1.38 -20.37
CA THR B 252 38.34 0.13 -19.66
C THR B 252 38.79 0.21 -18.20
N ALA B 253 37.96 -0.32 -17.30
CA ALA B 253 38.32 -0.36 -15.88
C ALA B 253 39.56 -1.21 -15.72
N PRO B 254 40.36 -0.94 -14.67
CA PRO B 254 41.59 -1.73 -14.50
C PRO B 254 41.29 -3.22 -14.37
N ALA B 255 42.31 -4.06 -14.54
CA ALA B 255 42.16 -5.51 -14.44
C ALA B 255 41.67 -5.94 -13.06
N SER B 256 42.07 -5.19 -12.04
CA SER B 256 41.72 -5.51 -10.65
C SER B 256 40.26 -5.23 -10.31
N MET B 257 39.56 -4.55 -11.22
CA MET B 257 38.15 -4.27 -11.04
C MET B 257 37.30 -5.23 -11.88
N LEU B 258 37.80 -5.55 -13.07
CA LEU B 258 37.09 -6.41 -14.02
C LEU B 258 36.99 -7.88 -13.58
N ILE B 259 37.71 -8.26 -12.51
CA ILE B 259 37.64 -9.62 -12.00
C ILE B 259 36.30 -9.91 -11.37
N GLY B 260 35.55 -8.87 -11.05
CA GLY B 260 34.29 -9.06 -10.34
C GLY B 260 33.38 -7.88 -10.49
N ASP B 261 32.40 -7.77 -9.61
CA ASP B 261 31.56 -6.58 -9.59
C ASP B 261 32.32 -5.36 -9.05
N HIS B 262 32.04 -4.21 -9.66
CA HIS B 262 32.72 -2.97 -9.32
C HIS B 262 31.83 -1.81 -9.68
N TYR B 263 32.19 -0.64 -9.18
CA TYR B 263 31.51 0.57 -9.54
C TYR B 263 32.51 1.55 -10.16
N LEU B 264 31.96 2.55 -10.85
CA LEU B 264 32.73 3.73 -11.20
C LEU B 264 32.26 4.84 -10.25
N CYS B 265 33.16 5.36 -9.43
CA CYS B 265 32.71 6.25 -8.36
C CYS B 265 33.15 7.73 -8.48
N ASP B 266 34.06 8.05 -9.41
CA ASP B 266 34.54 9.43 -9.54
C ASP B 266 35.17 9.74 -10.89
N VAL B 267 34.80 10.89 -11.47
CA VAL B 267 35.36 11.35 -12.74
C VAL B 267 35.83 12.81 -12.60
N THR B 268 37.14 13.02 -12.71
CA THR B 268 37.71 14.36 -12.55
C THR B 268 38.68 14.67 -13.68
N TRP B 269 38.40 15.71 -14.46
CA TRP B 269 39.33 16.16 -15.50
C TRP B 269 40.52 16.84 -14.84
N ALA B 270 41.73 16.43 -15.22
CA ALA B 270 42.94 16.99 -14.59
C ALA B 270 43.60 18.04 -15.47
N THR B 271 43.60 17.81 -16.79
CA THR B 271 44.05 18.82 -17.75
C THR B 271 43.23 18.69 -19.02
N GLN B 272 43.66 19.38 -20.06
CA GLN B 272 42.99 19.30 -21.34
C GLN B 272 43.01 17.88 -21.83
N GLU B 273 44.04 17.13 -21.43
CA GLU B 273 44.25 15.82 -22.02
C GLU B 273 44.52 14.73 -20.99
N ARG B 274 44.21 15.00 -19.74
CA ARG B 274 44.36 13.99 -18.70
C ARG B 274 43.06 13.87 -17.92
N ILE B 275 42.54 12.65 -17.85
CA ILE B 275 41.31 12.40 -17.10
C ILE B 275 41.57 11.42 -15.97
N SER B 276 40.85 11.63 -14.87
CA SER B 276 41.06 10.83 -13.67
C SER B 276 39.80 10.02 -13.36
N LEU B 277 39.95 8.70 -13.25
CA LEU B 277 38.82 7.80 -12.97
C LEU B 277 39.07 7.03 -11.71
N GLN B 278 38.11 7.06 -10.80
CA GLN B 278 38.18 6.22 -9.62
C GLN B 278 37.17 5.08 -9.70
N TRP B 279 37.61 3.90 -9.32
CA TRP B 279 36.79 2.69 -9.38
C TRP B 279 36.72 2.06 -8.02
N LEU B 280 35.64 1.35 -7.76
CA LEU B 280 35.43 0.79 -6.44
C LEU B 280 34.88 -0.63 -6.57
N ARG B 281 35.47 -1.58 -5.86
CA ARG B 281 34.98 -2.96 -5.85
C ARG B 281 33.60 -3.06 -5.20
N ARG B 282 32.79 -4.02 -5.63
CA ARG B 282 31.49 -4.23 -4.99
C ARG B 282 31.66 -4.45 -3.50
N ILE B 283 32.75 -5.12 -3.12
CA ILE B 283 33.20 -5.09 -1.74
C ILE B 283 33.99 -3.79 -1.58
N GLN B 284 33.41 -2.83 -0.88
CA GLN B 284 33.92 -1.46 -0.88
C GLN B 284 35.11 -1.28 0.06
N ASN B 285 36.05 -2.20 -0.13
CA ASN B 285 37.22 -2.41 0.69
C ASN B 285 38.43 -1.81 -0.03
N TYR B 286 38.22 -1.52 -1.31
CA TYR B 286 39.31 -1.45 -2.27
C TYR B 286 38.93 -0.59 -3.47
N SER B 287 39.72 0.43 -3.75
CA SER B 287 39.48 1.28 -4.91
C SER B 287 40.75 1.63 -5.68
N VAL B 288 40.59 1.82 -6.99
CA VAL B 288 41.69 2.17 -7.86
C VAL B 288 41.40 3.45 -8.61
N MET B 289 42.29 4.42 -8.45
CA MET B 289 42.31 5.63 -9.27
C MET B 289 43.20 5.45 -10.51
N ASP B 290 42.61 5.62 -11.69
CA ASP B 290 43.35 5.56 -12.96
C ASP B 290 43.66 6.97 -13.45
N ILE B 291 44.81 7.13 -14.09
CA ILE B 291 45.17 8.38 -14.76
C ILE B 291 45.36 8.12 -16.25
N CYS B 292 44.42 8.61 -17.05
CA CYS B 292 44.37 8.29 -18.47
C CYS B 292 44.75 9.51 -19.32
N ASP B 293 45.76 9.35 -20.16
CA ASP B 293 46.26 10.46 -20.97
C ASP B 293 45.88 10.31 -22.42
N TYR B 294 45.58 11.43 -23.06
CA TYR B 294 45.20 11.42 -24.48
C TYR B 294 46.43 11.26 -25.35
N ASP B 295 46.36 10.33 -26.29
CA ASP B 295 47.46 10.13 -27.24
C ASP B 295 47.12 10.87 -28.55
N GLU B 296 47.79 12.01 -28.79
CA GLU B 296 47.45 12.88 -29.92
C GLU B 296 47.33 12.14 -31.26
N SER B 297 48.17 11.13 -31.46
CA SER B 297 48.20 10.35 -32.69
C SER B 297 47.25 9.17 -32.60
N SER B 298 47.47 8.34 -31.59
CA SER B 298 46.66 7.17 -31.36
C SER B 298 45.18 7.55 -31.33
N GLY B 299 44.88 8.80 -30.99
CA GLY B 299 43.51 9.20 -30.73
C GLY B 299 42.91 8.31 -29.66
N ARG B 300 43.76 7.64 -28.91
CA ARG B 300 43.36 6.71 -27.87
C ARG B 300 43.64 7.34 -26.51
N TRP B 301 43.03 6.80 -25.46
CA TRP B 301 43.36 7.20 -24.10
C TRP B 301 44.06 6.05 -23.37
N ASN B 302 45.21 6.33 -22.78
CA ASN B 302 45.93 5.27 -22.07
C ASN B 302 46.08 5.52 -20.58
N CYS B 303 45.99 4.45 -19.81
CA CYS B 303 46.13 4.51 -18.36
C CYS B 303 47.29 3.61 -17.96
N LEU B 304 48.47 4.18 -17.78
CA LEU B 304 49.59 3.38 -17.29
C LEU B 304 49.18 2.73 -15.98
N VAL B 305 49.36 1.42 -15.89
CA VAL B 305 49.15 0.72 -14.63
C VAL B 305 50.06 1.33 -13.57
N ALA B 306 51.28 1.69 -13.98
CA ALA B 306 52.25 2.24 -13.05
C ALA B 306 51.72 3.48 -12.33
N ARG B 307 50.87 4.25 -13.02
CA ARG B 307 50.25 5.43 -12.42
C ARG B 307 49.08 5.16 -11.46
N GLN B 308 48.50 3.96 -11.49
CA GLN B 308 47.34 3.68 -10.64
C GLN B 308 47.63 3.98 -9.17
N HIS B 309 46.70 4.65 -8.50
CA HIS B 309 46.79 4.81 -7.04
C HIS B 309 45.74 3.97 -6.33
N ILE B 310 46.20 3.16 -5.38
CA ILE B 310 45.32 2.20 -4.73
C ILE B 310 45.03 2.57 -3.29
N GLU B 311 43.74 2.63 -2.98
CA GLU B 311 43.27 3.01 -1.65
C GLU B 311 42.52 1.81 -1.06
N MET B 312 42.97 1.36 0.12
CA MET B 312 42.39 0.19 0.80
C MET B 312 41.88 0.51 2.21
N SER B 313 41.19 -0.46 2.81
CA SER B 313 40.82 -0.35 4.22
C SER B 313 40.68 -1.73 4.83
N THR B 314 41.16 -1.89 6.05
CA THR B 314 40.95 -3.15 6.78
C THR B 314 39.95 -2.93 7.91
N THR B 315 39.91 -1.71 8.41
CA THR B 315 38.95 -1.34 9.44
C THR B 315 37.49 -1.36 8.95
N GLY B 316 37.22 -0.67 7.84
CA GLY B 316 35.88 -0.54 7.35
C GLY B 316 35.79 -0.42 5.84
N TRP B 317 35.13 0.63 5.37
CA TRP B 317 35.01 0.89 3.94
C TRP B 317 35.94 2.03 3.49
N VAL B 318 35.88 2.37 2.20
CA VAL B 318 36.72 3.45 1.66
C VAL B 318 35.97 4.79 1.56
N GLY B 319 36.51 5.80 2.26
CA GLY B 319 35.93 7.12 2.25
C GLY B 319 34.85 7.24 3.30
N ARG B 320 34.31 8.44 3.47
CA ARG B 320 33.20 8.65 4.39
C ARG B 320 31.91 7.97 3.89
N PHE B 321 31.53 8.28 2.65
CA PHE B 321 30.43 7.62 1.95
C PHE B 321 30.91 7.07 0.60
N ARG B 322 32.17 7.40 0.26
CA ARG B 322 32.76 7.03 -1.03
C ARG B 322 34.18 7.59 -1.14
N PRO B 323 35.03 6.93 -1.91
CA PRO B 323 36.40 7.46 -2.07
C PRO B 323 36.38 9.00 -2.28
N SER B 324 37.30 9.71 -1.62
CA SER B 324 37.31 11.17 -1.71
C SER B 324 37.71 11.64 -3.11
N GLU B 325 37.23 12.81 -3.47
CA GLU B 325 37.59 13.49 -4.72
C GLU B 325 39.01 14.08 -4.71
N PRO B 326 39.73 13.92 -5.83
CA PRO B 326 41.09 14.45 -6.01
C PRO B 326 41.07 15.91 -6.46
N HIS B 327 41.95 16.73 -5.91
CA HIS B 327 42.06 18.11 -6.36
C HIS B 327 43.41 18.36 -7.02
N PHE B 328 43.38 18.54 -8.33
CA PHE B 328 44.60 18.65 -9.12
C PHE B 328 45.19 20.04 -9.14
N THR B 329 46.51 20.13 -9.05
CA THR B 329 47.23 21.39 -9.24
C THR B 329 47.17 21.80 -10.71
N LEU B 330 47.48 23.06 -10.99
CA LEU B 330 47.28 23.61 -12.33
C LEU B 330 47.78 22.69 -13.46
N ASP B 331 49.03 22.22 -13.35
CA ASP B 331 49.61 21.38 -14.41
C ASP B 331 49.07 19.94 -14.45
N GLY B 332 48.23 19.58 -13.48
CA GLY B 332 47.65 18.24 -13.43
C GLY B 332 48.68 17.15 -13.20
N ASN B 333 49.88 17.54 -12.77
CA ASN B 333 50.96 16.58 -12.50
C ASN B 333 50.94 16.06 -11.07
N SER B 334 50.08 16.66 -10.25
CA SER B 334 49.93 16.27 -8.85
C SER B 334 48.54 16.66 -8.38
N PHE B 335 48.20 16.25 -7.17
CA PHE B 335 46.89 16.54 -6.60
C PHE B 335 46.87 16.25 -5.10
N TYR B 336 45.79 16.69 -4.46
CA TYR B 336 45.59 16.53 -3.04
C TYR B 336 44.28 15.79 -2.84
N LYS B 337 44.17 15.06 -1.74
CA LYS B 337 43.03 14.17 -1.49
C LYS B 337 42.87 13.95 0.00
N ILE B 338 41.62 13.93 0.49
CA ILE B 338 41.37 13.55 1.88
C ILE B 338 41.51 12.03 2.09
N ILE B 339 42.28 11.66 3.11
CA ILE B 339 42.63 10.27 3.35
C ILE B 339 42.69 10.04 4.86
N SER B 340 42.27 8.86 5.29
CA SER B 340 42.40 8.48 6.69
C SER B 340 43.86 8.10 6.96
N ASN B 341 44.44 8.68 8.00
CA ASN B 341 45.83 8.39 8.32
C ASN B 341 45.99 7.19 9.26
N GLU B 342 47.22 6.96 9.73
CA GLU B 342 47.52 5.79 10.54
C GLU B 342 46.73 5.80 11.84
N GLU B 343 46.44 6.99 12.37
CA GLU B 343 45.61 7.09 13.57
C GLU B 343 44.13 7.08 13.22
N GLY B 344 43.81 6.69 11.98
CA GLY B 344 42.43 6.68 11.51
C GLY B 344 41.77 8.04 11.40
N TYR B 345 42.54 9.13 11.37
CA TYR B 345 41.97 10.46 11.19
C TYR B 345 42.06 10.96 9.75
N ARG B 346 41.01 11.61 9.26
CA ARG B 346 40.96 12.01 7.86
C ARG B 346 41.69 13.34 7.62
N HIS B 347 42.73 13.28 6.80
CA HIS B 347 43.59 14.43 6.57
C HIS B 347 44.04 14.58 5.13
N ILE B 348 44.61 15.74 4.81
CA ILE B 348 44.99 16.05 3.43
C ILE B 348 46.33 15.43 3.05
N CYS B 349 46.35 14.76 1.91
CA CYS B 349 47.51 14.01 1.47
C CYS B 349 47.93 14.49 0.08
N TYR B 350 49.23 14.63 -0.12
CA TYR B 350 49.76 15.17 -1.37
C TYR B 350 50.33 14.04 -2.22
N PHE B 351 49.82 13.91 -3.44
CA PHE B 351 50.22 12.88 -4.39
C PHE B 351 50.91 13.48 -5.60
N GLN B 352 51.92 12.78 -6.11
CA GLN B 352 52.54 13.18 -7.36
C GLN B 352 52.45 12.03 -8.38
N ILE B 353 51.94 12.32 -9.56
CA ILE B 353 51.81 11.30 -10.61
C ILE B 353 53.16 10.69 -10.94
N ASP B 354 53.20 9.37 -11.10
CA ASP B 354 54.45 8.64 -11.38
C ASP B 354 55.32 8.53 -10.14
N LYS B 355 54.78 8.86 -8.98
CA LYS B 355 55.44 8.51 -7.72
C LYS B 355 54.49 7.71 -6.83
N LYS B 356 55.05 6.92 -5.93
CA LYS B 356 54.25 6.04 -5.11
C LYS B 356 53.94 6.69 -3.76
N ASP B 357 52.89 6.22 -3.11
CA ASP B 357 52.53 6.71 -1.78
C ASP B 357 52.20 8.20 -1.80
N CYS B 358 52.18 8.83 -0.63
CA CYS B 358 51.72 10.21 -0.53
C CYS B 358 52.12 10.84 0.80
N THR B 359 52.00 12.17 0.85
CA THR B 359 52.51 12.94 1.98
C THR B 359 51.40 13.71 2.67
N PHE B 360 51.31 13.56 3.99
CA PHE B 360 50.26 14.23 4.75
C PHE B 360 50.67 15.64 5.11
N ILE B 361 49.84 16.61 4.76
CA ILE B 361 50.19 18.02 4.96
C ILE B 361 49.43 18.59 6.14
N THR B 362 48.48 17.80 6.64
CA THR B 362 47.79 18.10 7.90
C THR B 362 47.67 16.82 8.75
N LYS B 363 47.42 16.99 10.04
CA LYS B 363 47.33 15.86 10.97
C LYS B 363 46.80 16.35 12.30
N GLY B 364 46.48 15.43 13.20
CA GLY B 364 45.98 15.78 14.52
C GLY B 364 44.64 15.11 14.78
N THR B 365 44.17 15.16 16.02
CA THR B 365 42.93 14.47 16.37
C THR B 365 41.72 15.35 16.06
N TRP B 366 41.55 15.64 14.78
CA TRP B 366 40.38 16.31 14.24
C TRP B 366 40.37 15.83 12.81
N GLU B 367 39.40 16.26 12.01
CA GLU B 367 39.35 15.81 10.62
C GLU B 367 39.10 16.93 9.62
N VAL B 368 39.73 16.80 8.47
CA VAL B 368 39.47 17.72 7.37
C VAL B 368 38.15 17.28 6.73
N ILE B 369 37.25 18.23 6.52
CA ILE B 369 35.95 17.93 5.94
C ILE B 369 35.99 17.96 4.41
N GLY B 370 36.64 18.96 3.86
CA GLY B 370 36.73 19.09 2.41
C GLY B 370 37.81 20.06 1.94
N ILE B 371 38.37 19.77 0.78
CA ILE B 371 39.30 20.67 0.14
C ILE B 371 38.52 21.63 -0.76
N GLU B 372 38.65 22.92 -0.51
CA GLU B 372 37.75 23.88 -1.13
C GLU B 372 38.34 24.68 -2.29
N ALA B 373 39.63 25.00 -2.20
CA ALA B 373 40.28 25.74 -3.27
C ALA B 373 41.79 25.50 -3.24
N LEU B 374 42.41 25.57 -4.41
CA LEU B 374 43.84 25.34 -4.52
C LEU B 374 44.52 26.41 -5.39
N THR B 375 45.56 27.02 -4.86
CA THR B 375 46.45 27.90 -5.64
C THR B 375 47.88 27.38 -5.58
N SER B 376 48.80 28.17 -6.14
CA SER B 376 50.20 27.82 -6.09
C SER B 376 50.76 28.12 -4.71
N ASP B 377 50.16 29.10 -4.04
CA ASP B 377 50.63 29.48 -2.71
C ASP B 377 49.88 28.76 -1.57
N TYR B 378 48.58 28.59 -1.70
CA TYR B 378 47.83 28.02 -0.60
C TYR B 378 46.82 26.94 -1.02
N LEU B 379 46.53 26.04 -0.08
CA LEU B 379 45.39 25.17 -0.21
C LEU B 379 44.40 25.56 0.88
N TYR B 380 43.14 25.75 0.48
CA TYR B 380 42.09 26.13 1.43
C TYR B 380 41.18 24.94 1.71
N TYR B 381 40.84 24.73 2.97
CA TYR B 381 40.04 23.59 3.34
C TYR B 381 39.17 23.91 4.56
N ILE B 382 38.11 23.15 4.72
CA ILE B 382 37.24 23.22 5.91
C ILE B 382 37.59 22.09 6.86
N SER B 383 37.71 22.39 8.16
CA SER B 383 37.92 21.35 9.16
C SER B 383 37.12 21.60 10.45
N ASN B 384 37.13 20.61 11.34
CA ASN B 384 36.54 20.79 12.67
C ASN B 384 37.57 20.90 13.80
N GLU B 385 38.70 21.54 13.51
CA GLU B 385 39.79 21.60 14.47
C GLU B 385 39.53 22.60 15.59
N TYR B 386 38.86 23.69 15.25
CA TYR B 386 38.77 24.82 16.15
C TYR B 386 38.14 24.43 17.48
N LYS B 387 38.82 24.78 18.56
CA LYS B 387 38.33 24.51 19.91
C LYS B 387 38.01 23.04 20.13
N GLY B 388 38.60 22.18 19.32
CA GLY B 388 38.36 20.76 19.49
C GLY B 388 36.89 20.34 19.40
N MET B 389 36.05 21.12 18.72
CA MET B 389 34.66 20.75 18.56
C MET B 389 34.36 20.06 17.24
N PRO B 390 33.96 18.78 17.30
CA PRO B 390 33.64 18.02 16.08
C PRO B 390 32.46 18.59 15.28
N GLY B 391 31.55 19.27 15.97
CA GLY B 391 30.35 19.78 15.33
C GLY B 391 30.53 21.22 14.86
N GLY B 392 31.76 21.71 14.96
CA GLY B 392 32.10 23.04 14.47
C GLY B 392 32.80 22.94 13.12
N ARG B 393 32.75 24.03 12.36
CA ARG B 393 33.31 24.07 11.01
C ARG B 393 34.01 25.39 10.72
N ASN B 394 35.25 25.32 10.26
CA ASN B 394 35.97 26.53 9.91
C ASN B 394 36.83 26.42 8.66
N LEU B 395 37.00 27.57 7.99
CA LEU B 395 37.86 27.66 6.82
C LEU B 395 39.31 27.91 7.24
N TYR B 396 40.22 27.06 6.74
CA TYR B 396 41.65 27.27 6.98
C TYR B 396 42.43 27.39 5.66
N LYS B 397 43.62 27.99 5.75
CA LYS B 397 44.59 27.90 4.67
C LYS B 397 45.92 27.41 5.18
N ILE B 398 46.62 26.67 4.33
CA ILE B 398 47.88 26.08 4.69
C ILE B 398 48.88 26.42 3.60
N GLN B 399 50.01 26.97 4.04
CA GLN B 399 51.05 27.43 3.13
C GLN B 399 51.74 26.25 2.45
N LEU B 400 51.54 26.11 1.15
CA LEU B 400 52.14 25.00 0.43
C LEU B 400 53.67 24.89 0.52
N SER B 401 54.37 25.99 0.80
CA SER B 401 55.83 25.97 0.94
C SER B 401 56.29 25.76 2.39
N ASP B 402 55.33 25.72 3.31
CA ASP B 402 55.61 25.35 4.71
C ASP B 402 54.33 24.88 5.41
N TYR B 403 54.12 23.58 5.38
CA TYR B 403 52.95 22.95 5.97
C TYR B 403 52.69 23.36 7.43
N THR B 404 53.74 23.71 8.17
CA THR B 404 53.56 24.09 9.57
C THR B 404 52.82 25.43 9.72
N LYS B 405 52.75 26.20 8.65
CA LYS B 405 52.13 27.51 8.72
C LYS B 405 50.70 27.42 8.22
N VAL B 406 49.78 27.18 9.16
CA VAL B 406 48.36 27.00 8.89
C VAL B 406 47.57 28.10 9.58
N THR B 407 46.81 28.87 8.82
CA THR B 407 46.06 29.97 9.41
C THR B 407 44.55 29.79 9.23
N CYS B 408 43.80 29.96 10.33
CA CYS B 408 42.36 29.85 10.26
C CYS B 408 41.73 31.15 9.78
N LEU B 409 40.88 31.04 8.77
CA LEU B 409 40.36 32.25 8.12
C LEU B 409 39.00 32.74 8.66
N SER B 410 38.32 31.92 9.45
CA SER B 410 36.98 32.28 9.91
C SER B 410 36.79 32.15 11.42
N CYS B 411 37.67 31.38 12.06
CA CYS B 411 37.53 31.08 13.49
C CYS B 411 37.18 32.30 14.32
N GLU B 412 37.69 33.47 13.94
CA GLU B 412 37.57 34.62 14.80
C GLU B 412 36.75 35.79 14.23
N LEU B 413 36.14 35.61 13.07
CA LEU B 413 35.35 36.67 12.48
C LEU B 413 34.28 37.14 13.46
N ASN B 414 33.50 36.20 13.95
CA ASN B 414 32.48 36.44 14.97
C ASN B 414 32.35 35.20 15.82
N PRO B 415 33.31 34.95 16.73
CA PRO B 415 33.42 33.68 17.46
C PRO B 415 32.18 33.30 18.27
N GLU B 416 31.35 34.26 18.64
CA GLU B 416 30.14 33.93 19.41
C GLU B 416 28.97 33.57 18.49
N ARG B 417 28.82 34.31 17.40
CA ARG B 417 27.72 34.06 16.48
C ARG B 417 27.99 32.90 15.53
N CYS B 418 29.24 32.76 15.11
CA CYS B 418 29.59 31.83 14.03
C CYS B 418 30.65 30.80 14.38
N GLN B 419 30.26 29.53 14.25
CA GLN B 419 31.12 28.40 14.54
C GLN B 419 30.93 27.31 13.50
N TYR B 420 30.24 27.64 12.42
CA TYR B 420 29.98 26.66 11.38
C TYR B 420 29.88 27.34 10.03
N TYR B 421 30.88 27.09 9.18
CA TYR B 421 31.03 27.82 7.93
C TYR B 421 31.14 26.88 6.76
N SER B 422 30.55 27.29 5.64
CA SER B 422 30.88 26.71 4.36
C SER B 422 31.40 27.88 3.51
N VAL B 423 31.99 27.58 2.37
CA VAL B 423 32.66 28.60 1.59
C VAL B 423 32.50 28.37 0.09
N SER B 424 32.56 29.47 -0.67
CA SER B 424 32.51 29.45 -2.12
C SER B 424 33.56 30.40 -2.75
N PHE B 425 34.51 29.82 -3.48
CA PHE B 425 35.57 30.62 -4.12
C PHE B 425 35.25 31.03 -5.57
N SER B 426 35.81 32.16 -6.00
CA SER B 426 35.77 32.54 -7.42
C SER B 426 36.77 31.68 -8.17
N LYS B 427 36.67 31.65 -9.50
CA LYS B 427 37.68 30.93 -10.27
C LYS B 427 39.06 31.41 -9.79
N GLU B 428 40.02 30.50 -9.71
CA GLU B 428 41.36 30.89 -9.30
C GLU B 428 41.42 31.51 -7.90
N ALA B 429 40.36 31.31 -7.12
CA ALA B 429 40.37 31.66 -5.71
C ALA B 429 40.79 33.11 -5.39
N LYS B 430 40.45 34.06 -6.24
CA LYS B 430 40.79 35.46 -5.97
C LYS B 430 39.93 35.97 -4.81
N TYR B 431 38.65 35.62 -4.84
CA TYR B 431 37.73 36.00 -3.77
C TYR B 431 37.06 34.77 -3.17
N TYR B 432 36.47 34.94 -1.98
CA TYR B 432 35.66 33.89 -1.39
C TYR B 432 34.46 34.42 -0.60
N GLN B 433 33.35 33.70 -0.69
CA GLN B 433 32.17 34.01 0.10
C GLN B 433 32.12 33.04 1.28
N LEU B 434 31.95 33.59 2.47
CA LEU B 434 31.82 32.77 3.66
C LEU B 434 30.35 32.69 4.03
N ARG B 435 29.95 31.52 4.51
CA ARG B 435 28.57 31.29 4.85
C ARG B 435 28.54 30.61 6.19
N CYS B 436 28.25 31.38 7.24
CA CYS B 436 28.11 30.88 8.60
C CYS B 436 26.66 30.44 8.85
N SER B 437 26.46 29.33 9.56
CA SER B 437 25.13 28.77 9.75
C SER B 437 24.72 28.64 11.20
N GLY B 438 25.59 29.05 12.11
CA GLY B 438 25.28 28.92 13.52
C GLY B 438 26.50 29.17 14.37
N PRO B 439 26.30 29.26 15.69
CA PRO B 439 25.00 28.97 16.33
C PRO B 439 24.04 30.15 16.34
N GLY B 440 24.49 31.32 15.89
CA GLY B 440 23.62 32.48 15.73
C GLY B 440 22.95 32.40 14.37
N LEU B 441 22.19 33.45 14.02
CA LEU B 441 21.59 33.51 12.69
C LEU B 441 22.67 33.51 11.61
N PRO B 442 22.37 32.88 10.45
CA PRO B 442 23.31 32.78 9.33
C PRO B 442 23.77 34.15 8.87
N LEU B 443 25.02 34.24 8.41
CA LEU B 443 25.63 35.50 8.04
C LEU B 443 26.55 35.29 6.82
N TYR B 444 26.23 35.96 5.73
CA TYR B 444 27.01 35.81 4.50
C TYR B 444 27.95 36.99 4.29
N THR B 445 29.26 36.71 4.26
CA THR B 445 30.26 37.75 4.04
C THR B 445 31.09 37.44 2.80
N LEU B 446 31.68 38.48 2.22
CA LEU B 446 32.58 38.33 1.08
C LEU B 446 33.99 38.82 1.45
N HIS B 447 35.01 38.23 0.83
CA HIS B 447 36.39 38.44 1.27
C HIS B 447 37.33 38.39 0.07
N SER B 448 38.47 39.09 0.19
CA SER B 448 39.55 38.99 -0.80
C SER B 448 40.66 38.07 -0.27
N SER B 449 41.12 37.18 -1.12
CA SER B 449 42.16 36.24 -0.74
C SER B 449 43.52 36.89 -0.52
N VAL B 450 43.82 37.94 -1.28
CA VAL B 450 45.17 38.48 -1.28
C VAL B 450 45.73 38.72 0.13
N ASN B 451 44.95 39.35 1.00
CA ASN B 451 45.32 39.42 2.42
C ASN B 451 44.20 38.96 3.35
N ASP B 452 43.27 38.18 2.80
CA ASP B 452 42.13 37.67 3.56
C ASP B 452 41.41 38.80 4.27
N LYS B 453 41.14 39.87 3.54
CA LYS B 453 40.48 41.03 4.10
C LYS B 453 38.96 40.93 3.93
N GLY B 454 38.21 41.41 4.91
CA GLY B 454 36.76 41.50 4.77
C GLY B 454 36.34 42.64 3.87
N LEU B 455 35.58 42.34 2.83
CA LEU B 455 35.07 43.36 1.91
C LEU B 455 33.68 43.94 2.29
N ARG B 456 32.71 43.06 2.55
CA ARG B 456 31.36 43.48 2.92
C ARG B 456 30.48 42.33 3.42
N VAL B 457 29.43 42.71 4.13
CA VAL B 457 28.40 41.78 4.57
C VAL B 457 27.41 41.69 3.44
N LEU B 458 27.13 40.47 2.98
CA LEU B 458 26.13 40.26 1.94
C LEU B 458 24.72 40.12 2.51
N GLU B 459 24.62 39.37 3.61
CA GLU B 459 23.33 39.19 4.26
C GLU B 459 23.49 38.85 5.73
N ASP B 460 22.96 39.70 6.59
CA ASP B 460 23.12 39.49 8.04
C ASP B 460 21.84 39.02 8.76
N ASN B 461 20.76 38.81 8.01
CA ASN B 461 19.50 38.34 8.58
C ASN B 461 18.92 39.23 9.67
N SER B 462 19.08 40.55 9.49
CA SER B 462 18.58 41.53 10.44
C SER B 462 17.05 41.58 10.50
N ALA B 463 16.39 41.38 9.36
CA ALA B 463 14.94 41.25 9.36
C ALA B 463 14.51 40.14 10.32
N LEU B 464 15.09 38.96 10.15
CA LEU B 464 14.65 37.80 10.92
C LEU B 464 15.02 37.99 12.38
N ASP B 465 16.12 38.69 12.63
CA ASP B 465 16.51 38.97 14.01
C ASP B 465 15.41 39.77 14.68
N LYS B 466 14.97 40.83 14.00
CA LYS B 466 13.91 41.69 14.50
C LYS B 466 12.66 40.87 14.86
N MET B 467 12.15 40.11 13.91
CA MET B 467 10.97 39.28 14.17
C MET B 467 11.17 38.42 15.43
N LEU B 468 12.34 37.84 15.58
CA LEU B 468 12.56 36.89 16.66
C LEU B 468 12.60 37.53 18.04
N GLN B 469 12.68 38.86 18.08
CA GLN B 469 12.74 39.59 19.35
C GLN B 469 11.43 39.41 20.07
N ASN B 470 10.37 39.26 19.29
CA ASN B 470 9.02 39.15 19.82
C ASN B 470 8.61 37.69 20.08
N VAL B 471 9.60 36.81 20.12
CA VAL B 471 9.37 35.38 20.28
C VAL B 471 10.23 34.78 21.38
N GLN B 472 9.61 33.94 22.20
CA GLN B 472 10.35 33.19 23.20
C GLN B 472 10.99 31.99 22.51
N MET B 473 12.22 32.15 22.07
CA MET B 473 12.90 31.07 21.39
C MET B 473 13.50 30.09 22.38
N PRO B 474 13.68 28.84 21.97
CA PRO B 474 14.45 27.95 22.82
C PRO B 474 15.94 28.26 22.66
N SER B 475 16.78 27.63 23.49
CA SER B 475 18.23 27.75 23.34
C SER B 475 18.81 26.36 23.08
N LYS B 476 20.07 26.28 22.65
CA LYS B 476 20.68 24.98 22.39
C LYS B 476 21.91 24.78 23.27
N LYS B 477 21.99 23.64 23.92
CA LYS B 477 23.20 23.25 24.62
C LYS B 477 23.92 22.22 23.79
N LEU B 478 25.22 22.43 23.59
CA LEU B 478 26.09 21.46 22.90
C LEU B 478 27.22 21.07 23.84
N ASP B 479 27.12 19.92 24.47
CA ASP B 479 28.14 19.46 25.40
C ASP B 479 28.57 18.05 25.01
N PHE B 480 29.25 17.35 25.91
CA PHE B 480 29.58 15.95 25.66
C PHE B 480 29.45 15.10 26.92
N ILE B 481 29.61 13.79 26.74
CA ILE B 481 29.64 12.90 27.88
C ILE B 481 30.68 11.84 27.65
N ILE B 482 30.99 11.11 28.72
CA ILE B 482 32.02 10.08 28.67
C ILE B 482 31.41 8.70 28.68
N LEU B 483 31.74 7.92 27.67
CA LEU B 483 31.39 6.52 27.64
C LEU B 483 32.68 5.73 27.43
N ASN B 484 33.17 5.11 28.50
CA ASN B 484 34.45 4.41 28.50
C ASN B 484 35.63 5.30 28.12
N GLU B 485 35.84 6.36 28.88
CA GLU B 485 37.01 7.22 28.69
C GLU B 485 37.04 7.91 27.32
N THR B 486 35.91 7.84 26.60
CA THR B 486 35.77 8.47 25.28
C THR B 486 34.68 9.55 25.31
N LYS B 487 34.93 10.65 24.61
CA LYS B 487 33.94 11.74 24.51
C LYS B 487 32.93 11.47 23.39
N PHE B 488 31.65 11.68 23.69
CA PHE B 488 30.59 11.59 22.69
C PHE B 488 29.70 12.81 22.82
N TRP B 489 29.47 13.48 21.72
CA TRP B 489 28.81 14.79 21.76
C TRP B 489 27.31 14.68 21.67
N TYR B 490 26.63 15.67 22.23
CA TYR B 490 25.18 15.68 22.18
C TYR B 490 24.67 17.11 22.10
N GLN B 491 23.40 17.27 21.75
CA GLN B 491 22.84 18.60 21.79
C GLN B 491 21.43 18.55 22.36
N MET B 492 21.00 19.65 22.95
CA MET B 492 19.68 19.73 23.54
C MET B 492 19.02 21.05 23.19
N ILE B 493 17.93 20.99 22.44
CA ILE B 493 17.08 22.16 22.28
C ILE B 493 16.33 22.33 23.59
N LEU B 494 16.62 23.42 24.30
CA LEU B 494 16.05 23.65 25.63
C LEU B 494 14.92 24.67 25.59
N PRO B 495 13.81 24.38 26.28
CA PRO B 495 12.73 25.37 26.34
C PRO B 495 13.21 26.73 26.83
N PRO B 496 12.51 27.79 26.43
CA PRO B 496 12.73 29.12 26.99
C PRO B 496 12.55 29.10 28.51
N HIS B 497 13.35 29.89 29.22
CA HIS B 497 13.26 29.97 30.68
C HIS B 497 13.52 28.61 31.30
N PHE B 498 14.46 27.88 30.70
CA PHE B 498 14.85 26.60 31.20
C PHE B 498 15.27 26.69 32.67
N ASP B 499 14.64 25.89 33.53
CA ASP B 499 14.94 25.85 34.96
C ASP B 499 15.47 24.46 35.32
N LYS B 500 16.76 24.37 35.62
CA LYS B 500 17.42 23.07 35.82
C LYS B 500 16.93 22.33 37.06
N SER B 501 16.04 22.98 37.82
CA SER B 501 15.49 22.36 39.01
C SER B 501 14.26 21.55 38.62
N LYS B 502 13.61 21.96 37.54
CA LYS B 502 12.40 21.29 37.10
C LYS B 502 12.67 20.03 36.30
N LYS B 503 11.66 19.17 36.21
CA LYS B 503 11.74 17.98 35.36
C LYS B 503 11.00 18.31 34.07
N TYR B 504 11.60 17.96 32.94
CA TYR B 504 10.99 18.21 31.64
C TYR B 504 10.89 16.89 30.92
N PRO B 505 9.87 16.73 30.09
CA PRO B 505 9.88 15.53 29.25
C PRO B 505 10.97 15.72 28.19
N LEU B 506 11.42 14.62 27.60
CA LEU B 506 12.54 14.69 26.67
C LEU B 506 12.31 13.79 25.48
N LEU B 507 12.39 14.40 24.28
CA LEU B 507 12.26 13.64 23.06
C LEU B 507 13.63 13.44 22.43
N LEU B 508 14.01 12.19 22.21
CA LEU B 508 15.29 11.90 21.60
C LEU B 508 15.15 11.87 20.08
N ASP B 509 15.84 12.80 19.42
CA ASP B 509 15.84 12.97 17.96
C ASP B 509 17.03 12.24 17.34
N VAL B 510 16.77 11.15 16.62
CA VAL B 510 17.88 10.31 16.18
C VAL B 510 17.99 10.11 14.67
N TYR B 511 19.22 10.16 14.20
CA TYR B 511 19.52 9.65 12.88
C TYR B 511 20.48 8.47 13.09
N ALA B 512 21.71 8.78 13.47
CA ALA B 512 22.66 7.78 13.95
C ALA B 512 23.22 6.83 12.90
N GLY B 513 22.99 7.12 11.63
CA GLY B 513 23.59 6.31 10.59
C GLY B 513 25.11 6.50 10.50
N PRO B 514 25.77 5.66 9.70
CA PRO B 514 27.24 5.71 9.59
C PRO B 514 27.69 7.07 9.11
N CYS B 515 28.57 7.70 9.90
CA CYS B 515 29.18 9.00 9.58
C CYS B 515 28.20 10.18 9.74
N SER B 516 27.20 10.00 10.60
CA SER B 516 26.23 11.06 10.82
C SER B 516 26.71 12.03 11.89
N GLN B 517 25.99 13.13 12.01
CA GLN B 517 26.29 14.10 13.03
C GLN B 517 25.01 14.87 13.31
N LYS B 518 24.44 14.64 14.49
CA LYS B 518 23.24 15.37 14.87
C LYS B 518 23.54 16.32 16.02
N ALA B 519 24.76 16.26 16.53
CA ALA B 519 25.23 17.23 17.50
C ALA B 519 26.16 18.26 16.83
N ASP B 520 25.66 19.48 16.65
CA ASP B 520 26.46 20.49 15.99
C ASP B 520 26.05 21.93 16.37
N THR B 521 26.67 22.90 15.72
CA THR B 521 26.52 24.29 16.11
C THR B 521 25.66 25.05 15.14
N VAL B 522 24.88 24.35 14.33
CA VAL B 522 24.06 25.10 13.38
C VAL B 522 22.67 25.48 13.89
N PHE B 523 22.18 26.59 13.35
CA PHE B 523 20.92 27.19 13.74
C PHE B 523 19.83 26.64 12.86
N ARG B 524 18.79 26.08 13.47
CA ARG B 524 17.69 25.50 12.74
C ARG B 524 16.37 26.03 13.26
N LEU B 525 15.45 26.35 12.35
CA LEU B 525 14.06 26.61 12.69
C LEU B 525 13.25 25.40 12.22
N ASN B 526 12.89 24.54 13.15
CA ASN B 526 12.26 23.30 12.79
C ASN B 526 11.24 22.81 13.80
N TRP B 527 10.85 21.55 13.67
CA TRP B 527 9.83 20.98 14.53
C TRP B 527 10.26 20.99 15.99
N ALA B 528 11.48 20.53 16.25
CA ALA B 528 12.04 20.59 17.59
C ALA B 528 11.95 21.99 18.19
N THR B 529 12.22 23.02 17.39
CA THR B 529 12.08 24.41 17.83
C THR B 529 10.68 24.63 18.42
N TYR B 530 9.66 24.21 17.69
CA TYR B 530 8.28 24.26 18.17
C TYR B 530 8.09 23.47 19.48
N LEU B 531 8.48 22.21 19.48
CA LEU B 531 8.28 21.34 20.63
C LEU B 531 8.82 21.98 21.91
N ALA B 532 10.00 22.57 21.80
CA ALA B 532 10.66 23.19 22.93
C ALA B 532 10.00 24.53 23.28
N SER B 533 9.82 25.37 22.28
CA SER B 533 9.29 26.70 22.53
C SER B 533 7.88 26.68 23.13
N THR B 534 7.01 25.85 22.56
CA THR B 534 5.59 25.89 22.88
C THR B 534 5.17 24.82 23.88
N GLU B 535 5.62 23.59 23.69
CA GLU B 535 5.18 22.45 24.51
C GLU B 535 6.17 22.13 25.62
N ASN B 536 7.22 22.94 25.70
CA ASN B 536 8.22 22.85 26.76
C ASN B 536 8.90 21.50 26.86
N ILE B 537 9.23 20.95 25.70
CA ILE B 537 9.89 19.67 25.63
C ILE B 537 11.35 19.88 25.30
N ILE B 538 12.21 19.03 25.87
CA ILE B 538 13.63 19.05 25.56
C ILE B 538 13.85 18.08 24.42
N VAL B 539 14.35 18.56 23.29
CA VAL B 539 14.71 17.64 22.22
C VAL B 539 16.21 17.47 22.13
N ALA B 540 16.66 16.23 22.25
CA ALA B 540 18.07 15.93 22.30
C ALA B 540 18.46 15.06 21.14
N SER B 541 19.69 15.23 20.67
CA SER B 541 20.27 14.31 19.72
C SER B 541 21.64 13.89 20.23
N PHE B 542 22.10 12.73 19.83
CA PHE B 542 23.35 12.20 20.33
C PHE B 542 24.12 11.50 19.22
N ASP B 543 25.41 11.79 19.14
CA ASP B 543 26.28 11.11 18.18
C ASP B 543 27.10 10.04 18.87
N GLY B 544 26.68 8.80 18.73
CA GLY B 544 27.34 7.69 19.40
C GLY B 544 28.30 7.03 18.44
N ARG B 545 28.59 5.74 18.65
CA ARG B 545 29.50 5.07 17.74
C ARG B 545 28.90 5.01 16.34
N GLY B 546 29.76 5.02 15.34
CA GLY B 546 29.31 5.07 13.96
C GLY B 546 29.14 6.50 13.48
N SER B 547 29.03 7.46 14.40
CA SER B 547 28.93 8.84 13.97
C SER B 547 30.28 9.31 13.38
N GLY B 548 30.24 10.34 12.53
CA GLY B 548 31.43 10.72 11.79
C GLY B 548 32.23 11.94 12.26
N TYR B 549 33.27 12.27 11.49
CA TYR B 549 34.10 13.45 11.73
C TYR B 549 34.95 13.39 13.00
N GLN B 550 35.00 12.22 13.66
CA GLN B 550 35.85 12.03 14.83
C GLN B 550 36.89 10.90 14.68
N GLY B 551 37.17 10.49 13.45
CA GLY B 551 38.15 9.46 13.22
C GLY B 551 37.52 8.09 13.03
N ASP B 552 38.30 7.15 12.51
CA ASP B 552 37.82 5.82 12.19
C ASP B 552 37.46 4.92 13.40
N LYS B 553 38.18 5.05 14.51
CA LYS B 553 37.87 4.23 15.69
C LYS B 553 36.37 4.28 15.97
N ILE B 554 35.84 5.50 16.01
CA ILE B 554 34.43 5.74 16.24
C ILE B 554 33.54 5.40 15.02
N MET B 555 33.81 6.02 13.88
CA MET B 555 32.93 5.81 12.72
C MET B 555 32.83 4.36 12.32
N HIS B 556 33.94 3.63 12.45
CA HIS B 556 34.03 2.24 11.98
C HIS B 556 33.59 1.18 13.01
N ALA B 557 33.25 1.62 14.22
CA ALA B 557 32.84 0.71 15.28
C ALA B 557 31.70 -0.17 14.80
N ILE B 558 30.98 0.34 13.82
CA ILE B 558 29.71 -0.23 13.38
C ILE B 558 29.87 -1.08 12.13
N ASN B 559 31.10 -1.22 11.65
CA ASN B 559 31.35 -1.94 10.40
C ASN B 559 30.82 -3.36 10.46
N ARG B 560 30.03 -3.73 9.44
CA ARG B 560 29.40 -5.05 9.34
C ARG B 560 28.43 -5.35 10.47
N ARG B 561 28.03 -4.34 11.22
CA ARG B 561 27.22 -4.53 12.41
C ARG B 561 26.28 -3.36 12.60
N LEU B 562 25.61 -2.93 11.53
CA LEU B 562 24.54 -1.96 11.67
C LEU B 562 23.46 -2.46 12.64
N GLY B 563 22.89 -1.54 13.41
CA GLY B 563 21.83 -1.88 14.33
C GLY B 563 22.37 -2.48 15.63
N THR B 564 23.58 -2.08 16.02
CA THR B 564 24.17 -2.58 17.26
C THR B 564 24.63 -1.43 18.15
N PHE B 565 25.92 -1.08 18.09
CA PHE B 565 26.46 -0.05 18.96
C PHE B 565 25.72 1.28 18.85
N GLU B 566 25.26 1.62 17.65
CA GLU B 566 24.64 2.91 17.48
C GLU B 566 23.26 2.92 18.12
N VAL B 567 22.58 1.77 18.07
CA VAL B 567 21.31 1.60 18.76
C VAL B 567 21.59 1.64 20.25
N GLU B 568 22.57 0.84 20.68
CA GLU B 568 22.93 0.75 22.08
C GLU B 568 23.28 2.11 22.66
N ASP B 569 24.04 2.90 21.90
CA ASP B 569 24.53 4.16 22.44
C ASP B 569 23.45 5.23 22.57
N GLN B 570 22.47 5.22 21.68
CA GLN B 570 21.34 6.13 21.81
C GLN B 570 20.68 5.88 23.14
N ILE B 571 20.49 4.60 23.48
CA ILE B 571 19.84 4.21 24.73
C ILE B 571 20.63 4.69 25.94
N GLU B 572 21.91 4.32 26.00
CA GLU B 572 22.80 4.82 27.04
C GLU B 572 22.80 6.36 27.19
N ALA B 573 22.61 7.08 26.10
CA ALA B 573 22.54 8.54 26.21
C ALA B 573 21.26 8.95 26.93
N ALA B 574 20.19 8.27 26.62
CA ALA B 574 18.93 8.45 27.33
C ALA B 574 19.14 8.29 28.83
N ARG B 575 19.63 7.12 29.22
CA ARG B 575 19.98 6.89 30.62
C ARG B 575 20.80 8.05 31.19
N GLN B 576 21.80 8.51 30.44
CA GLN B 576 22.64 9.60 30.90
C GLN B 576 21.78 10.81 31.16
N PHE B 577 20.81 11.03 30.29
CA PHE B 577 19.94 12.21 30.40
C PHE B 577 18.98 12.06 31.58
N SER B 578 18.49 10.85 31.81
CA SER B 578 17.65 10.58 32.97
C SER B 578 18.40 10.93 34.24
N LYS B 579 19.69 10.60 34.27
CA LYS B 579 20.57 10.98 35.38
C LYS B 579 20.47 12.47 35.67
N MET B 580 20.60 13.29 34.64
CA MET B 580 20.47 14.72 34.82
C MET B 580 19.14 15.00 35.53
N GLY B 581 19.07 16.07 36.30
CA GLY B 581 17.98 16.23 37.23
C GLY B 581 16.87 17.14 36.74
N PHE B 582 16.88 17.43 35.44
CA PHE B 582 15.81 18.20 34.84
C PHE B 582 15.06 17.37 33.82
N VAL B 583 15.24 16.05 33.91
CA VAL B 583 14.59 15.14 32.99
C VAL B 583 13.63 14.17 33.68
N ASP B 584 12.36 14.28 33.32
CA ASP B 584 11.32 13.37 33.76
C ASP B 584 11.54 12.02 33.09
N ASN B 585 12.15 11.08 33.82
CA ASN B 585 12.45 9.77 33.26
C ASN B 585 11.23 8.89 32.98
N LYS B 586 10.04 9.40 33.31
CA LYS B 586 8.81 8.71 32.97
C LYS B 586 8.27 9.21 31.64
N ARG B 587 8.78 10.35 31.18
CA ARG B 587 8.36 10.95 29.92
C ARG B 587 9.50 11.12 28.91
N ILE B 588 10.02 9.99 28.44
CA ILE B 588 11.09 9.99 27.44
C ILE B 588 10.63 9.31 26.15
N ALA B 589 10.57 10.08 25.06
CA ALA B 589 10.22 9.52 23.75
C ALA B 589 11.41 9.47 22.79
N ILE B 590 11.20 8.83 21.65
CA ILE B 590 12.23 8.76 20.63
C ILE B 590 11.56 8.77 19.25
N TRP B 591 12.26 9.29 18.26
CA TRP B 591 11.71 9.35 16.90
C TRP B 591 12.83 9.61 15.90
N GLY B 592 12.67 9.10 14.69
CA GLY B 592 13.67 9.29 13.66
C GLY B 592 13.11 8.91 12.30
N TRP B 593 13.61 9.57 11.28
CA TRP B 593 13.17 9.33 9.92
C TRP B 593 14.27 8.52 9.22
N SER B 594 13.88 7.71 8.25
CA SER B 594 14.84 6.96 7.47
C SER B 594 15.75 6.10 8.35
N TYR B 595 17.06 6.29 8.28
CA TYR B 595 17.93 5.52 9.16
C TYR B 595 17.51 5.74 10.61
N GLY B 596 17.08 6.96 10.90
CA GLY B 596 16.67 7.32 12.24
C GLY B 596 15.38 6.62 12.63
N GLY B 597 14.67 6.14 11.61
CA GLY B 597 13.47 5.35 11.81
C GLY B 597 13.84 3.93 12.18
N TYR B 598 14.84 3.38 11.49
CA TYR B 598 15.34 2.05 11.80
C TYR B 598 15.84 2.00 13.23
N VAL B 599 16.64 2.97 13.58
CA VAL B 599 17.20 3.02 14.92
C VAL B 599 16.09 3.20 15.97
N THR B 600 15.11 4.05 15.66
CA THR B 600 14.06 4.31 16.62
C THR B 600 13.30 3.01 16.90
N SER B 601 13.13 2.21 15.85
CA SER B 601 12.43 0.95 15.94
C SER B 601 13.23 -0.09 16.73
N MET B 602 14.51 -0.22 16.40
CA MET B 602 15.39 -1.15 17.12
C MET B 602 15.51 -0.82 18.60
N VAL B 603 15.48 0.46 18.93
CA VAL B 603 15.49 0.90 20.32
C VAL B 603 14.17 0.58 21.01
N LEU B 604 13.07 0.88 20.32
CA LEU B 604 11.75 0.66 20.88
C LEU B 604 11.50 -0.81 21.14
N GLY B 605 12.22 -1.68 20.44
CA GLY B 605 12.05 -3.10 20.56
C GLY B 605 13.21 -3.74 21.30
N SER B 606 13.98 -2.94 22.03
CA SER B 606 15.11 -3.45 22.80
C SER B 606 14.67 -4.00 24.15
N GLY B 607 13.57 -3.47 24.68
CA GLY B 607 13.08 -3.87 25.98
C GLY B 607 13.80 -3.16 27.11
N SER B 608 14.51 -2.09 26.77
CA SER B 608 15.32 -1.35 27.74
C SER B 608 14.44 -0.68 28.79
N GLY B 609 13.20 -0.41 28.43
CA GLY B 609 12.25 0.19 29.35
C GLY B 609 12.47 1.67 29.50
N VAL B 610 13.51 2.17 28.85
CA VAL B 610 13.88 3.58 28.98
C VAL B 610 12.88 4.54 28.33
N PHE B 611 12.28 4.10 27.22
CA PHE B 611 11.39 4.96 26.43
C PHE B 611 9.91 4.60 26.54
N LYS B 612 9.09 5.61 26.85
CA LYS B 612 7.66 5.46 26.93
C LYS B 612 7.01 5.23 25.57
N CYS B 613 7.55 5.89 24.55
CA CYS B 613 6.97 5.83 23.20
C CYS B 613 7.97 6.34 22.18
N GLY B 614 7.68 6.08 20.90
CA GLY B 614 8.48 6.58 19.81
C GLY B 614 7.77 6.61 18.47
N ILE B 615 8.31 7.39 17.53
CA ILE B 615 7.79 7.45 16.16
C ILE B 615 8.91 7.08 15.21
N ALA B 616 8.58 6.31 14.18
CA ALA B 616 9.53 5.92 13.16
C ALA B 616 8.92 6.28 11.80
N VAL B 617 9.60 7.11 11.03
CA VAL B 617 9.08 7.54 9.74
C VAL B 617 9.90 6.94 8.60
N ALA B 618 9.20 6.42 7.60
CA ALA B 618 9.81 5.58 6.57
C ALA B 618 11.11 4.91 7.01
N PRO B 619 11.04 4.00 7.99
CA PRO B 619 12.25 3.33 8.47
C PRO B 619 12.66 2.17 7.58
N VAL B 620 13.94 1.82 7.59
CA VAL B 620 14.36 0.50 7.14
C VAL B 620 14.01 -0.55 8.23
N SER B 621 13.65 -1.77 7.83
CA SER B 621 13.32 -2.81 8.83
C SER B 621 14.22 -4.02 8.68
N ARG B 622 14.66 -4.28 7.47
CA ARG B 622 15.49 -5.43 7.20
C ARG B 622 16.48 -4.96 6.12
N TRP B 623 17.76 -5.21 6.33
CA TRP B 623 18.78 -4.68 5.43
C TRP B 623 18.76 -5.26 4.02
N GLU B 624 18.17 -6.44 3.86
CA GLU B 624 18.00 -7.02 2.53
C GLU B 624 16.99 -6.25 1.69
N TYR B 625 16.21 -5.39 2.34
CA TYR B 625 15.21 -4.58 1.64
C TYR B 625 15.79 -3.31 1.03
N TYR B 626 16.94 -2.86 1.53
CA TYR B 626 17.54 -1.61 1.02
C TYR B 626 18.51 -1.83 -0.15
N ASP B 627 19.05 -0.74 -0.68
CA ASP B 627 19.79 -0.82 -1.93
C ASP B 627 21.19 -1.35 -1.72
N SER B 628 21.75 -1.96 -2.76
CA SER B 628 23.04 -2.63 -2.67
C SER B 628 24.20 -1.70 -2.34
N VAL B 629 24.30 -0.56 -3.01
CA VAL B 629 25.48 0.29 -2.85
C VAL B 629 25.62 0.77 -1.41
N TYR B 630 24.49 1.15 -0.82
CA TYR B 630 24.51 1.71 0.52
C TYR B 630 24.63 0.62 1.57
N THR B 631 23.82 -0.43 1.44
CA THR B 631 23.82 -1.49 2.44
C THR B 631 25.14 -2.26 2.44
N GLU B 632 25.57 -2.72 1.26
CA GLU B 632 26.78 -3.53 1.19
C GLU B 632 28.01 -2.72 1.62
N ARG B 633 27.90 -1.40 1.61
CA ARG B 633 29.03 -0.59 2.02
C ARG B 633 29.36 -0.88 3.48
N TYR B 634 28.32 -1.01 4.32
CA TYR B 634 28.52 -1.26 5.75
C TYR B 634 28.30 -2.71 6.16
N MET B 635 27.56 -3.47 5.35
CA MET B 635 27.15 -4.79 5.80
C MET B 635 27.83 -5.94 5.05
N GLY B 636 28.47 -5.62 3.94
CA GLY B 636 28.96 -6.68 3.06
C GLY B 636 27.77 -7.34 2.38
N LEU B 637 27.95 -8.58 1.95
CA LEU B 637 26.89 -9.29 1.24
C LEU B 637 26.11 -10.17 2.20
N PRO B 638 24.81 -10.37 1.90
CA PRO B 638 23.90 -11.23 2.64
C PRO B 638 24.00 -12.66 2.12
N THR B 639 25.21 -13.19 2.10
CA THR B 639 25.44 -14.58 1.73
C THR B 639 25.96 -15.31 2.97
N PRO B 640 25.82 -16.64 2.99
CA PRO B 640 26.36 -17.48 4.07
C PRO B 640 27.87 -17.32 4.18
N GLU B 641 28.52 -17.22 3.02
CA GLU B 641 29.96 -16.93 2.95
C GLU B 641 30.32 -15.64 3.70
N ASP B 642 29.54 -14.58 3.46
CA ASP B 642 29.87 -13.25 3.96
C ASP B 642 29.16 -12.90 5.27
N ASN B 643 28.17 -12.02 5.21
CA ASN B 643 27.59 -11.49 6.45
C ASN B 643 26.11 -11.84 6.69
N LEU B 644 25.63 -12.94 6.11
CA LEU B 644 24.22 -13.30 6.25
C LEU B 644 23.67 -13.31 7.69
N ASP B 645 24.40 -13.91 8.61
CA ASP B 645 23.94 -13.97 10.00
C ASP B 645 23.55 -12.63 10.60
N HIS B 646 24.39 -11.61 10.42
CA HIS B 646 24.06 -10.34 11.02
C HIS B 646 22.95 -9.63 10.24
N TYR B 647 22.86 -9.90 8.95
CA TYR B 647 21.73 -9.37 8.19
C TYR B 647 20.44 -9.85 8.87
N ARG B 648 20.41 -11.13 9.22
CA ARG B 648 19.20 -11.69 9.86
C ARG B 648 19.03 -11.36 11.35
N ASN B 649 20.11 -11.00 12.02
CA ASN B 649 20.06 -10.70 13.45
C ASN B 649 19.75 -9.21 13.68
N SER B 650 19.66 -8.44 12.60
CA SER B 650 19.55 -6.99 12.71
C SER B 650 18.21 -6.40 12.22
N THR B 651 17.23 -7.27 12.04
CA THR B 651 15.91 -6.85 11.56
C THR B 651 15.05 -6.30 12.69
N VAL B 652 14.13 -5.40 12.35
CA VAL B 652 13.16 -4.88 13.31
C VAL B 652 12.13 -5.95 13.66
N MET B 653 11.68 -6.70 12.65
CA MET B 653 10.65 -7.71 12.82
C MET B 653 10.94 -8.68 13.96
N SER B 654 12.21 -9.04 14.13
CA SER B 654 12.60 -10.02 15.15
C SER B 654 12.42 -9.50 16.58
N ARG B 655 12.07 -8.23 16.73
CA ARG B 655 11.92 -7.64 18.05
C ARG B 655 10.45 -7.33 18.41
N ALA B 656 9.52 -7.72 17.53
CA ALA B 656 8.11 -7.37 17.70
C ALA B 656 7.53 -7.49 19.13
N GLU B 657 7.84 -8.60 19.82
CA GLU B 657 7.30 -8.86 21.17
C GLU B 657 7.50 -7.71 22.16
N ASN B 658 8.70 -7.13 22.17
CA ASN B 658 9.03 -6.10 23.13
C ASN B 658 8.27 -4.82 22.91
N PHE B 659 7.62 -4.69 21.75
CA PHE B 659 6.86 -3.49 21.44
C PHE B 659 5.60 -3.43 22.29
N LYS B 660 5.30 -4.55 22.96
CA LYS B 660 4.20 -4.60 23.91
C LYS B 660 4.50 -3.60 25.01
N GLN B 661 5.77 -3.31 25.19
CA GLN B 661 6.20 -2.42 26.27
C GLN B 661 6.13 -0.93 25.93
N VAL B 662 5.71 -0.59 24.71
CA VAL B 662 5.76 0.82 24.28
C VAL B 662 4.60 1.26 23.40
N GLU B 663 4.43 2.58 23.30
CA GLU B 663 3.50 3.18 22.35
C GLU B 663 4.27 3.52 21.08
N TYR B 664 3.94 2.85 19.99
CA TYR B 664 4.65 3.01 18.73
C TYR B 664 3.78 3.64 17.64
N LEU B 665 4.33 4.60 16.91
CA LEU B 665 3.67 5.18 15.73
C LEU B 665 4.54 4.97 14.49
N LEU B 666 3.96 4.38 13.46
CA LEU B 666 4.71 3.95 12.31
C LEU B 666 4.16 4.60 11.07
N ILE B 667 5.01 5.36 10.38
CA ILE B 667 4.55 6.23 9.29
C ILE B 667 5.37 6.01 8.03
N HIS B 668 4.71 5.96 6.87
CA HIS B 668 5.40 5.63 5.63
C HIS B 668 4.60 6.06 4.40
N GLY B 669 5.27 6.70 3.43
CA GLY B 669 4.59 7.12 2.23
C GLY B 669 4.47 5.96 1.28
N THR B 670 3.32 5.79 0.62
CA THR B 670 3.12 4.58 -0.19
C THR B 670 3.94 4.60 -1.49
N ALA B 671 4.34 5.80 -1.90
CA ALA B 671 5.09 5.88 -3.15
C ALA B 671 6.60 6.02 -2.93
N ASP B 672 7.04 5.66 -1.74
CA ASP B 672 8.46 5.67 -1.41
C ASP B 672 9.27 4.76 -2.33
N ASP B 673 10.01 5.37 -3.25
CA ASP B 673 10.82 4.66 -4.22
C ASP B 673 12.16 4.30 -3.61
N ASN B 674 12.43 4.84 -2.42
CA ASN B 674 13.76 4.72 -1.80
C ASN B 674 13.82 3.67 -0.67
N VAL B 675 13.13 3.94 0.43
CA VAL B 675 12.94 2.93 1.46
C VAL B 675 11.53 2.45 1.26
N HIS B 676 11.41 1.35 0.55
CA HIS B 676 10.11 0.90 0.09
C HIS B 676 9.09 0.75 1.20
N PHE B 677 7.83 0.98 0.86
CA PHE B 677 6.74 0.79 1.81
C PHE B 677 6.79 -0.64 2.37
N GLN B 678 7.16 -1.58 1.52
CA GLN B 678 7.45 -2.94 1.94
C GLN B 678 8.04 -2.99 3.33
N GLN B 679 9.12 -2.26 3.53
CA GLN B 679 9.83 -2.27 4.81
C GLN B 679 8.91 -2.08 6.00
N SER B 680 8.13 -1.00 6.02
CA SER B 680 7.09 -0.82 7.04
C SER B 680 5.95 -1.87 6.97
N ALA B 681 5.61 -2.34 5.78
CA ALA B 681 4.59 -3.33 5.65
C ALA B 681 4.99 -4.61 6.41
N GLN B 682 6.28 -4.94 6.35
CA GLN B 682 6.80 -6.10 7.06
C GLN B 682 6.89 -5.84 8.58
N ILE B 683 7.09 -4.60 9.00
CA ILE B 683 7.06 -4.33 10.44
C ILE B 683 5.68 -4.58 11.02
N SER B 684 4.67 -3.92 10.46
CA SER B 684 3.31 -4.00 11.00
C SER B 684 2.80 -5.44 11.04
N LYS B 685 3.13 -6.22 10.00
CA LYS B 685 2.71 -7.61 9.97
C LYS B 685 3.30 -8.37 11.17
N ALA B 686 4.60 -8.23 11.42
CA ALA B 686 5.24 -8.88 12.56
C ALA B 686 4.60 -8.43 13.88
N LEU B 687 4.14 -7.19 13.92
CA LEU B 687 3.49 -6.67 15.12
C LEU B 687 2.10 -7.27 15.31
N VAL B 688 1.40 -7.51 14.20
CA VAL B 688 0.05 -8.06 14.25
C VAL B 688 0.12 -9.55 14.58
N ASP B 689 1.14 -10.21 14.06
CA ASP B 689 1.35 -11.64 14.27
C ASP B 689 1.54 -12.00 15.75
N VAL B 690 1.93 -11.04 16.57
CA VAL B 690 2.24 -11.34 17.96
C VAL B 690 1.36 -10.56 18.96
N GLY B 691 0.24 -10.04 18.48
CA GLY B 691 -0.69 -9.35 19.35
C GLY B 691 -0.24 -8.00 19.87
N VAL B 692 0.67 -7.32 19.17
CA VAL B 692 1.12 -6.00 19.63
C VAL B 692 0.27 -4.88 19.05
N ASP B 693 -0.32 -4.06 19.91
CA ASP B 693 -1.10 -2.95 19.41
C ASP B 693 -0.17 -1.76 19.15
N PHE B 694 -0.44 -1.02 18.09
CA PHE B 694 0.39 0.15 17.77
C PHE B 694 -0.41 1.11 16.91
N GLN B 695 0.18 2.26 16.60
CA GLN B 695 -0.45 3.24 15.72
C GLN B 695 0.25 3.25 14.36
N ALA B 696 -0.51 3.59 13.32
CA ALA B 696 0.06 3.61 11.98
C ALA B 696 -0.52 4.76 11.15
N MET B 697 0.22 5.18 10.12
CA MET B 697 -0.27 6.16 9.16
C MET B 697 0.50 6.04 7.86
N TRP B 698 -0.22 5.77 6.77
CA TRP B 698 0.37 5.70 5.45
C TRP B 698 0.08 7.01 4.75
N TYR B 699 0.95 7.42 3.84
CA TYR B 699 0.74 8.66 3.09
C TYR B 699 0.62 8.40 1.61
N THR B 700 -0.61 8.42 1.11
CA THR B 700 -0.89 8.05 -0.27
C THR B 700 -0.06 8.86 -1.27
N ASP B 701 0.74 8.16 -2.05
CA ASP B 701 1.54 8.75 -3.14
C ASP B 701 2.69 9.65 -2.70
N GLU B 702 2.95 9.72 -1.40
CA GLU B 702 4.12 10.45 -0.91
C GLU B 702 5.36 9.59 -1.05
N ASP B 703 6.52 10.20 -1.29
CA ASP B 703 7.74 9.42 -1.32
C ASP B 703 8.52 9.53 -0.01
N HIS B 704 9.77 9.11 0.00
CA HIS B 704 10.59 9.20 1.20
C HIS B 704 10.55 10.56 1.89
N GLY B 705 10.48 11.63 1.10
CA GLY B 705 10.51 12.98 1.65
C GLY B 705 9.24 13.39 2.39
N ILE B 706 8.14 12.67 2.16
CA ILE B 706 6.80 13.11 2.55
C ILE B 706 6.71 14.65 2.60
N ALA B 707 7.06 15.27 1.48
CA ALA B 707 7.33 16.70 1.46
C ALA B 707 6.32 17.54 0.69
N SER B 708 5.33 16.93 0.05
CA SER B 708 4.31 17.74 -0.56
C SER B 708 3.73 18.58 0.56
N SER B 709 3.43 19.83 0.24
CA SER B 709 3.02 20.83 1.21
C SER B 709 1.96 20.34 2.19
N THR B 710 0.90 19.75 1.65
CA THR B 710 -0.17 19.23 2.51
C THR B 710 0.25 18.02 3.37
N ALA B 711 0.97 17.08 2.79
CA ALA B 711 1.38 15.90 3.55
C ALA B 711 2.35 16.30 4.66
N HIS B 712 3.27 17.21 4.30
CA HIS B 712 4.24 17.74 5.25
C HIS B 712 3.51 18.34 6.44
N GLN B 713 2.56 19.22 6.16
CA GLN B 713 1.70 19.76 7.21
C GLN B 713 0.99 18.66 8.00
N HIS B 714 0.54 17.61 7.28
CA HIS B 714 -0.22 16.54 7.91
C HIS B 714 0.62 15.65 8.83
N ILE B 715 1.77 15.19 8.36
CA ILE B 715 2.57 14.29 9.18
C ILE B 715 3.03 14.96 10.48
N TYR B 716 3.41 16.23 10.42
CA TYR B 716 3.84 16.89 11.66
C TYR B 716 2.66 17.21 12.59
N THR B 717 1.48 17.39 12.02
CA THR B 717 0.32 17.62 12.87
C THR B 717 -0.04 16.32 13.62
N HIS B 718 0.02 15.20 12.90
CA HIS B 718 -0.28 13.89 13.48
C HIS B 718 0.73 13.55 14.56
N MET B 719 2.01 13.64 14.21
CA MET B 719 3.11 13.37 15.13
C MET B 719 3.05 14.24 16.40
N SER B 720 2.73 15.51 16.24
CA SER B 720 2.60 16.39 17.39
C SER B 720 1.49 15.94 18.34
N HIS B 721 0.36 15.51 17.79
CA HIS B 721 -0.70 14.96 18.64
C HIS B 721 -0.21 13.74 19.39
N PHE B 722 0.47 12.85 18.68
CA PHE B 722 0.97 11.65 19.30
C PHE B 722 1.88 12.00 20.48
N ILE B 723 2.90 12.83 20.22
CA ILE B 723 3.86 13.21 21.25
C ILE B 723 3.19 13.91 22.45
N LYS B 724 2.37 14.93 22.19
CA LYS B 724 1.60 15.57 23.27
C LYS B 724 0.83 14.53 24.10
N GLN B 725 0.09 13.66 23.42
CA GLN B 725 -0.62 12.59 24.10
C GLN B 725 0.32 11.78 25.00
N CYS B 726 1.41 11.27 24.43
CA CYS B 726 2.35 10.44 25.19
C CYS B 726 2.94 11.13 26.44
N PHE B 727 3.07 12.46 26.40
CA PHE B 727 3.61 13.22 27.54
C PHE B 727 2.54 13.90 28.38
N SER B 728 1.27 13.54 28.16
CA SER B 728 0.16 14.07 28.96
C SER B 728 0.07 15.58 28.92
N LEU B 729 0.68 16.20 27.92
CA LEU B 729 0.66 17.65 27.76
C LEU B 729 -0.69 18.12 27.21
N PRO B 730 -1.29 19.14 27.88
CA PRO B 730 -2.61 19.68 27.52
C PRO B 730 -2.77 19.95 26.01
C1 NAG C . -11.51 -14.22 -26.52
C2 NAG C . -11.40 -15.09 -27.77
C3 NAG C . -10.40 -14.53 -28.77
C4 NAG C . -10.54 -13.03 -28.97
C5 NAG C . -10.57 -12.35 -27.61
C6 NAG C . -10.68 -10.85 -27.68
C7 NAG C . -11.85 -17.45 -27.43
C8 NAG C . -11.26 -18.82 -27.52
N2 NAG C . -10.99 -16.44 -27.42
O3 NAG C . -10.55 -15.22 -29.99
O4 NAG C . -9.43 -12.55 -29.72
O5 NAG C . -11.67 -12.86 -26.88
O6 NAG C . -11.76 -10.51 -28.53
O7 NAG C . -13.06 -17.30 -27.35
C1 NAG C . -9.84 -11.98 -30.98
C2 NAG C . -8.77 -10.99 -31.48
C3 NAG C . -8.89 -10.64 -32.96
C4 NAG C . -9.17 -11.87 -33.81
C5 NAG C . -10.43 -12.52 -33.24
C6 NAG C . -10.93 -13.66 -34.12
C7 NAG C . -8.02 -9.62 -29.61
C8 NAG C . -8.30 -8.40 -28.75
N2 NAG C . -8.77 -9.75 -30.71
O3 NAG C . -7.72 -10.00 -33.39
O4 NAG C . -9.31 -11.52 -35.17
O5 NAG C . -10.14 -12.99 -31.95
O6 NAG C . -10.09 -14.79 -33.99
O7 NAG C . -7.16 -10.43 -29.28
C1 NAG D . 23.45 -4.94 -21.47
C2 NAG D . 23.97 -5.10 -22.90
C3 NAG D . 23.46 -6.38 -23.57
C4 NAG D . 23.59 -7.58 -22.64
C5 NAG D . 23.05 -7.22 -21.27
C6 NAG D . 23.15 -8.38 -20.29
C7 NAG D . 24.60 -3.02 -23.95
C8 NAG D . 24.25 -1.90 -24.89
N2 NAG D . 23.65 -3.92 -23.69
O3 NAG D . 24.18 -6.59 -24.76
O4 NAG D . 22.84 -8.67 -23.15
O5 NAG D . 23.78 -6.12 -20.77
O6 NAG D . 24.52 -8.71 -20.17
O7 NAG D . 25.74 -3.06 -23.46
C1 NAG D . 23.62 -9.77 -23.68
C2 NAG D . 22.63 -10.90 -24.00
C3 NAG D . 23.15 -12.03 -24.89
C4 NAG D . 24.59 -11.79 -25.32
C5 NAG D . 24.84 -10.34 -25.75
C6 NAG D . 24.14 -10.05 -27.09
C7 NAG D . 21.11 -10.92 -22.13
C8 NAG D . 20.89 -11.33 -20.70
N2 NAG D . 22.15 -11.46 -22.75
O3 NAG D . 22.31 -12.16 -26.02
O4 NAG D . 25.48 -12.14 -24.28
O5 NAG D . 24.41 -9.37 -24.80
O6 NAG D . 23.43 -8.83 -26.99
O7 NAG D . 20.36 -10.13 -22.69
C1 NAG E . -31.11 -48.69 11.11
C2 NAG E . -29.94 -48.99 10.18
C3 NAG E . -30.37 -49.89 9.03
C4 NAG E . -31.01 -51.15 9.59
C5 NAG E . -32.14 -50.77 10.55
C6 NAG E . -32.69 -52.03 11.20
C7 NAG E . -28.28 -47.19 10.04
C8 NAG E . -27.96 -45.92 9.31
N2 NAG E . -29.45 -47.73 9.68
O3 NAG E . -29.25 -50.25 8.25
O4 NAG E . -31.51 -51.99 8.56
O5 NAG E . -31.66 -49.92 11.57
O6 NAG E . -31.72 -52.47 12.13
O7 NAG E . -27.53 -47.65 10.90
C1 NAG F . 1.16 -33.83 -6.56
C2 NAG F . 1.35 -35.14 -7.32
C3 NAG F . 2.29 -36.10 -6.60
C4 NAG F . 3.55 -35.41 -6.16
C5 NAG F . 3.21 -34.12 -5.40
C6 NAG F . 4.46 -33.38 -4.90
C7 NAG F . -0.39 -36.03 -8.73
C8 NAG F . -1.64 -36.85 -8.82
N2 NAG F . 0.06 -35.77 -7.50
O3 NAG F . 2.62 -37.18 -7.46
O4 NAG F . 4.29 -36.28 -5.32
O5 NAG F . 2.42 -33.28 -6.22
O6 NAG F . 5.60 -33.76 -5.63
O7 NAG F . 0.19 -35.61 -9.75
C1 NAG G . -30.28 -39.48 -19.68
C2 NAG G . -30.16 -40.96 -20.12
C3 NAG G . -29.91 -41.18 -21.61
C4 NAG G . -30.66 -40.21 -22.50
C5 NAG G . -30.63 -38.78 -21.96
C6 NAG G . -31.57 -37.88 -22.74
C7 NAG G . -29.30 -42.83 -18.83
C8 NAG G . -28.29 -43.23 -17.79
N2 NAG G . -29.09 -41.65 -19.40
O3 NAG G . -30.32 -42.50 -21.92
O4 NAG G . -30.08 -40.24 -23.79
O5 NAG G . -31.04 -38.73 -20.61
O6 NAG G . -31.54 -38.21 -24.12
O7 NAG G . -30.25 -43.58 -19.13
C1 NAG H . -7.66 -31.92 -29.81
C2 NAG H . -6.95 -32.66 -30.93
C3 NAG H . -5.48 -32.28 -30.92
C4 NAG H . -5.33 -30.77 -30.94
C5 NAG H . -6.26 -30.06 -29.97
C6 NAG H . -6.27 -28.55 -30.20
C7 NAG H . -7.50 -34.84 -31.86
C8 NAG H . -7.13 -36.30 -31.80
N2 NAG H . -7.14 -34.10 -30.81
O3 NAG H . -4.80 -32.87 -32.01
O4 NAG H . -4.00 -30.47 -30.61
O5 NAG H . -7.58 -30.54 -30.09
O6 NAG H . -6.96 -28.24 -31.40
O7 NAG H . -8.09 -34.37 -32.84
C1 NAG I . -39.60 11.99 4.70
C2 NAG I . -38.19 11.54 4.36
C3 NAG I . -37.25 12.74 4.39
C4 NAG I . -37.80 13.86 3.50
C5 NAG I . -39.24 14.19 3.85
C6 NAG I . -39.83 15.17 2.83
C7 NAG I . -37.99 9.20 5.03
C8 NAG I . -37.44 8.23 6.04
N2 NAG I . -37.77 10.50 5.27
O3 NAG I . -35.96 12.39 3.95
O4 NAG I . -36.99 15.02 3.62
O5 NAG I . -40.03 13.01 3.84
O6 NAG I . -40.65 16.10 3.51
O7 NAG I . -38.61 8.79 4.04
C01 LGE J . -21.32 -5.55 -1.05
C02 LGE J . -21.01 -4.20 -1.22
C03 LGE J . -18.62 -4.71 -1.22
C04 LGE J . -20.27 -6.46 -0.98
C05 LGE J . -20.58 -7.90 -0.79
C06 LGE J . -20.54 -8.41 0.50
C07 LGE J . -20.84 -8.78 -1.82
C08 LGE J . -19.66 -3.82 -1.30
C09 LGE J . -18.95 -6.02 -1.05
C10 LGE J . -20.80 -9.77 0.68
C11 LGE J . -21.10 -10.13 -1.53
C12 LGE J . -20.70 -10.09 2.12
C13 LGE J . -22.09 -8.39 4.59
C14 LGE J . -20.27 -7.74 1.81
C15 LGE J . -21.40 -11.13 -2.58
C16 LGE J . -23.56 -7.80 6.36
C17 LGE J . -20.91 -8.30 -3.24
C18 LGE J . -20.65 -8.65 4.15
N19 LGE J . -21.08 -10.66 -0.26
N20 LGE J . -20.52 -8.83 2.73
N21 LGE J . -19.58 -7.92 -3.64
O22 LGE J . -20.74 -11.15 2.71
O23 LGE J . -23.06 -8.41 3.87
O24 LGE J . -22.21 -8.05 5.90
CL25 LGE J . -19.25 -2.19 -1.50
CL26 LGE J . -17.66 -7.12 -0.95
C1 NAG K . 31.70 48.06 -11.59
C2 NAG K . 31.13 47.51 -12.89
C3 NAG K . 32.16 47.54 -14.01
C4 NAG K . 32.74 48.95 -14.13
C5 NAG K . 33.26 49.44 -12.77
C6 NAG K . 33.69 50.90 -12.87
C7 NAG K . 29.53 45.71 -12.76
C8 NAG K . 29.29 44.28 -12.38
N2 NAG K . 30.78 46.13 -12.65
O3 NAG K . 31.55 47.17 -15.23
O4 NAG K . 33.79 48.93 -15.07
O5 NAG K . 32.28 49.33 -11.75
O6 NAG K . 32.76 51.59 -13.68
O7 NAG K . 28.60 46.42 -13.14
C1 NAG L . 11.18 43.22 -10.87
C2 NAG L . 10.31 42.95 -9.64
C3 NAG L . 9.78 44.26 -9.08
C4 NAG L . 10.98 45.11 -8.69
C5 NAG L . 11.83 45.37 -9.93
C6 NAG L . 13.06 46.17 -9.51
C7 NAG L . 9.20 40.77 -9.50
C8 NAG L . 9.61 40.51 -8.08
N2 NAG L . 9.22 42.03 -9.94
O3 NAG L . 8.96 44.05 -7.95
O4 NAG L . 10.59 46.34 -8.12
O5 NAG L . 12.20 44.15 -10.56
O6 NAG L . 13.79 46.54 -10.66
O7 NAG L . 8.84 39.82 -10.22
C1 NAG M . 6.97 20.31 -26.94
C2 NAG M . 7.42 20.82 -28.31
C3 NAG M . 6.76 22.14 -28.73
C4 NAG M . 5.38 22.44 -28.09
C5 NAG M . 5.02 21.58 -26.89
C6 NAG M . 3.51 21.47 -26.76
C7 NAG M . 9.67 20.36 -29.20
C8 NAG M . 10.73 21.19 -29.89
N2 NAG M . 8.86 21.00 -28.35
O3 NAG M . 6.60 22.16 -30.14
O4 NAG M . 5.36 23.80 -27.69
O5 NAG M . 5.56 20.28 -27.03
O6 NAG M . 3.16 20.37 -25.95
O7 NAG M . 9.60 19.15 -29.44
C1 NAG N . 41.37 21.89 -26.38
C2 NAG N . 41.79 22.63 -27.66
C3 NAG N . 41.90 21.66 -28.84
C4 NAG N . 42.69 20.39 -28.48
C5 NAG N . 42.23 19.80 -27.15
C6 NAG N . 43.15 18.66 -26.72
C7 NAG N . 41.04 24.98 -27.58
C8 NAG N . 39.83 25.65 -26.98
N2 NAG N . 40.89 23.72 -27.99
O3 NAG N . 42.55 22.33 -29.91
O4 NAG N . 42.54 19.42 -29.51
O5 NAG N . 42.20 20.77 -26.11
O6 NAG N . 44.50 19.08 -26.74
O7 NAG N . 42.10 25.60 -27.68
C1 NAG O . 31.76 0.79 27.05
C2 NAG O . 30.74 0.65 25.92
C3 NAG O . 29.65 -0.37 26.29
C4 NAG O . 30.26 -1.66 26.83
C5 NAG O . 31.29 -1.36 27.93
C6 NAG O . 31.97 -2.63 28.40
C7 NAG O . 30.63 2.77 24.65
C8 NAG O . 29.74 3.92 24.26
N2 NAG O . 30.17 1.96 25.61
O3 NAG O . 28.84 -0.69 25.17
O4 NAG O . 29.22 -2.47 27.34
O5 NAG O . 32.28 -0.46 27.46
O6 NAG O . 32.41 -3.34 27.27
O7 NAG O . 31.71 2.62 24.08
C01 LGE P . 20.53 6.89 4.28
C02 LGE P . 20.10 5.76 4.93
C03 LGE P . 17.95 5.83 3.76
C04 LGE P . 19.67 7.52 3.36
C05 LGE P . 20.10 8.75 2.68
C06 LGE P . 19.64 9.96 3.14
C07 LGE P . 20.95 8.76 1.56
C08 LGE P . 18.83 5.25 4.65
C09 LGE P . 18.40 6.97 3.12
C10 LGE P . 20.03 11.12 2.48
C11 LGE P . 21.28 10.00 0.98
C12 LGE P . 19.41 12.30 3.16
C13 LGE P . 19.27 12.77 6.50
C14 LGE P . 18.72 10.28 4.29
C15 LGE P . 22.17 10.11 -0.20
C16 LGE P . 19.86 13.98 8.43
C17 LGE P . 21.50 7.49 0.99
C18 LGE P . 18.26 12.57 5.36
N19 LGE P . 20.83 11.20 1.43
N20 LGE P . 18.77 11.74 4.28
N21 LGE P . 20.37 6.70 0.44
O22 LGE P . 19.44 13.48 2.85
O23 LGE P . 20.32 12.15 6.63
O24 LGE P . 18.88 13.65 7.45
CL25 LGE P . 18.31 3.84 5.46
CL26 LGE P . 17.34 7.73 2.02
#